data_5WAC
#
_entry.id   5WAC
#
_cell.length_a   88.352
_cell.length_b   80.674
_cell.length_c   104.980
_cell.angle_alpha   90.00
_cell.angle_beta   113.42
_cell.angle_gamma   90.00
#
_symmetry.space_group_name_H-M   'P 1 21 1'
#
loop_
_entity.id
_entity.type
_entity.pdbx_description
1 polymer Beta-lactamase
2 non-polymer 'phosphonooxy-[[[4-(1~{H}-1,2,3,4-tetrazol-5-yl)phenyl]sulfonylamino]methyl]borinic acid'
3 water water
#
_entity_poly.entity_id   1
_entity_poly.type   'polypeptide(L)'
_entity_poly.pdbx_seq_one_letter_code
;MDNTPKDQEIKKLVDQNFKPLLEKYDVPGMAVGVIQNNKKYEMYYGLQSVQDKKAVNSNTIFELGSVSKLFTATAGGYAK
NKGKISFDDTPGKYWKELKNTPIDQVNLLQLATYTSGNLALQFPDEVQTDQQVLTFFKDWKPKNPIGEYRQYSNPSIGLF
GKVVALSMNKPFDQVLEKTIFPALGLKHSYVNVPKTQMQNYAFGYNQENQPIRVNPGPLDAPAYGVKSTLPDMLSFIHAN
LNPQKYPTDIQRAINETHQGRYQVNTMYQALGWEEFSYPATLQTLLDSNSEQIVMKPNKVTAISKEPSVKMYHKTGSTSG
FGTYVVFIPKENIGLVMLTNKRIPNEERIKAAYVVLNAIKK
;
_entity_poly.pdbx_strand_id   A,B,C,D
#
loop_
_chem_comp.id
_chem_comp.type
_chem_comp.name
_chem_comp.formula
A1M non-polymer 'phosphonooxy-[[[4-(1~{H}-1,2,3,4-tetrazol-5-yl)phenyl]sulfonylamino]methyl]borinic acid' 'C8 H11 B N5 O7 P S'
#
# COMPACT_ATOMS: atom_id res chain seq x y z
N LYS A 6 -0.16 -7.70 -14.42
CA LYS A 6 -0.36 -6.28 -13.95
C LYS A 6 0.39 -5.27 -14.85
N ASP A 7 1.53 -5.68 -15.42
CA ASP A 7 2.17 -4.94 -16.55
C ASP A 7 1.16 -4.81 -17.72
N GLN A 8 0.41 -5.88 -17.95
CA GLN A 8 -0.60 -5.94 -19.02
C GLN A 8 -1.78 -5.00 -18.80
N GLU A 9 -2.01 -4.57 -17.56
CA GLU A 9 -3.01 -3.54 -17.25
C GLU A 9 -2.64 -2.07 -17.61
N ILE A 10 -1.38 -1.75 -17.80
CA ILE A 10 -1.06 -0.34 -18.07
C ILE A 10 -1.75 0.16 -19.32
N LYS A 11 -1.66 -0.62 -20.39
CA LYS A 11 -2.37 -0.32 -21.63
C LYS A 11 -3.88 -0.17 -21.40
N LYS A 12 -4.50 -1.10 -20.66
CA LYS A 12 -5.95 -1.04 -20.46
C LYS A 12 -6.34 0.21 -19.65
N LEU A 13 -5.59 0.50 -18.60
CA LEU A 13 -5.83 1.75 -17.83
C LEU A 13 -5.77 3.02 -18.71
N VAL A 14 -4.74 3.12 -19.53
CA VAL A 14 -4.62 4.30 -20.40
C VAL A 14 -5.78 4.37 -21.39
N ASP A 15 -6.17 3.23 -21.98
CA ASP A 15 -7.37 3.20 -22.82
C ASP A 15 -8.64 3.61 -22.05
N GLN A 16 -8.83 3.15 -20.80
CA GLN A 16 -10.02 3.55 -20.01
C GLN A 16 -10.09 5.03 -19.69
N ASN A 17 -8.96 5.64 -19.41
CA ASN A 17 -8.93 7.02 -18.88
C ASN A 17 -8.53 8.14 -19.86
N PHE A 18 -7.64 7.81 -20.80
CA PHE A 18 -7.17 8.84 -21.74
C PHE A 18 -7.92 8.80 -23.10
N LYS A 19 -8.17 7.60 -23.61
CA LYS A 19 -8.83 7.43 -24.89
C LYS A 19 -10.19 8.14 -25.06
N PRO A 20 -11.09 8.06 -24.07
CA PRO A 20 -12.34 8.84 -24.19
C PRO A 20 -12.19 10.34 -24.35
N LEU A 21 -11.07 10.91 -23.94
CA LEU A 21 -10.89 12.35 -24.09
C LEU A 21 -10.80 12.77 -25.57
N LEU A 22 -10.28 11.91 -26.45
CA LEU A 22 -10.25 12.23 -27.89
C LEU A 22 -11.65 12.42 -28.49
N GLU A 23 -12.61 11.54 -28.19
CA GLU A 23 -13.99 11.82 -28.70
C GLU A 23 -14.62 13.01 -27.98
N LYS A 24 -14.53 13.02 -26.65
CA LYS A 24 -15.13 14.08 -25.86
C LYS A 24 -14.62 15.44 -26.27
N TYR A 25 -13.34 15.62 -26.54
CA TYR A 25 -12.85 16.98 -26.96
C TYR A 25 -12.49 17.12 -28.42
N ASP A 26 -12.90 16.15 -29.25
CA ASP A 26 -12.52 16.08 -30.70
C ASP A 26 -11.02 16.36 -30.92
N VAL A 27 -10.17 15.58 -30.24
CA VAL A 27 -8.70 15.77 -30.35
C VAL A 27 -8.17 14.88 -31.43
N PRO A 28 -7.31 15.40 -32.38
CA PRO A 28 -6.94 14.52 -33.44
C PRO A 28 -5.96 13.43 -33.03
N GLY A 29 -5.01 13.78 -32.16
CA GLY A 29 -3.84 12.93 -31.87
C GLY A 29 -3.40 13.03 -30.41
N MET A 30 -3.02 11.89 -29.85
CA MET A 30 -2.54 11.81 -28.47
C MET A 30 -1.43 10.77 -28.32
N ALA A 31 -0.45 11.10 -27.51
CA ALA A 31 0.56 10.17 -27.04
C ALA A 31 0.60 10.23 -25.52
N VAL A 32 0.41 9.08 -24.89
CA VAL A 32 0.48 8.91 -23.47
C VAL A 32 1.58 7.90 -23.17
N GLY A 33 2.51 8.29 -22.31
CA GLY A 33 3.57 7.44 -21.83
C GLY A 33 3.53 7.25 -20.35
N VAL A 34 3.83 6.04 -19.88
CA VAL A 34 3.98 5.77 -18.45
C VAL A 34 5.37 5.20 -18.32
N ILE A 35 6.05 5.51 -17.24
CA ILE A 35 7.27 4.84 -16.90
C ILE A 35 7.08 4.24 -15.52
N GLN A 36 7.54 3.01 -15.35
CA GLN A 36 7.40 2.30 -14.12
C GLN A 36 8.56 1.35 -13.91
N ASN A 37 9.26 1.52 -12.78
CA ASN A 37 10.41 0.68 -12.41
C ASN A 37 11.41 0.53 -13.55
N ASN A 38 11.71 1.67 -14.17
CA ASN A 38 12.60 1.78 -15.30
C ASN A 38 12.14 1.05 -16.57
N LYS A 39 10.86 0.68 -16.65
CA LYS A 39 10.25 0.16 -17.86
C LYS A 39 9.30 1.23 -18.46
N LYS A 40 9.41 1.46 -19.76
CA LYS A 40 8.61 2.45 -20.50
C LYS A 40 7.43 1.85 -21.28
N TYR A 41 6.28 2.53 -21.22
CA TYR A 41 5.08 2.14 -21.95
C TYR A 41 4.64 3.35 -22.79
N GLU A 42 4.50 3.16 -24.12
CA GLU A 42 4.08 4.23 -25.05
C GLU A 42 2.73 3.83 -25.64
N MET A 43 1.74 4.71 -25.48
CA MET A 43 0.40 4.53 -26.05
C MET A 43 0.19 5.67 -27.03
N TYR A 44 -0.07 5.35 -28.29
CA TYR A 44 -0.38 6.40 -29.29
C TYR A 44 -1.80 6.27 -29.82
N TYR A 45 -2.43 7.41 -30.00
CA TYR A 45 -3.79 7.55 -30.54
C TYR A 45 -3.92 8.56 -31.69
N GLY A 46 -4.68 8.18 -32.73
CA GLY A 46 -5.16 9.17 -33.67
C GLY A 46 -4.04 9.71 -34.56
N LEU A 47 -4.14 10.96 -34.95
CA LEU A 47 -3.33 11.48 -36.09
C LEU A 47 -2.56 12.67 -35.65
N GLN A 48 -1.33 12.75 -36.14
CA GLN A 48 -0.52 13.91 -35.95
C GLN A 48 -0.93 15.04 -36.90
N SER A 49 -1.53 14.66 -38.04
CA SER A 49 -2.01 15.58 -39.02
C SER A 49 -3.24 14.97 -39.66
N VAL A 50 -4.35 15.68 -39.50
CA VAL A 50 -5.64 15.29 -40.00
C VAL A 50 -5.64 15.30 -41.54
N GLN A 51 -5.23 16.41 -42.14
CA GLN A 51 -5.24 16.55 -43.61
C GLN A 51 -4.33 15.53 -44.29
N ASP A 52 -3.18 15.19 -43.69
CA ASP A 52 -2.28 14.15 -44.26
C ASP A 52 -2.60 12.71 -43.81
N LYS A 53 -3.62 12.47 -43.00
CA LYS A 53 -3.88 11.14 -42.43
C LYS A 53 -2.59 10.46 -41.94
N LYS A 54 -1.76 11.23 -41.24
CA LYS A 54 -0.53 10.69 -40.73
C LYS A 54 -0.68 10.36 -39.24
N ALA A 55 -0.29 9.15 -38.86
CA ALA A 55 -0.50 8.58 -37.53
C ALA A 55 0.36 9.23 -36.45
N VAL A 56 -0.14 9.28 -35.21
CA VAL A 56 0.77 9.62 -34.09
C VAL A 56 1.66 8.39 -33.84
N ASN A 57 2.94 8.61 -33.70
CA ASN A 57 3.89 7.54 -33.35
C ASN A 57 5.05 8.09 -32.56
N SER A 58 6.10 7.29 -32.37
CA SER A 58 7.20 7.69 -31.57
C SER A 58 8.08 8.76 -32.17
N ASN A 59 7.91 9.06 -33.47
CA ASN A 59 8.67 10.15 -34.09
C ASN A 59 7.89 11.46 -34.03
N THR A 60 6.62 11.40 -33.64
CA THR A 60 5.82 12.58 -33.68
C THR A 60 6.37 13.66 -32.69
N ILE A 61 6.56 14.85 -33.20
CA ILE A 61 6.98 16.01 -32.40
C ILE A 61 5.76 16.91 -32.02
N PHE A 62 5.63 17.16 -30.74
CA PHE A 62 4.59 17.99 -30.22
C PHE A 62 5.20 19.25 -29.59
N GLU A 63 4.45 20.35 -29.57
CA GLU A 63 4.82 21.53 -28.75
C GLU A 63 4.50 21.24 -27.29
N LEU A 64 5.46 21.55 -26.41
CA LEU A 64 5.30 21.30 -24.95
C LEU A 64 4.69 22.45 -24.19
N GLY A 65 4.63 23.63 -24.79
CA GLY A 65 4.19 24.81 -24.08
C GLY A 65 4.97 25.04 -22.79
N SER A 66 4.26 25.30 -21.71
CA SER A 66 4.94 25.66 -20.46
C SER A 66 5.71 24.52 -19.84
N VAL A 67 5.55 23.30 -20.33
CA VAL A 67 6.47 22.24 -19.90
C VAL A 67 7.90 22.56 -20.31
N SER A 68 8.07 23.35 -21.38
CA SER A 68 9.35 24.02 -21.67
C SER A 68 10.06 24.64 -20.45
N LYS A 69 9.29 25.25 -19.55
CA LYS A 69 9.89 25.86 -18.32
C LYS A 69 10.68 24.86 -17.48
N LEU A 70 10.41 23.56 -17.63
CA LEU A 70 11.14 22.53 -16.91
C LEU A 70 12.53 22.43 -17.46
N PHE A 71 12.69 22.65 -18.75
CA PHE A 71 14.00 22.62 -19.35
C PHE A 71 14.81 23.86 -18.99
N THR A 72 14.11 24.98 -18.88
CA THR A 72 14.73 26.23 -18.51
C THR A 72 15.24 26.13 -17.07
N ALA A 73 14.40 25.58 -16.18
CA ALA A 73 14.74 25.40 -14.81
C ALA A 73 15.96 24.49 -14.72
N THR A 74 15.97 23.44 -15.53
CA THR A 74 17.10 22.50 -15.58
C THR A 74 18.37 23.20 -16.05
N ALA A 75 18.23 24.09 -17.03
CA ALA A 75 19.38 24.81 -17.52
C ALA A 75 19.91 25.77 -16.42
N GLY A 76 18.99 26.34 -15.63
CA GLY A 76 19.33 27.17 -14.45
C GLY A 76 20.10 26.41 -13.37
N GLY A 77 19.61 25.19 -13.05
CA GLY A 77 20.25 24.29 -12.08
C GLY A 77 21.63 23.86 -12.54
N TYR A 78 21.78 23.68 -13.84
CA TYR A 78 23.04 23.22 -14.40
C TYR A 78 24.01 24.41 -14.27
N ALA A 79 23.56 25.60 -14.62
CA ALA A 79 24.44 26.80 -14.56
C ALA A 79 24.81 27.13 -13.09
N LYS A 80 23.88 26.99 -12.14
CA LYS A 80 24.21 27.18 -10.74
C LYS A 80 25.33 26.24 -10.29
N ASN A 81 25.20 24.97 -10.61
CA ASN A 81 26.16 24.01 -10.12
C ASN A 81 27.50 24.00 -10.89
N LYS A 82 27.56 24.50 -12.12
CA LYS A 82 28.85 24.85 -12.74
C LYS A 82 29.48 26.17 -12.20
N GLY A 83 28.88 26.81 -11.20
CA GLY A 83 29.34 28.11 -10.71
C GLY A 83 29.20 29.29 -11.67
N LYS A 84 28.31 29.20 -12.66
CA LYS A 84 28.15 30.31 -13.62
C LYS A 84 27.19 31.35 -13.08
N ILE A 85 26.24 30.94 -12.24
CA ILE A 85 25.34 31.88 -11.61
C ILE A 85 25.17 31.46 -10.20
N SER A 86 24.60 32.37 -9.42
CA SER A 86 24.10 32.13 -8.12
C SER A 86 22.62 32.57 -8.15
N PHE A 87 21.75 31.85 -7.45
CA PHE A 87 20.35 32.29 -7.33
C PHE A 87 20.11 33.54 -6.51
N ASP A 88 21.12 33.97 -5.76
CA ASP A 88 21.11 35.26 -5.07
C ASP A 88 21.52 36.42 -5.94
N ASP A 89 22.05 36.16 -7.15
CA ASP A 89 22.45 37.24 -8.06
C ASP A 89 21.21 37.93 -8.62
N THR A 90 21.43 39.04 -9.29
CA THR A 90 20.38 39.83 -9.89
C THR A 90 20.68 39.92 -11.39
N PRO A 91 19.67 40.24 -12.20
CA PRO A 91 19.89 40.04 -13.64
C PRO A 91 20.92 41.00 -14.25
N GLY A 92 21.07 42.18 -13.63
CA GLY A 92 21.99 43.22 -14.03
C GLY A 92 23.44 42.80 -14.04
N LYS A 93 23.76 41.81 -13.21
CA LYS A 93 25.09 41.20 -13.21
C LYS A 93 25.41 40.49 -14.53
N TYR A 94 24.38 40.01 -15.23
CA TYR A 94 24.59 39.30 -16.49
C TYR A 94 24.11 40.10 -17.68
N TRP A 95 22.99 40.79 -17.57
CA TRP A 95 22.55 41.67 -18.66
C TRP A 95 22.93 43.12 -18.28
N LYS A 96 24.18 43.50 -18.57
CA LYS A 96 24.76 44.82 -18.21
C LYS A 96 23.72 45.95 -18.19
N GLU A 97 23.01 46.06 -19.30
CA GLU A 97 22.03 47.09 -19.53
C GLU A 97 20.93 47.15 -18.48
N LEU A 98 20.78 46.14 -17.63
CA LEU A 98 19.79 46.22 -16.51
C LEU A 98 20.38 46.57 -15.12
N LYS A 99 21.70 46.67 -15.03
CA LYS A 99 22.39 47.12 -13.79
C LYS A 99 21.78 48.38 -13.19
N ASN A 100 21.65 48.42 -11.87
CA ASN A 100 21.16 49.58 -11.17
C ASN A 100 19.69 49.96 -11.47
N THR A 101 18.98 49.17 -12.30
CA THR A 101 17.56 49.44 -12.58
C THR A 101 16.74 48.77 -11.51
N PRO A 102 15.47 49.15 -11.38
CA PRO A 102 14.63 48.55 -10.33
C PRO A 102 14.49 47.02 -10.41
N ILE A 103 14.50 46.46 -11.62
CA ILE A 103 14.40 44.99 -11.87
C ILE A 103 15.65 44.25 -11.34
N ASP A 104 16.79 44.99 -11.28
CA ASP A 104 18.03 44.48 -10.68
C ASP A 104 18.07 44.37 -9.13
N GLN A 105 16.94 44.66 -8.48
CA GLN A 105 16.68 44.24 -7.10
C GLN A 105 15.97 42.87 -7.04
N VAL A 106 15.56 42.30 -8.15
CA VAL A 106 14.94 40.98 -8.11
C VAL A 106 16.05 39.95 -8.35
N ASN A 107 16.16 38.94 -7.48
CA ASN A 107 17.22 37.94 -7.71
C ASN A 107 16.70 36.84 -8.68
N LEU A 108 17.58 35.90 -9.04
CA LEU A 108 17.36 34.99 -10.14
C LEU A 108 16.38 33.95 -9.77
N LEU A 109 16.40 33.54 -8.50
CA LEU A 109 15.40 32.65 -7.96
C LEU A 109 14.00 33.28 -8.06
N GLN A 110 13.90 34.56 -7.68
CA GLN A 110 12.60 35.22 -7.67
C GLN A 110 12.02 35.33 -9.07
N LEU A 111 12.86 35.66 -10.06
CA LEU A 111 12.45 35.61 -11.45
C LEU A 111 11.99 34.18 -11.86
N ALA A 112 12.80 33.18 -11.54
CA ALA A 112 12.49 31.81 -11.91
C ALA A 112 11.22 31.36 -11.31
N THR A 113 10.93 31.83 -10.09
CA THR A 113 9.75 31.34 -9.36
C THR A 113 8.59 32.37 -9.24
N TYR A 114 8.63 33.38 -10.12
CA TYR A 114 7.46 34.26 -10.39
C TYR A 114 7.09 35.26 -9.25
N THR A 115 8.09 35.66 -8.46
CA THR A 115 7.83 36.48 -7.28
C THR A 115 8.46 37.87 -7.31
N SER A 116 8.68 38.40 -8.49
CA SER A 116 9.15 39.75 -8.62
C SER A 116 8.10 40.76 -8.11
N GLY A 117 6.84 40.34 -8.04
CA GLY A 117 5.76 41.17 -7.52
C GLY A 117 5.13 42.15 -8.49
N ASN A 118 5.70 42.28 -9.68
CA ASN A 118 5.00 42.99 -10.72
C ASN A 118 5.25 42.44 -12.15
N LEU A 119 4.89 41.19 -12.39
CA LEU A 119 5.04 40.63 -13.75
C LEU A 119 3.86 39.72 -13.99
N ALA A 120 3.17 40.03 -15.07
CA ALA A 120 1.94 39.35 -15.45
C ALA A 120 2.29 38.12 -16.33
N LEU A 121 1.26 37.34 -16.64
CA LEU A 121 1.33 36.13 -17.44
C LEU A 121 2.03 36.31 -18.73
N GLN A 122 1.63 37.32 -19.49
CA GLN A 122 2.31 37.65 -20.75
C GLN A 122 2.93 39.01 -20.75
N PHE A 123 3.96 39.18 -21.58
CA PHE A 123 4.35 40.50 -22.04
C PHE A 123 3.08 41.21 -22.67
N PRO A 124 3.10 42.54 -22.80
CA PRO A 124 2.11 43.25 -23.66
C PRO A 124 2.31 42.92 -25.14
N ASP A 125 1.22 42.93 -25.93
CA ASP A 125 1.25 42.42 -27.33
C ASP A 125 2.17 43.29 -28.21
N GLU A 126 2.27 44.57 -27.87
CA GLU A 126 3.18 45.52 -28.53
C GLU A 126 4.69 45.25 -28.30
N VAL A 127 5.01 44.49 -27.23
CA VAL A 127 6.38 44.02 -26.94
C VAL A 127 6.71 42.81 -27.77
N GLN A 128 7.71 42.95 -28.65
CA GLN A 128 8.06 41.92 -29.66
C GLN A 128 9.56 41.81 -29.96
N THR A 129 10.21 42.92 -30.27
CA THR A 129 11.63 42.96 -30.66
C THR A 129 12.55 42.82 -29.46
N ASP A 130 13.83 42.54 -29.75
CA ASP A 130 14.91 42.60 -28.76
C ASP A 130 14.86 43.91 -27.94
N GLN A 131 14.77 45.04 -28.65
CA GLN A 131 14.81 46.36 -28.01
C GLN A 131 13.58 46.60 -27.10
N GLN A 132 12.38 46.24 -27.57
CA GLN A 132 11.16 46.40 -26.75
C GLN A 132 11.20 45.52 -25.47
N VAL A 133 11.83 44.37 -25.58
CA VAL A 133 11.99 43.50 -24.41
C VAL A 133 12.89 44.21 -23.38
N LEU A 134 14.11 44.57 -23.78
CA LEU A 134 15.00 45.41 -22.95
C LEU A 134 14.27 46.61 -22.28
N THR A 135 13.64 47.42 -23.14
CA THR A 135 12.95 48.63 -22.78
C THR A 135 11.93 48.35 -21.68
N PHE A 136 11.15 47.29 -21.87
CA PHE A 136 10.17 46.83 -20.88
C PHE A 136 10.81 46.58 -19.51
N PHE A 137 11.96 45.91 -19.51
CA PHE A 137 12.65 45.52 -18.25
C PHE A 137 13.33 46.74 -17.58
N LYS A 138 13.90 47.63 -18.38
CA LYS A 138 14.37 48.95 -17.92
C LYS A 138 13.31 49.82 -17.24
N ASP A 139 12.17 49.95 -17.90
CA ASP A 139 11.04 50.72 -17.37
C ASP A 139 10.30 50.03 -16.20
N TRP A 140 10.74 48.82 -15.84
CA TRP A 140 10.00 48.04 -14.85
C TRP A 140 10.18 48.70 -13.53
N LYS A 141 9.12 48.68 -12.72
CA LYS A 141 9.12 49.22 -11.39
C LYS A 141 8.36 48.23 -10.56
N PRO A 142 8.59 48.20 -9.23
CA PRO A 142 7.94 47.20 -8.36
C PRO A 142 6.51 47.53 -8.09
N LYS A 143 5.74 46.55 -7.59
CA LYS A 143 4.38 46.79 -7.12
C LYS A 143 4.20 46.10 -5.77
N ASN A 144 4.06 44.78 -5.75
CA ASN A 144 4.00 44.09 -4.46
C ASN A 144 5.44 43.99 -3.92
N PRO A 145 5.58 43.85 -2.58
CA PRO A 145 6.90 43.61 -2.02
C PRO A 145 7.61 42.42 -2.74
N ILE A 146 8.84 42.68 -3.19
CA ILE A 146 9.62 41.69 -3.94
C ILE A 146 9.74 40.42 -3.14
N GLY A 147 9.33 39.31 -3.74
CA GLY A 147 9.54 38.02 -3.21
C GLY A 147 8.36 37.53 -2.44
N GLU A 148 7.35 38.38 -2.26
CA GLU A 148 6.21 37.98 -1.43
C GLU A 148 4.98 37.42 -2.19
N TYR A 149 4.87 37.75 -3.49
CA TYR A 149 3.65 37.49 -4.27
C TYR A 149 3.98 36.68 -5.50
N ARG A 150 3.32 35.55 -5.64
CA ARG A 150 3.53 34.71 -6.85
C ARG A 150 2.46 35.11 -7.89
N GLN A 151 2.94 35.52 -9.07
CA GLN A 151 2.07 35.56 -10.22
C GLN A 151 2.72 34.86 -11.39
N TYR A 152 2.07 33.79 -11.83
CA TYR A 152 2.62 32.92 -12.89
C TYR A 152 2.94 33.76 -14.12
N SER A 153 4.13 33.63 -14.66
CA SER A 153 4.58 34.70 -15.61
C SER A 153 5.65 34.27 -16.60
N ASN A 154 5.33 34.43 -17.87
CA ASN A 154 6.24 34.13 -18.96
C ASN A 154 7.41 35.04 -19.00
N PRO A 155 7.18 36.36 -18.85
CA PRO A 155 8.37 37.23 -18.84
C PRO A 155 9.38 36.97 -17.68
N SER A 156 8.92 36.62 -16.48
CA SER A 156 9.78 36.42 -15.30
C SER A 156 10.81 35.28 -15.56
N ILE A 157 10.26 34.08 -15.82
CA ILE A 157 11.11 32.91 -16.12
C ILE A 157 11.82 33.06 -17.46
N GLY A 158 11.20 33.79 -18.40
CA GLY A 158 11.88 34.10 -19.68
C GLY A 158 13.14 34.91 -19.51
N LEU A 159 13.13 35.85 -18.57
CA LEU A 159 14.34 36.66 -18.28
C LEU A 159 15.35 35.81 -17.56
N PHE A 160 14.87 34.97 -16.63
CA PHE A 160 15.76 34.04 -15.95
C PHE A 160 16.49 33.15 -16.98
N GLY A 161 15.70 32.65 -17.95
CA GLY A 161 16.27 31.94 -19.04
C GLY A 161 17.29 32.70 -19.81
N LYS A 162 17.00 33.96 -20.15
CA LYS A 162 18.00 34.74 -20.92
C LYS A 162 19.28 35.05 -20.12
N VAL A 163 19.13 35.20 -18.82
CA VAL A 163 20.29 35.42 -17.95
C VAL A 163 21.13 34.14 -17.90
N VAL A 164 20.48 32.99 -17.81
CA VAL A 164 21.19 31.72 -17.77
C VAL A 164 21.99 31.57 -19.05
N ALA A 165 21.40 31.89 -20.19
CA ALA A 165 22.15 31.82 -21.46
C ALA A 165 23.35 32.79 -21.49
N LEU A 166 23.12 33.99 -21.00
CA LEU A 166 24.24 34.93 -20.86
C LEU A 166 25.35 34.36 -19.99
N SER A 167 25.01 33.77 -18.83
CA SER A 167 26.03 33.25 -17.94
C SER A 167 26.77 32.12 -18.59
N MET A 168 26.13 31.45 -19.55
CA MET A 168 26.76 30.40 -20.35
C MET A 168 27.38 30.85 -21.69
N ASN A 169 27.31 32.15 -21.99
CA ASN A 169 27.87 32.69 -23.23
C ASN A 169 27.42 31.95 -24.51
N LYS A 170 26.12 31.69 -24.60
CA LYS A 170 25.58 31.05 -25.76
C LYS A 170 24.09 31.44 -25.79
N PRO A 171 23.49 31.52 -26.96
CA PRO A 171 22.08 31.90 -26.88
C PRO A 171 21.28 30.71 -26.32
N PHE A 172 20.09 31.01 -25.80
CA PHE A 172 19.31 30.05 -25.02
C PHE A 172 19.00 28.77 -25.78
N ASP A 173 18.67 28.90 -27.06
CA ASP A 173 18.36 27.74 -27.91
C ASP A 173 19.55 26.78 -27.97
N GLN A 174 20.76 27.33 -28.09
CA GLN A 174 22.00 26.49 -28.11
C GLN A 174 22.32 25.91 -26.73
N VAL A 175 22.01 26.62 -25.65
CA VAL A 175 22.13 26.02 -24.32
C VAL A 175 21.38 24.67 -24.25
N LEU A 176 20.10 24.66 -24.65
CA LEU A 176 19.31 23.43 -24.62
C LEU A 176 19.77 22.42 -25.64
N GLU A 177 19.83 22.80 -26.92
CA GLU A 177 20.11 21.86 -27.99
C GLU A 177 21.55 21.34 -27.95
N LYS A 178 22.53 22.14 -27.49
CA LYS A 178 23.96 21.70 -27.51
C LYS A 178 24.49 21.22 -26.14
N THR A 179 23.78 21.52 -25.05
CA THR A 179 24.25 21.15 -23.70
C THR A 179 23.21 20.34 -22.97
N ILE A 180 22.02 20.91 -22.76
CA ILE A 180 21.08 20.29 -21.85
C ILE A 180 20.42 19.06 -22.48
N PHE A 181 19.89 19.17 -23.70
CA PHE A 181 19.27 17.99 -24.32
C PHE A 181 20.26 16.81 -24.51
N PRO A 182 21.50 17.06 -24.97
CA PRO A 182 22.44 15.90 -25.03
C PRO A 182 22.81 15.26 -23.67
N ALA A 183 22.95 16.07 -22.63
CA ALA A 183 23.24 15.54 -21.29
C ALA A 183 22.10 14.64 -20.73
N LEU A 184 20.86 14.90 -21.13
CA LEU A 184 19.69 14.08 -20.76
C LEU A 184 19.42 12.86 -21.67
N GLY A 185 20.21 12.64 -22.70
CA GLY A 185 19.95 11.58 -23.66
C GLY A 185 18.81 11.85 -24.64
N LEU A 186 18.44 13.11 -24.88
CA LEU A 186 17.30 13.38 -25.72
C LEU A 186 17.73 13.42 -27.20
N LYS A 187 17.00 12.73 -28.06
CA LYS A 187 17.39 12.64 -29.48
C LYS A 187 16.56 13.57 -30.36
N HIS A 188 15.32 13.88 -29.95
CA HIS A 188 14.36 14.61 -30.80
C HIS A 188 13.59 15.74 -30.10
N SER A 189 14.36 16.56 -29.40
CA SER A 189 13.85 17.69 -28.68
C SER A 189 14.54 18.93 -29.21
N TYR A 190 13.77 20.00 -29.43
CA TYR A 190 14.28 21.14 -30.12
C TYR A 190 13.56 22.31 -29.61
N VAL A 191 14.27 23.43 -29.59
CA VAL A 191 13.71 24.75 -29.62
C VAL A 191 13.29 25.09 -31.07
N ASN A 192 14.17 24.81 -32.04
CA ASN A 192 13.86 24.96 -33.50
C ASN A 192 13.91 23.62 -34.23
N VAL A 193 12.75 23.19 -34.72
CA VAL A 193 12.66 21.88 -35.35
C VAL A 193 13.35 21.98 -36.69
N PRO A 194 14.40 21.19 -36.92
CA PRO A 194 15.14 21.33 -38.18
C PRO A 194 14.37 20.82 -39.41
N LYS A 195 14.75 21.38 -40.56
CA LYS A 195 14.24 21.01 -41.87
C LYS A 195 13.95 19.49 -42.02
N THR A 196 14.91 18.66 -41.60
CA THR A 196 14.83 17.21 -41.80
C THR A 196 13.84 16.46 -40.89
N GLN A 197 13.34 17.16 -39.87
CA GLN A 197 12.32 16.66 -38.96
C GLN A 197 10.97 17.31 -39.18
N MET A 198 10.83 18.26 -40.09
CA MET A 198 9.55 18.93 -40.25
C MET A 198 8.38 17.99 -40.60
N GLN A 199 8.62 16.94 -41.38
CA GLN A 199 7.56 15.94 -41.59
C GLN A 199 7.16 15.17 -40.30
N ASN A 200 7.94 15.25 -39.23
CA ASN A 200 7.54 14.65 -37.93
C ASN A 200 6.80 15.56 -36.95
N TYR A 201 6.65 16.84 -37.29
CA TYR A 201 6.07 17.86 -36.43
C TYR A 201 4.57 17.88 -36.64
N ALA A 202 3.80 17.53 -35.62
CA ALA A 202 2.39 17.55 -35.69
C ALA A 202 1.85 18.94 -36.00
N PHE A 203 0.69 19.00 -36.64
CA PHE A 203 -0.07 20.22 -36.56
C PHE A 203 -0.75 20.24 -35.22
N GLY A 204 -0.87 21.42 -34.63
CA GLY A 204 -1.79 21.63 -33.52
C GLY A 204 -3.16 21.99 -34.05
N TYR A 205 -4.19 21.86 -33.26
CA TYR A 205 -5.53 22.22 -33.72
C TYR A 205 -6.23 23.08 -32.73
N ASN A 206 -6.83 24.18 -33.21
CA ASN A 206 -7.35 25.20 -32.28
C ASN A 206 -8.76 24.81 -31.92
N GLN A 207 -9.48 25.70 -31.25
CA GLN A 207 -10.80 25.36 -30.78
C GLN A 207 -11.84 25.36 -31.90
N GLU A 208 -11.46 25.79 -33.10
CA GLU A 208 -12.30 25.56 -34.30
C GLU A 208 -11.72 24.45 -35.22
N ASN A 209 -10.94 23.54 -34.64
CA ASN A 209 -10.17 22.46 -35.33
C ASN A 209 -9.42 22.90 -36.59
N GLN A 210 -8.82 24.09 -36.56
CA GLN A 210 -7.94 24.51 -37.64
C GLN A 210 -6.49 24.21 -37.26
N PRO A 211 -5.68 23.70 -38.22
CA PRO A 211 -4.34 23.28 -37.92
C PRO A 211 -3.48 24.49 -37.77
N ILE A 212 -2.71 24.56 -36.68
CA ILE A 212 -1.88 25.75 -36.36
C ILE A 212 -0.59 25.30 -35.74
N ARG A 213 0.34 26.26 -35.62
CA ARG A 213 1.56 26.02 -34.89
C ARG A 213 1.86 27.23 -34.06
N VAL A 214 2.83 27.09 -33.18
CA VAL A 214 3.15 28.15 -32.22
C VAL A 214 3.70 29.41 -32.94
N ASN A 215 3.28 30.58 -32.48
CA ASN A 215 3.83 31.83 -33.04
C ASN A 215 5.06 32.34 -32.31
N PRO A 216 6.00 33.02 -33.04
CA PRO A 216 7.07 33.77 -32.39
C PRO A 216 6.54 34.78 -31.36
N GLY A 217 7.29 34.94 -30.30
CA GLY A 217 7.00 35.97 -29.30
C GLY A 217 8.27 36.24 -28.53
N PRO A 218 8.31 37.37 -27.81
CA PRO A 218 9.44 37.76 -26.98
C PRO A 218 9.79 36.68 -25.89
N LEU A 219 11.05 36.24 -25.88
CA LEU A 219 11.56 35.20 -24.98
C LEU A 219 10.64 33.94 -24.93
N ASP A 220 10.26 33.49 -26.12
CA ASP A 220 9.40 32.33 -26.26
C ASP A 220 10.11 31.05 -25.88
N ALA A 221 11.33 30.87 -26.36
CA ALA A 221 12.07 29.64 -26.08
C ALA A 221 12.09 29.25 -24.57
N PRO A 222 12.58 30.13 -23.68
CA PRO A 222 12.65 29.74 -22.28
C PRO A 222 11.32 29.55 -21.57
N ALA A 223 10.28 30.20 -22.09
CA ALA A 223 8.98 30.23 -21.50
C ALA A 223 8.04 29.13 -22.07
N TYR A 224 8.09 28.86 -23.36
CA TYR A 224 7.11 27.92 -23.94
C TYR A 224 7.51 27.38 -25.29
N GLY A 225 8.79 27.32 -25.59
CA GLY A 225 9.20 27.08 -26.97
C GLY A 225 9.86 25.74 -27.28
N VAL A 226 9.72 24.71 -26.40
CA VAL A 226 10.37 23.44 -26.70
C VAL A 226 9.34 22.53 -27.34
N LYS A 227 9.84 21.70 -28.23
CA LYS A 227 9.08 20.62 -28.89
C LYS A 227 9.79 19.33 -28.65
N SER A 228 9.03 18.25 -28.46
CA SER A 228 9.62 16.95 -28.14
C SER A 228 8.72 15.81 -28.55
N THR A 229 9.27 14.59 -28.55
CA THR A 229 8.49 13.37 -28.79
C THR A 229 8.12 12.68 -27.49
N LEU A 230 7.22 11.69 -27.52
CA LEU A 230 6.89 10.92 -26.32
C LEU A 230 8.13 10.18 -25.75
N PRO A 231 8.93 9.53 -26.59
CA PRO A 231 10.08 8.81 -25.94
C PRO A 231 11.05 9.73 -25.21
N ASP A 232 11.38 10.85 -25.86
CA ASP A 232 12.20 11.90 -25.20
C ASP A 232 11.59 12.36 -23.86
N MET A 233 10.36 12.81 -23.85
CA MET A 233 9.74 13.16 -22.61
C MET A 233 9.81 12.08 -21.53
N LEU A 234 9.62 10.83 -21.93
CA LEU A 234 9.75 9.71 -21.06
C LEU A 234 11.16 9.55 -20.49
N SER A 235 12.17 9.80 -21.31
CA SER A 235 13.54 9.84 -20.85
C SER A 235 13.75 10.98 -19.85
N PHE A 236 13.15 12.14 -20.11
CA PHE A 236 13.25 13.27 -19.18
C PHE A 236 12.66 12.88 -17.82
N ILE A 237 11.49 12.26 -17.81
CA ILE A 237 10.87 11.81 -16.55
C ILE A 237 11.77 10.79 -15.89
N HIS A 238 12.38 9.93 -16.70
CA HIS A 238 13.33 8.91 -16.13
C HIS A 238 14.52 9.55 -15.49
N ALA A 239 15.04 10.63 -16.10
CA ALA A 239 16.12 11.39 -15.51
C ALA A 239 15.72 11.93 -14.17
N ASN A 240 14.50 12.44 -14.10
CA ASN A 240 13.97 12.99 -12.88
C ASN A 240 13.71 12.01 -11.80
N LEU A 241 13.23 10.82 -12.16
CA LEU A 241 12.98 9.74 -11.24
C LEU A 241 14.27 9.03 -10.75
N ASN A 242 15.32 9.02 -11.58
CA ASN A 242 16.43 8.10 -11.45
C ASN A 242 17.64 8.76 -12.02
N PRO A 243 18.08 9.87 -11.43
CA PRO A 243 19.17 10.65 -11.98
C PRO A 243 20.61 10.13 -11.72
N GLN A 244 20.77 9.07 -10.92
CA GLN A 244 22.09 8.47 -10.62
C GLN A 244 22.83 8.05 -11.88
N LYS A 245 22.11 7.62 -12.92
CA LYS A 245 22.71 7.17 -14.14
C LYS A 245 23.28 8.30 -15.02
N TYR A 246 22.96 9.56 -14.69
CA TYR A 246 23.23 10.67 -15.58
C TYR A 246 24.53 11.33 -15.17
N PRO A 247 25.12 12.14 -16.06
CA PRO A 247 26.34 12.80 -15.63
C PRO A 247 26.12 13.58 -14.35
N THR A 248 27.10 13.58 -13.46
CA THR A 248 27.06 14.39 -12.23
C THR A 248 26.46 15.81 -12.37
N ASP A 249 26.86 16.53 -13.43
CA ASP A 249 26.47 17.91 -13.70
C ASP A 249 24.93 18.01 -13.83
N ILE A 250 24.42 17.23 -14.77
CA ILE A 250 22.98 17.22 -15.02
C ILE A 250 22.21 16.66 -13.80
N GLN A 251 22.85 15.81 -13.03
CA GLN A 251 22.23 15.25 -11.80
C GLN A 251 21.96 16.31 -10.74
N ARG A 252 22.96 17.18 -10.57
CA ARG A 252 22.87 18.30 -9.67
C ARG A 252 21.83 19.31 -10.20
N ALA A 253 21.84 19.57 -11.48
CA ALA A 253 20.80 20.39 -12.12
C ALA A 253 19.44 19.88 -11.77
N ILE A 254 19.18 18.60 -12.12
CA ILE A 254 17.92 17.95 -11.84
C ILE A 254 17.52 18.08 -10.39
N ASN A 255 18.44 17.76 -9.48
CA ASN A 255 18.17 17.89 -8.04
C ASN A 255 17.80 19.29 -7.61
N GLU A 256 18.44 20.27 -8.23
CA GLU A 256 18.12 21.65 -7.97
C GLU A 256 16.65 21.99 -8.35
N THR A 257 16.12 21.39 -9.43
CA THR A 257 14.72 21.64 -9.83
C THR A 257 13.70 21.02 -8.93
N HIS A 258 14.12 20.08 -8.11
CA HIS A 258 13.21 19.38 -7.18
C HIS A 258 13.05 20.09 -5.80
N GLN A 259 13.83 21.12 -5.54
CA GLN A 259 13.87 21.72 -4.19
C GLN A 259 12.73 22.76 -4.12
N GLY A 260 11.73 22.56 -3.29
CA GLY A 260 10.64 23.53 -3.15
C GLY A 260 11.21 24.80 -2.54
N ARG A 261 10.79 25.93 -3.05
CA ARG A 261 11.28 27.21 -2.60
C ARG A 261 10.32 27.93 -1.69
N TYR A 262 9.02 27.72 -1.89
CA TYR A 262 8.00 28.33 -1.06
C TYR A 262 6.69 27.56 -1.24
N GLN A 263 5.63 27.85 -0.45
CA GLN A 263 4.31 27.18 -0.60
C GLN A 263 3.20 28.19 -0.80
N VAL A 264 2.25 27.81 -1.66
CA VAL A 264 0.91 28.42 -1.69
C VAL A 264 -0.08 27.32 -1.23
N ASN A 265 -0.46 27.36 0.03
CA ASN A 265 -1.22 26.32 0.69
C ASN A 265 -0.60 24.96 0.34
N THR A 266 -1.38 24.05 -0.24
CA THR A 266 -0.94 22.73 -0.59
C THR A 266 0.01 22.58 -1.80
N MET A 267 0.32 23.67 -2.51
CA MET A 267 1.23 23.64 -3.67
C MET A 267 2.55 24.27 -3.37
N TYR A 268 3.63 23.53 -3.55
CA TYR A 268 4.97 24.05 -3.36
C TYR A 268 5.51 24.41 -4.73
N GLN A 269 6.21 25.54 -4.84
CA GLN A 269 6.80 25.96 -6.04
C GLN A 269 8.26 25.54 -5.98
N ALA A 270 8.63 24.59 -6.83
CA ALA A 270 10.04 24.23 -7.03
C ALA A 270 10.49 24.96 -8.28
N LEU A 271 11.67 24.66 -8.81
CA LEU A 271 12.16 25.37 -10.01
C LEU A 271 11.53 24.70 -11.27
N GLY A 272 10.62 25.39 -11.94
CA GLY A 272 9.77 24.83 -12.98
C GLY A 272 8.63 23.99 -12.48
N TRP A 273 8.95 22.90 -11.82
CA TRP A 273 7.94 21.97 -11.32
C TRP A 273 7.15 22.56 -10.20
N GLU A 274 5.94 22.05 -10.06
CA GLU A 274 5.11 22.19 -8.88
C GLU A 274 5.24 20.93 -8.07
N GLU A 275 5.36 21.08 -6.75
CA GLU A 275 5.64 19.97 -5.82
C GLU A 275 4.48 19.81 -4.85
N PHE A 276 4.18 18.58 -4.47
CA PHE A 276 3.09 18.30 -3.53
C PHE A 276 3.55 17.24 -2.61
N SER A 277 2.89 17.17 -1.46
CA SER A 277 3.02 16.00 -0.62
C SER A 277 2.33 14.81 -1.26
N TYR A 278 2.99 13.65 -1.28
CA TYR A 278 2.42 12.43 -1.81
C TYR A 278 2.03 11.48 -0.65
N PRO A 279 0.85 10.88 -0.69
CA PRO A 279 -0.11 11.02 -1.79
C PRO A 279 -0.81 12.39 -1.77
N ALA A 280 -1.09 12.95 -2.93
CA ALA A 280 -1.91 14.18 -2.99
C ALA A 280 -3.31 13.78 -3.25
N THR A 281 -4.25 14.47 -2.64
CA THR A 281 -5.63 14.31 -3.09
C THR A 281 -5.82 14.84 -4.55
N LEU A 282 -6.81 14.28 -5.22
CA LEU A 282 -7.19 14.74 -6.55
C LEU A 282 -7.40 16.25 -6.53
N GLN A 283 -8.12 16.73 -5.51
CA GLN A 283 -8.46 18.18 -5.49
C GLN A 283 -7.24 19.08 -5.35
N THR A 284 -6.24 18.61 -4.59
CA THR A 284 -4.96 19.31 -4.45
C THR A 284 -4.31 19.50 -5.81
N LEU A 285 -4.32 18.44 -6.63
CA LEU A 285 -3.66 18.44 -7.95
C LEU A 285 -4.48 19.30 -8.86
N LEU A 286 -5.81 19.13 -8.83
CA LEU A 286 -6.71 20.06 -9.62
C LEU A 286 -6.54 21.54 -9.25
N ASP A 287 -6.64 21.85 -7.97
CA ASP A 287 -6.61 23.25 -7.52
C ASP A 287 -5.28 23.96 -7.77
N SER A 288 -4.22 23.21 -8.08
CA SER A 288 -2.93 23.76 -8.43
C SER A 288 -2.96 24.59 -9.69
N ASN A 289 -3.82 24.24 -10.63
CA ASN A 289 -3.94 25.05 -11.86
C ASN A 289 -5.31 25.76 -11.93
N SER A 290 -5.88 26.04 -10.76
CA SER A 290 -7.09 26.89 -10.66
C SER A 290 -6.84 28.32 -11.15
N GLU A 291 -7.93 29.01 -11.52
CA GLU A 291 -7.88 30.41 -12.01
C GLU A 291 -7.11 31.30 -10.99
N GLN A 292 -7.42 31.08 -9.71
CA GLN A 292 -6.80 31.81 -8.62
C GLN A 292 -5.26 31.64 -8.70
N ILE A 293 -4.80 30.38 -8.78
CA ILE A 293 -3.34 30.15 -8.68
C ILE A 293 -2.59 30.62 -9.94
N VAL A 294 -3.12 30.28 -11.11
CA VAL A 294 -2.51 30.53 -12.43
C VAL A 294 -2.71 31.95 -12.87
N MET A 295 -3.90 32.53 -12.62
CA MET A 295 -4.23 33.86 -13.25
C MET A 295 -4.01 35.13 -12.37
N LYS A 296 -3.99 35.00 -11.04
CA LYS A 296 -3.93 36.14 -10.06
C LYS A 296 -2.74 36.08 -9.08
N PRO A 297 -2.35 37.26 -8.53
CA PRO A 297 -1.27 37.23 -7.52
C PRO A 297 -1.74 36.43 -6.30
N ASN A 298 -0.84 35.68 -5.70
CA ASN A 298 -1.13 35.09 -4.41
C ASN A 298 0.10 35.31 -3.50
N LYS A 299 -0.17 35.69 -2.26
CA LYS A 299 0.88 35.87 -1.30
C LYS A 299 1.39 34.47 -0.92
N VAL A 300 2.69 34.25 -1.04
CA VAL A 300 3.27 32.94 -0.65
C VAL A 300 3.63 32.92 0.87
N THR A 301 3.96 31.75 1.37
CA THR A 301 4.57 31.60 2.67
C THR A 301 5.81 30.73 2.49
N ALA A 302 6.61 30.70 3.55
CA ALA A 302 7.80 29.89 3.63
C ALA A 302 7.28 28.49 3.68
N ILE A 303 8.10 27.51 3.29
CA ILE A 303 7.67 26.12 3.43
C ILE A 303 7.59 25.88 4.94
N SER A 304 6.43 25.43 5.41
CA SER A 304 6.21 25.03 6.79
C SER A 304 6.39 23.54 6.84
N LYS A 305 5.49 22.80 6.19
CA LYS A 305 5.53 21.36 6.17
C LYS A 305 6.41 20.94 5.04
N GLU A 306 7.58 20.39 5.32
CA GLU A 306 8.47 19.97 4.26
C GLU A 306 8.00 18.55 3.89
N PRO A 307 7.49 18.35 2.67
CA PRO A 307 7.03 16.95 2.42
C PRO A 307 8.18 15.94 2.44
N SER A 308 7.97 14.80 3.09
CA SER A 308 8.94 13.71 3.15
C SER A 308 8.88 12.90 1.83
N VAL A 309 7.68 12.61 1.35
CA VAL A 309 7.51 11.90 0.09
C VAL A 309 6.84 12.89 -0.86
N LYS A 310 7.53 13.19 -1.95
CA LYS A 310 7.11 14.24 -2.84
C LYS A 310 6.51 13.68 -4.13
N MET A 311 5.65 14.46 -4.77
CA MET A 311 5.31 14.26 -6.18
C MET A 311 5.43 15.57 -6.92
N TYR A 312 5.64 15.53 -8.25
CA TYR A 312 5.81 16.75 -9.00
C TYR A 312 4.94 16.73 -10.27
N HIS A 313 4.32 17.84 -10.64
CA HIS A 313 3.68 17.93 -11.94
C HIS A 313 3.87 19.26 -12.63
N LYS A 314 3.57 19.28 -13.94
CA LYS A 314 3.52 20.49 -14.73
C LYS A 314 2.59 20.32 -15.91
N THR A 315 1.72 21.32 -16.17
CA THR A 315 0.87 21.39 -17.31
C THR A 315 1.54 22.29 -18.33
N GLY A 316 1.17 22.14 -19.58
CA GLY A 316 1.61 23.05 -20.65
C GLY A 316 0.57 23.15 -21.77
N SER A 317 0.39 24.34 -22.31
CA SER A 317 -0.46 24.53 -23.45
C SER A 317 0.17 25.55 -24.38
N THR A 318 0.01 25.29 -25.67
CA THR A 318 0.05 26.36 -26.66
C THR A 318 -1.38 26.36 -27.22
N SER A 319 -1.60 27.17 -28.25
CA SER A 319 -2.96 27.38 -28.79
C SER A 319 -3.46 26.11 -29.41
N GLY A 320 -2.58 25.35 -30.05
CA GLY A 320 -2.92 24.00 -30.57
C GLY A 320 -2.52 22.71 -29.83
N PHE A 321 -1.85 22.79 -28.67
CA PHE A 321 -1.29 21.59 -28.01
C PHE A 321 -1.52 21.59 -26.51
N GLY A 322 -1.80 20.41 -25.95
CA GLY A 322 -1.78 20.18 -24.50
C GLY A 322 -0.67 19.21 -24.07
N THR A 323 -0.17 19.41 -22.88
CA THR A 323 0.90 18.61 -22.32
C THR A 323 0.60 18.44 -20.79
N TYR A 324 0.86 17.25 -20.24
CA TYR A 324 0.89 17.07 -18.76
C TYR A 324 1.97 16.11 -18.44
N VAL A 325 2.71 16.38 -17.37
CA VAL A 325 3.85 15.58 -16.97
C VAL A 325 3.82 15.49 -15.46
N VAL A 326 3.91 14.28 -14.95
CA VAL A 326 3.84 14.01 -13.54
C VAL A 326 4.78 12.85 -13.17
N PHE A 327 5.47 12.96 -12.04
CA PHE A 327 6.27 11.84 -11.51
C PHE A 327 6.28 11.80 -9.95
N ILE A 328 6.44 10.57 -9.40
CA ILE A 328 6.46 10.31 -7.97
C ILE A 328 7.63 9.42 -7.64
N PRO A 329 8.74 10.02 -7.16
CA PRO A 329 10.02 9.33 -6.89
C PRO A 329 9.90 8.03 -6.12
N LYS A 330 9.18 8.03 -5.00
CA LYS A 330 9.12 6.84 -4.14
C LYS A 330 8.35 5.70 -4.75
N GLU A 331 7.50 5.98 -5.75
CA GLU A 331 6.80 4.92 -6.43
C GLU A 331 7.50 4.51 -7.73
N ASN A 332 8.60 5.18 -8.06
CA ASN A 332 9.33 5.07 -9.32
C ASN A 332 8.38 5.00 -10.54
N ILE A 333 7.46 5.94 -10.58
CA ILE A 333 6.45 6.01 -11.63
C ILE A 333 6.30 7.45 -12.12
N GLY A 334 5.99 7.57 -13.40
CA GLY A 334 5.58 8.80 -13.98
C GLY A 334 4.75 8.64 -15.23
N LEU A 335 4.13 9.74 -15.65
CA LEU A 335 3.30 9.81 -16.84
C LEU A 335 3.51 11.11 -17.65
N VAL A 336 3.30 10.97 -18.95
CA VAL A 336 3.39 12.04 -19.90
C VAL A 336 2.20 11.96 -20.83
N MET A 337 1.50 13.08 -21.00
CA MET A 337 0.43 13.11 -21.98
C MET A 337 0.75 14.26 -22.88
N LEU A 338 0.64 14.01 -24.18
CA LEU A 338 0.85 15.02 -25.25
C LEU A 338 -0.34 14.95 -26.21
N THR A 339 -1.05 16.05 -26.40
CA THR A 339 -2.15 16.08 -27.35
C THR A 339 -1.85 17.20 -28.32
N ASN A 340 -2.39 17.08 -29.54
CA ASN A 340 -2.34 18.16 -30.50
C ASN A 340 -3.68 18.89 -30.61
N LYS A 341 -4.42 18.94 -29.51
CA LYS A 341 -5.48 19.92 -29.27
C LYS A 341 -5.50 20.12 -27.78
N ARG A 342 -5.68 21.37 -27.38
CA ARG A 342 -5.74 21.75 -25.97
C ARG A 342 -7.01 21.13 -25.37
N ILE A 343 -6.87 20.44 -24.24
CA ILE A 343 -8.02 19.95 -23.47
C ILE A 343 -7.94 20.52 -22.03
N PRO A 344 -9.07 20.64 -21.31
CA PRO A 344 -8.93 21.25 -19.97
C PRO A 344 -7.86 20.53 -19.12
N ASN A 345 -7.06 21.32 -18.43
CA ASN A 345 -6.07 20.84 -17.47
C ASN A 345 -6.67 19.83 -16.52
N GLU A 346 -7.91 20.06 -16.05
CA GLU A 346 -8.51 19.14 -15.05
C GLU A 346 -8.60 17.74 -15.59
N GLU A 347 -8.84 17.61 -16.90
CA GLU A 347 -9.03 16.31 -17.52
C GLU A 347 -7.76 15.50 -17.58
N ARG A 348 -6.68 16.21 -17.85
CA ARG A 348 -5.37 15.61 -17.96
C ARG A 348 -4.97 15.13 -16.56
N ILE A 349 -5.15 16.01 -15.59
CA ILE A 349 -4.79 15.75 -14.21
C ILE A 349 -5.58 14.59 -13.64
N LYS A 350 -6.89 14.59 -13.83
CA LYS A 350 -7.76 13.52 -13.39
C LYS A 350 -7.41 12.18 -14.05
N ALA A 351 -7.21 12.17 -15.36
CA ALA A 351 -6.86 10.91 -16.00
C ALA A 351 -5.54 10.37 -15.48
N ALA A 352 -4.53 11.21 -15.33
CA ALA A 352 -3.24 10.73 -14.82
C ALA A 352 -3.33 10.22 -13.36
N TYR A 353 -4.22 10.81 -12.58
CA TYR A 353 -4.44 10.42 -11.17
C TYR A 353 -5.01 9.02 -11.06
N VAL A 354 -5.93 8.68 -11.93
CA VAL A 354 -6.57 7.37 -11.87
C VAL A 354 -5.59 6.32 -12.35
N VAL A 355 -4.82 6.62 -13.38
CA VAL A 355 -3.88 5.62 -13.89
C VAL A 355 -2.75 5.33 -12.89
N LEU A 356 -2.08 6.38 -12.42
CA LEU A 356 -0.97 6.24 -11.47
C LEU A 356 -1.38 5.63 -10.13
N ASN A 357 -2.56 5.99 -9.64
CA ASN A 357 -3.14 5.30 -8.46
C ASN A 357 -3.39 3.82 -8.71
N ALA A 358 -3.94 3.51 -9.89
CA ALA A 358 -4.31 2.13 -10.22
C ALA A 358 -3.15 1.16 -10.37
N ILE A 359 -1.98 1.68 -10.72
CA ILE A 359 -0.78 0.84 -10.94
C ILE A 359 -0.01 0.56 -9.64
N LYS A 360 -0.20 1.41 -8.62
CA LYS A 360 0.32 1.25 -7.23
C LYS A 360 1.59 2.05 -7.06
N ASN B 3 20.33 -48.08 -0.85
CA ASN B 3 18.86 -48.16 -1.14
C ASN B 3 18.53 -47.32 -2.38
N THR B 4 18.55 -45.98 -2.24
CA THR B 4 18.77 -45.07 -3.40
C THR B 4 20.12 -44.41 -3.15
N PRO B 5 21.03 -44.53 -4.12
CA PRO B 5 22.34 -43.90 -3.89
C PRO B 5 22.25 -42.41 -3.60
N LYS B 6 23.20 -41.89 -2.85
CA LYS B 6 23.17 -40.47 -2.52
C LYS B 6 23.15 -39.57 -3.78
N ASP B 7 23.93 -39.87 -4.80
CA ASP B 7 23.85 -39.04 -6.01
C ASP B 7 22.44 -38.90 -6.55
N GLN B 8 21.63 -39.97 -6.50
CA GLN B 8 20.28 -39.93 -7.05
C GLN B 8 19.28 -39.22 -6.14
N GLU B 9 19.40 -39.42 -4.84
CA GLU B 9 18.60 -38.65 -3.89
C GLU B 9 18.80 -37.14 -4.07
N ILE B 10 20.04 -36.74 -4.30
CA ILE B 10 20.36 -35.32 -4.54
C ILE B 10 19.83 -34.80 -5.88
N LYS B 11 19.90 -35.60 -6.93
CA LYS B 11 19.33 -35.24 -8.20
C LYS B 11 17.83 -35.10 -8.06
N LYS B 12 17.23 -35.97 -7.25
CA LYS B 12 15.80 -35.91 -7.06
C LYS B 12 15.39 -34.57 -6.39
N LEU B 13 15.99 -34.25 -5.25
CA LEU B 13 15.76 -32.95 -4.57
C LEU B 13 15.98 -31.79 -5.52
N VAL B 14 17.05 -31.84 -6.32
CA VAL B 14 17.29 -30.76 -7.28
C VAL B 14 16.21 -30.75 -8.40
N ASP B 15 15.75 -31.92 -8.85
CA ASP B 15 14.64 -31.95 -9.83
C ASP B 15 13.32 -31.43 -9.25
N GLN B 16 13.08 -31.68 -7.96
CA GLN B 16 11.87 -31.23 -7.32
C GLN B 16 11.82 -29.76 -7.05
N ASN B 17 12.99 -29.15 -6.82
CA ASN B 17 13.05 -27.76 -6.39
C ASN B 17 13.64 -26.76 -7.40
N PHE B 18 14.63 -27.18 -8.16
CA PHE B 18 15.23 -26.29 -9.15
C PHE B 18 14.67 -26.45 -10.54
N LYS B 19 14.53 -27.68 -11.00
CA LYS B 19 14.03 -27.94 -12.36
C LYS B 19 12.69 -27.20 -12.70
N PRO B 20 11.71 -27.18 -11.81
CA PRO B 20 10.49 -26.44 -12.19
C PRO B 20 10.63 -24.92 -12.35
N LEU B 21 11.72 -24.32 -11.91
CA LEU B 21 12.00 -22.92 -12.23
C LEU B 21 12.26 -22.69 -13.75
N LEU B 22 12.80 -23.69 -14.46
CA LEU B 22 13.11 -23.54 -15.90
C LEU B 22 11.85 -23.22 -16.70
N GLU B 23 10.85 -24.10 -16.55
CA GLU B 23 9.51 -23.92 -17.13
C GLU B 23 8.85 -22.66 -16.62
N LYS B 24 8.84 -22.45 -15.30
CA LYS B 24 8.14 -21.28 -14.70
C LYS B 24 8.63 -19.94 -15.19
N TYR B 25 9.96 -19.78 -15.23
CA TYR B 25 10.59 -18.53 -15.67
C TYR B 25 11.13 -18.54 -17.11
N ASP B 26 10.90 -19.61 -17.87
CA ASP B 26 11.34 -19.71 -19.27
C ASP B 26 12.87 -19.53 -19.44
N VAL B 27 13.62 -20.27 -18.63
CA VAL B 27 15.06 -20.12 -18.45
C VAL B 27 15.68 -21.13 -19.38
N PRO B 28 16.60 -20.70 -20.28
CA PRO B 28 17.00 -21.72 -21.26
C PRO B 28 17.98 -22.78 -20.68
N GLY B 29 18.87 -22.35 -19.78
CA GLY B 29 19.86 -23.23 -19.17
C GLY B 29 20.19 -22.98 -17.67
N MET B 30 20.61 -24.07 -17.00
CA MET B 30 20.89 -24.08 -15.57
C MET B 30 21.91 -25.14 -15.22
N ALA B 31 22.79 -24.82 -14.28
CA ALA B 31 23.70 -25.77 -13.69
C ALA B 31 23.59 -25.62 -12.16
N VAL B 32 23.34 -26.73 -11.51
CA VAL B 32 23.17 -26.73 -10.07
C VAL B 32 24.16 -27.74 -9.52
N GLY B 33 24.95 -27.34 -8.53
CA GLY B 33 25.96 -28.19 -7.99
C GLY B 33 25.86 -28.21 -6.49
N VAL B 34 26.11 -29.37 -5.91
CA VAL B 34 26.10 -29.53 -4.45
C VAL B 34 27.41 -30.15 -4.05
N ILE B 35 28.00 -29.63 -2.98
CA ILE B 35 29.15 -30.28 -2.42
C ILE B 35 28.79 -30.70 -1.01
N GLN B 36 29.22 -31.88 -0.62
CA GLN B 36 28.93 -32.42 0.69
C GLN B 36 30.05 -33.38 1.10
N ASN B 37 30.73 -33.04 2.20
CA ASN B 37 31.87 -33.85 2.70
C ASN B 37 32.88 -34.16 1.63
N ASN B 38 33.35 -33.17 0.89
CA ASN B 38 34.33 -33.49 -0.18
C ASN B 38 33.76 -34.19 -1.44
N LYS B 39 32.49 -34.60 -1.46
CA LYS B 39 31.85 -35.18 -2.65
C LYS B 39 31.00 -34.13 -3.41
N LYS B 40 31.28 -33.99 -4.70
CA LYS B 40 30.65 -33.03 -5.62
C LYS B 40 29.61 -33.74 -6.50
N TYR B 41 28.50 -33.06 -6.72
CA TYR B 41 27.42 -33.54 -7.49
C TYR B 41 27.02 -32.42 -8.43
N GLU B 42 27.09 -32.68 -9.74
CA GLU B 42 26.82 -31.71 -10.79
C GLU B 42 25.56 -32.08 -11.59
N MET B 43 24.64 -31.13 -11.71
CA MET B 43 23.44 -31.27 -12.49
C MET B 43 23.30 -30.18 -13.51
N TYR B 44 23.07 -30.57 -14.77
CA TYR B 44 22.96 -29.64 -15.90
C TYR B 44 21.61 -29.78 -16.60
N TYR B 45 20.97 -28.65 -16.91
CA TYR B 45 19.68 -28.66 -17.54
C TYR B 45 19.73 -27.75 -18.74
N GLY B 46 19.08 -28.15 -19.79
CA GLY B 46 18.81 -27.21 -20.86
C GLY B 46 19.97 -26.74 -21.66
N LEU B 47 19.87 -25.50 -22.15
CA LEU B 47 20.73 -25.00 -23.21
C LEU B 47 21.62 -23.83 -22.83
N GLN B 48 22.92 -23.94 -23.08
CA GLN B 48 23.78 -22.73 -23.05
C GLN B 48 23.61 -21.73 -24.17
N SER B 49 23.25 -22.21 -25.34
CA SER B 49 22.87 -21.34 -26.47
C SER B 49 21.64 -21.99 -27.11
N VAL B 50 20.50 -21.31 -27.04
CA VAL B 50 19.30 -21.71 -27.73
C VAL B 50 19.53 -21.82 -29.26
N GLN B 51 20.07 -20.76 -29.87
CA GLN B 51 20.25 -20.78 -31.34
C GLN B 51 21.20 -21.85 -31.87
N ASP B 52 22.26 -22.19 -31.13
CA ASP B 52 23.23 -23.26 -31.52
C ASP B 52 22.87 -24.67 -31.05
N LYS B 53 21.78 -24.77 -30.27
CA LYS B 53 21.36 -26.05 -29.67
C LYS B 53 22.49 -26.74 -28.85
N LYS B 54 23.24 -25.93 -28.09
CA LYS B 54 24.41 -26.41 -27.35
C LYS B 54 23.89 -26.58 -25.90
N ALA B 55 23.99 -27.81 -25.39
CA ALA B 55 23.47 -28.20 -24.07
C ALA B 55 24.38 -27.66 -23.00
N VAL B 56 23.82 -27.32 -21.84
CA VAL B 56 24.64 -26.83 -20.73
C VAL B 56 25.41 -28.04 -20.29
N ASN B 57 26.69 -27.85 -20.01
CA ASN B 57 27.53 -28.96 -19.43
C ASN B 57 28.67 -28.42 -18.53
N SER B 58 29.59 -29.31 -18.14
CA SER B 58 30.59 -29.04 -17.15
C SER B 58 31.58 -28.04 -17.64
N ASN B 59 31.63 -27.88 -18.95
CA ASN B 59 32.46 -26.87 -19.58
C ASN B 59 31.77 -25.57 -19.82
N THR B 60 30.46 -25.51 -19.58
CA THR B 60 29.75 -24.23 -19.82
C THR B 60 30.18 -23.10 -18.87
N ILE B 61 30.58 -21.99 -19.47
CA ILE B 61 31.04 -20.81 -18.79
C ILE B 61 29.87 -19.82 -18.65
N PHE B 62 29.58 -19.41 -17.41
CA PHE B 62 28.49 -18.48 -17.07
C PHE B 62 29.03 -17.14 -16.50
N GLU B 63 28.32 -16.02 -16.70
CA GLU B 63 28.56 -14.79 -16.03
C GLU B 63 28.03 -14.92 -14.61
N LEU B 64 28.90 -14.60 -13.67
CA LEU B 64 28.65 -14.72 -12.22
C LEU B 64 28.06 -13.48 -11.62
N GLY B 65 28.19 -12.35 -12.32
CA GLY B 65 27.64 -11.08 -11.85
C GLY B 65 28.25 -10.72 -10.51
N SER B 66 27.44 -10.30 -9.55
CA SER B 66 28.01 -9.90 -8.26
C SER B 66 28.69 -10.98 -7.44
N VAL B 67 28.57 -12.25 -7.80
CA VAL B 67 29.40 -13.27 -7.21
C VAL B 67 30.89 -12.98 -7.46
N SER B 68 31.19 -12.24 -8.52
CA SER B 68 32.57 -11.78 -8.76
C SER B 68 33.16 -11.07 -7.54
N LYS B 69 32.34 -10.31 -6.81
CA LYS B 69 32.74 -9.68 -5.53
C LYS B 69 33.42 -10.59 -4.50
N LEU B 70 33.13 -11.87 -4.56
CA LEU B 70 33.75 -12.83 -3.66
C LEU B 70 35.22 -13.05 -3.98
N PHE B 71 35.54 -12.94 -5.26
CA PHE B 71 36.86 -13.09 -5.76
C PHE B 71 37.66 -11.86 -5.46
N THR B 72 37.04 -10.69 -5.58
CA THR B 72 37.63 -9.42 -5.16
C THR B 72 37.94 -9.35 -3.67
N ALA B 73 37.01 -9.83 -2.84
CA ALA B 73 37.22 -9.95 -1.41
C ALA B 73 38.36 -10.87 -1.14
N THR B 74 38.44 -11.96 -1.91
CA THR B 74 39.46 -12.98 -1.65
C THR B 74 40.85 -12.40 -1.94
N ALA B 75 40.93 -11.63 -3.02
CA ALA B 75 42.16 -10.99 -3.45
C ALA B 75 42.63 -9.92 -2.42
N GLY B 76 41.67 -9.18 -1.85
CA GLY B 76 41.93 -8.27 -0.76
C GLY B 76 42.50 -8.95 0.48
N GLY B 77 41.87 -10.06 0.87
CA GLY B 77 42.28 -10.83 1.98
C GLY B 77 43.66 -11.44 1.77
N TYR B 78 43.97 -11.75 0.51
CA TYR B 78 45.30 -12.26 0.14
C TYR B 78 46.37 -11.11 0.29
N ALA B 79 46.06 -9.94 -0.28
CA ALA B 79 46.94 -8.76 -0.23
C ALA B 79 47.22 -8.34 1.22
N LYS B 80 46.21 -8.41 2.08
CA LYS B 80 46.34 -7.97 3.45
C LYS B 80 47.14 -8.91 4.32
N ASN B 81 46.89 -10.20 4.21
CA ASN B 81 47.66 -11.18 5.00
C ASN B 81 49.09 -11.39 4.51
N LYS B 82 49.36 -11.05 3.26
CA LYS B 82 50.74 -10.89 2.79
C LYS B 82 51.38 -9.54 3.15
N GLY B 83 50.70 -8.70 3.93
CA GLY B 83 51.23 -7.38 4.31
C GLY B 83 51.36 -6.37 3.17
N LYS B 84 50.62 -6.56 2.06
CA LYS B 84 50.63 -5.60 0.94
C LYS B 84 49.69 -4.40 1.16
N ILE B 85 48.63 -4.60 1.96
CA ILE B 85 47.69 -3.54 2.38
C ILE B 85 47.28 -3.79 3.81
N SER B 86 46.72 -2.76 4.41
CA SER B 86 45.97 -2.81 5.63
C SER B 86 44.59 -2.23 5.27
N PHE B 87 43.54 -2.79 5.88
CA PHE B 87 42.14 -2.34 5.73
C PHE B 87 41.84 -0.98 6.39
N ASP B 88 42.73 -0.50 7.26
CA ASP B 88 42.72 0.87 7.79
C ASP B 88 43.50 1.88 6.93
N ASP B 89 44.16 1.44 5.85
CA ASP B 89 44.69 2.34 4.82
C ASP B 89 43.56 3.00 4.03
N THR B 90 43.90 4.08 3.35
CA THR B 90 42.96 4.79 2.52
C THR B 90 43.47 4.68 1.11
N PRO B 91 42.63 5.00 0.12
CA PRO B 91 43.00 4.71 -1.28
C PRO B 91 44.19 5.47 -1.83
N GLY B 92 44.42 6.68 -1.33
CA GLY B 92 45.51 7.51 -1.78
C GLY B 92 46.89 6.96 -1.52
N LYS B 93 47.03 6.06 -0.54
CA LYS B 93 48.29 5.38 -0.31
C LYS B 93 48.78 4.58 -1.51
N TYR B 94 47.88 4.18 -2.39
CA TYR B 94 48.20 3.29 -3.51
C TYR B 94 47.88 3.91 -4.83
N TRP B 95 46.73 4.56 -4.97
CA TRP B 95 46.43 5.34 -6.18
C TRP B 95 46.79 6.81 -5.86
N LYS B 96 48.04 7.18 -6.15
CA LYS B 96 48.63 8.41 -5.59
C LYS B 96 47.89 9.71 -6.00
N GLU B 97 47.23 9.70 -7.15
CA GLU B 97 46.39 10.84 -7.54
C GLU B 97 45.12 11.02 -6.68
N LEU B 98 44.82 10.09 -5.77
CA LEU B 98 43.77 10.34 -4.78
C LEU B 98 44.27 10.81 -3.41
N LYS B 99 45.57 10.91 -3.22
CA LYS B 99 46.15 11.36 -1.93
C LYS B 99 45.58 12.73 -1.59
N ASN B 100 45.05 12.86 -0.37
CA ASN B 100 44.49 14.13 0.18
C ASN B 100 43.15 14.67 -0.45
N THR B 101 42.55 13.95 -1.39
CA THR B 101 41.23 14.27 -1.86
C THR B 101 40.23 13.69 -0.83
N PRO B 102 38.95 14.13 -0.86
CA PRO B 102 37.96 13.65 0.14
C PRO B 102 37.73 12.13 0.25
N ILE B 103 37.76 11.42 -0.86
CA ILE B 103 37.67 9.92 -0.84
C ILE B 103 38.88 9.26 -0.10
N ASP B 104 39.94 10.01 0.16
CA ASP B 104 41.09 9.48 0.92
C ASP B 104 40.85 9.53 2.41
N GLN B 105 39.69 10.05 2.79
CA GLN B 105 39.16 9.93 4.14
C GLN B 105 38.40 8.58 4.37
N VAL B 106 38.19 7.80 3.33
CA VAL B 106 37.47 6.50 3.44
C VAL B 106 38.48 5.35 3.45
N ASN B 107 38.40 4.41 4.37
CA ASN B 107 39.41 3.33 4.47
C ASN B 107 39.00 2.11 3.59
N LEU B 108 39.89 1.13 3.46
CA LEU B 108 39.70 0.09 2.43
C LEU B 108 38.56 -0.82 2.78
N LEU B 109 38.41 -1.12 4.08
CA LEU B 109 37.31 -1.89 4.61
C LEU B 109 35.96 -1.22 4.35
N GLN B 110 35.92 0.10 4.50
CA GLN B 110 34.65 0.82 4.27
C GLN B 110 34.33 0.83 2.82
N LEU B 111 35.35 0.87 1.97
CA LEU B 111 35.08 0.73 0.57
C LEU B 111 34.64 -0.72 0.18
N ALA B 112 35.35 -1.76 0.61
CA ALA B 112 34.89 -3.18 0.35
C ALA B 112 33.47 -3.53 0.86
N THR B 113 33.01 -2.88 1.93
CA THR B 113 31.70 -3.19 2.60
C THR B 113 30.67 -2.06 2.50
N TYR B 114 30.91 -1.20 1.50
CA TYR B 114 29.90 -0.28 0.97
C TYR B 114 29.48 0.86 1.92
N THR B 115 30.39 1.32 2.79
CA THR B 115 30.01 2.32 3.77
C THR B 115 30.69 3.69 3.59
N SER B 116 30.99 4.09 2.35
CA SER B 116 31.57 5.43 2.15
C SER B 116 30.61 6.55 2.54
N GLY B 117 29.33 6.26 2.52
CA GLY B 117 28.29 7.23 2.81
C GLY B 117 27.80 7.97 1.61
N ASN B 118 28.43 7.77 0.43
CA ASN B 118 28.01 8.47 -0.74
C ASN B 118 28.46 7.84 -2.06
N LEU B 119 28.14 6.56 -2.25
CA LEU B 119 28.41 5.90 -3.51
C LEU B 119 27.25 5.00 -3.85
N ALA B 120 26.68 5.23 -5.01
CA ALA B 120 25.47 4.61 -5.45
C ALA B 120 25.77 3.23 -6.02
N LEU B 121 24.73 2.51 -6.43
CA LEU B 121 24.86 1.20 -7.03
C LEU B 121 25.83 1.13 -8.24
N GLN B 122 25.63 2.05 -9.19
CA GLN B 122 26.38 2.14 -10.43
C GLN B 122 27.11 3.45 -10.54
N PHE B 123 28.07 3.47 -11.43
CA PHE B 123 28.69 4.70 -11.88
C PHE B 123 27.71 5.39 -12.83
N PRO B 124 27.82 6.71 -12.98
CA PRO B 124 27.13 7.37 -14.08
C PRO B 124 27.50 6.72 -15.40
N ASP B 125 26.53 6.53 -16.28
CA ASP B 125 26.74 5.97 -17.63
C ASP B 125 27.97 6.53 -18.34
N GLU B 126 28.22 7.85 -18.23
CA GLU B 126 29.35 8.50 -18.93
C GLU B 126 30.74 8.03 -18.49
N VAL B 127 30.87 7.58 -17.24
CA VAL B 127 32.18 7.18 -16.71
C VAL B 127 32.56 5.83 -17.33
N GLN B 128 33.42 5.85 -18.35
CA GLN B 128 33.88 4.59 -18.94
C GLN B 128 35.42 4.39 -18.82
N THR B 129 36.21 5.41 -19.19
CA THR B 129 37.66 5.25 -19.24
C THR B 129 38.30 5.39 -17.87
N ASP B 130 39.53 4.93 -17.82
CA ASP B 130 40.36 4.93 -16.62
C ASP B 130 40.59 6.38 -16.09
N GLN B 131 40.74 7.35 -17.01
CA GLN B 131 40.82 8.78 -16.66
C GLN B 131 39.47 9.30 -16.11
N GLN B 132 38.37 8.93 -16.73
CA GLN B 132 37.04 9.33 -16.19
C GLN B 132 36.69 8.76 -14.78
N VAL B 133 37.23 7.59 -14.46
CA VAL B 133 37.05 6.92 -13.18
C VAL B 133 37.85 7.69 -12.20
N LEU B 134 39.08 8.03 -12.58
CA LEU B 134 39.96 8.80 -11.69
C LEU B 134 39.32 10.17 -11.34
N THR B 135 38.86 10.83 -12.39
CA THR B 135 38.10 12.04 -12.32
C THR B 135 36.89 11.90 -11.37
N PHE B 136 36.15 10.81 -11.56
CA PHE B 136 34.96 10.60 -10.72
C PHE B 136 35.36 10.54 -9.24
N PHE B 137 36.43 9.83 -8.88
CA PHE B 137 36.83 9.79 -7.49
C PHE B 137 37.53 11.04 -6.94
N LYS B 138 38.27 11.77 -7.79
CA LYS B 138 38.87 13.04 -7.36
C LYS B 138 37.80 14.04 -6.99
N ASP B 139 36.71 14.05 -7.76
CA ASP B 139 35.59 15.00 -7.58
C ASP B 139 34.59 14.63 -6.45
N TRP B 140 34.75 13.43 -5.88
CA TRP B 140 33.84 12.87 -4.88
C TRP B 140 33.85 13.67 -3.61
N LYS B 141 32.68 13.83 -3.02
CA LYS B 141 32.51 14.46 -1.72
C LYS B 141 31.70 13.56 -0.85
N PRO B 142 31.96 13.60 0.48
CA PRO B 142 31.17 12.85 1.43
C PRO B 142 29.73 13.33 1.49
N LYS B 143 28.84 12.49 2.02
CA LYS B 143 27.46 12.87 2.26
C LYS B 143 27.11 12.38 3.68
N ASN B 144 26.82 11.10 3.85
CA ASN B 144 26.54 10.59 5.19
C ASN B 144 27.80 10.31 5.95
N PRO B 145 27.71 10.29 7.29
CA PRO B 145 28.87 9.93 8.06
C PRO B 145 29.59 8.63 7.59
N ILE B 146 30.91 8.73 7.42
CA ILE B 146 31.69 7.61 6.92
C ILE B 146 31.68 6.38 7.85
N GLY B 147 31.44 5.25 7.21
CA GLY B 147 31.40 3.98 7.88
C GLY B 147 30.10 3.70 8.59
N GLU B 148 29.06 4.52 8.41
CA GLU B 148 27.81 4.29 9.16
C GLU B 148 26.63 3.79 8.34
N TYR B 149 26.62 4.06 7.04
CA TYR B 149 25.52 3.71 6.16
C TYR B 149 25.95 2.78 5.05
N ARG B 150 25.28 1.60 4.95
CA ARG B 150 25.55 0.65 3.90
C ARG B 150 24.75 0.98 2.68
N GLN B 151 25.44 1.19 1.56
CA GLN B 151 24.77 1.25 0.29
C GLN B 151 25.51 0.45 -0.73
N TYR B 152 24.85 -0.59 -1.20
CA TYR B 152 25.43 -1.63 -1.98
C TYR B 152 25.85 -0.97 -3.29
N SER B 153 27.11 -1.17 -3.69
CA SER B 153 27.74 -0.25 -4.69
C SER B 153 28.90 -0.91 -5.45
N ASN B 154 28.80 -0.91 -6.77
CA ASN B 154 29.87 -1.35 -7.67
C ASN B 154 31.09 -0.44 -7.66
N PRO B 155 30.89 0.88 -7.71
CA PRO B 155 32.02 1.81 -7.59
C PRO B 155 32.83 1.62 -6.34
N SER B 156 32.13 1.33 -5.21
CA SER B 156 32.79 1.18 -3.90
C SER B 156 33.78 -0.04 -3.85
N ILE B 157 33.29 -1.21 -4.20
CA ILE B 157 34.15 -2.39 -4.22
C ILE B 157 35.04 -2.41 -5.46
N GLY B 158 34.60 -1.80 -6.55
CA GLY B 158 35.46 -1.52 -7.70
C GLY B 158 36.73 -0.79 -7.30
N LEU B 159 36.58 0.33 -6.65
CA LEU B 159 37.78 1.05 -6.12
C LEU B 159 38.63 0.21 -5.22
N PHE B 160 38.00 -0.59 -4.33
CA PHE B 160 38.73 -1.53 -3.49
C PHE B 160 39.58 -2.51 -4.26
N GLY B 161 38.96 -3.19 -5.23
CA GLY B 161 39.68 -4.11 -6.08
C GLY B 161 40.83 -3.45 -6.86
N LYS B 162 40.54 -2.31 -7.45
CA LYS B 162 41.61 -1.46 -8.08
C LYS B 162 42.79 -1.19 -7.16
N VAL B 163 42.53 -0.81 -5.90
CA VAL B 163 43.60 -0.55 -4.93
C VAL B 163 44.40 -1.83 -4.56
N VAL B 164 43.67 -2.91 -4.30
CA VAL B 164 44.26 -4.22 -4.10
C VAL B 164 45.21 -4.55 -5.29
N ALA B 165 44.75 -4.32 -6.52
CA ALA B 165 45.58 -4.54 -7.69
C ALA B 165 46.87 -3.75 -7.62
N LEU B 166 46.73 -2.46 -7.38
CA LEU B 166 47.88 -1.56 -7.20
C LEU B 166 48.86 -2.02 -6.13
N SER B 167 48.39 -2.57 -4.99
CA SER B 167 49.30 -3.03 -3.95
C SER B 167 50.08 -4.29 -4.36
N MET B 168 49.55 -5.08 -5.29
CA MET B 168 50.19 -6.28 -5.79
C MET B 168 50.90 -6.07 -7.14
N ASN B 169 50.93 -4.83 -7.61
CA ASN B 169 51.64 -4.39 -8.83
C ASN B 169 51.30 -5.07 -10.12
N LYS B 170 50.04 -5.48 -10.25
CA LYS B 170 49.54 -6.18 -11.44
C LYS B 170 48.14 -5.58 -11.68
N PRO B 171 47.65 -5.54 -12.93
CA PRO B 171 46.24 -5.14 -13.11
C PRO B 171 45.27 -6.17 -12.52
N PHE B 172 44.09 -5.70 -12.13
CA PHE B 172 43.11 -6.54 -11.50
C PHE B 172 42.87 -7.88 -12.21
N ASP B 173 42.74 -7.89 -13.54
CA ASP B 173 42.50 -9.10 -14.29
C ASP B 173 43.65 -10.10 -14.10
N GLN B 174 44.88 -9.62 -13.97
CA GLN B 174 46.02 -10.51 -13.70
C GLN B 174 46.08 -11.00 -12.24
N VAL B 175 45.57 -10.21 -11.31
CA VAL B 175 45.53 -10.65 -9.93
C VAL B 175 44.71 -11.94 -9.87
N LEU B 176 43.53 -11.95 -10.49
CA LEU B 176 42.69 -13.13 -10.53
C LEU B 176 43.26 -14.25 -11.36
N GLU B 177 43.59 -13.93 -12.63
CA GLU B 177 43.93 -14.97 -13.58
C GLU B 177 45.33 -15.57 -13.31
N LYS B 178 46.24 -14.79 -12.75
CA LYS B 178 47.61 -15.32 -12.51
C LYS B 178 47.92 -15.64 -11.06
N THR B 179 47.23 -14.99 -10.12
CA THR B 179 47.48 -15.26 -8.71
C THR B 179 46.33 -16.00 -8.01
N ILE B 180 45.15 -15.38 -7.90
CA ILE B 180 44.10 -15.96 -7.04
C ILE B 180 43.48 -17.21 -7.65
N PHE B 181 43.07 -17.20 -8.93
CA PHE B 181 42.42 -18.40 -9.48
C PHE B 181 43.39 -19.60 -9.36
N PRO B 182 44.69 -19.43 -9.73
CA PRO B 182 45.58 -20.60 -9.60
C PRO B 182 45.77 -21.08 -8.18
N ALA B 183 45.90 -20.17 -7.21
CA ALA B 183 45.93 -20.57 -5.77
C ALA B 183 44.68 -21.31 -5.29
N LEU B 184 43.55 -21.09 -5.95
CA LEU B 184 42.31 -21.71 -5.57
C LEU B 184 42.12 -23.01 -6.38
N GLY B 185 43.05 -23.30 -7.30
CA GLY B 185 42.92 -24.40 -8.24
C GLY B 185 41.81 -24.32 -9.28
N LEU B 186 41.46 -23.10 -9.70
CA LEU B 186 40.42 -22.90 -10.70
C LEU B 186 41.09 -22.77 -12.07
N LYS B 187 40.68 -23.62 -12.99
CA LYS B 187 41.34 -23.69 -14.30
C LYS B 187 40.43 -23.19 -15.43
N HIS B 188 39.19 -22.82 -15.11
CA HIS B 188 38.22 -22.43 -16.10
C HIS B 188 37.42 -21.26 -15.63
N SER B 189 38.11 -20.32 -15.00
CA SER B 189 37.53 -19.10 -14.50
C SER B 189 38.29 -17.96 -15.09
N TYR B 190 37.56 -16.92 -15.54
CA TYR B 190 38.12 -15.81 -16.34
C TYR B 190 37.57 -14.45 -15.97
N VAL B 191 38.44 -13.43 -16.01
CA VAL B 191 37.99 -12.07 -16.16
C VAL B 191 37.71 -11.78 -17.66
N ASN B 192 38.55 -12.29 -18.55
CA ASN B 192 38.39 -12.15 -20.02
C ASN B 192 38.43 -13.55 -20.58
N VAL B 193 37.35 -14.01 -21.20
CA VAL B 193 37.30 -15.35 -21.76
C VAL B 193 38.17 -15.28 -23.05
N PRO B 194 39.19 -16.16 -23.15
CA PRO B 194 40.05 -16.12 -24.37
C PRO B 194 39.34 -16.72 -25.58
N LYS B 195 39.72 -16.25 -26.77
CA LYS B 195 39.18 -16.73 -28.04
C LYS B 195 38.98 -18.22 -28.04
N THR B 196 39.97 -18.93 -27.58
CA THR B 196 39.98 -20.37 -27.56
C THR B 196 38.87 -21.05 -26.71
N GLN B 197 38.19 -20.27 -25.86
CA GLN B 197 37.13 -20.76 -25.00
C GLN B 197 35.73 -20.19 -25.34
N MET B 198 35.63 -19.32 -26.35
CA MET B 198 34.38 -18.58 -26.63
C MET B 198 33.22 -19.47 -26.96
N GLN B 199 33.48 -20.71 -27.40
CA GLN B 199 32.43 -21.66 -27.68
C GLN B 199 31.82 -22.30 -26.45
N ASN B 200 32.43 -22.08 -25.29
CA ASN B 200 31.86 -22.61 -24.04
C ASN B 200 31.12 -21.54 -23.27
N TYR B 201 31.25 -20.30 -23.70
CA TYR B 201 30.70 -19.16 -23.04
C TYR B 201 29.26 -19.09 -23.51
N ALA B 202 28.35 -19.37 -22.58
CA ALA B 202 26.93 -19.34 -22.88
C ALA B 202 26.49 -17.97 -23.31
N PHE B 203 25.42 -17.91 -24.09
CA PHE B 203 24.67 -16.67 -24.22
C PHE B 203 23.92 -16.46 -22.92
N GLY B 204 23.83 -15.22 -22.47
CA GLY B 204 22.76 -14.85 -21.51
C GLY B 204 21.48 -14.51 -22.26
N TYR B 205 20.35 -14.58 -21.55
CA TYR B 205 19.05 -14.28 -22.15
C TYR B 205 18.34 -13.26 -21.30
N ASN B 206 17.80 -12.21 -21.94
CA ASN B 206 17.11 -11.18 -21.18
C ASN B 206 15.67 -11.57 -20.86
N GLN B 207 14.89 -10.62 -20.37
CA GLN B 207 13.49 -10.93 -19.98
C GLN B 207 12.56 -11.23 -21.14
N GLU B 208 12.94 -10.87 -22.36
CA GLU B 208 12.25 -11.37 -23.55
C GLU B 208 12.94 -12.55 -24.23
N ASN B 209 13.75 -13.31 -23.47
CA ASN B 209 14.58 -14.42 -24.01
C ASN B 209 15.43 -14.09 -25.26
N GLN B 210 15.95 -12.88 -25.32
CA GLN B 210 16.90 -12.53 -26.38
C GLN B 210 18.35 -12.65 -25.90
N PRO B 211 19.25 -13.19 -26.74
CA PRO B 211 20.58 -13.45 -26.23
C PRO B 211 21.40 -12.16 -26.12
N ILE B 212 22.08 -12.02 -24.99
N ILE B 212 22.07 -12.02 -24.98
CA ILE B 212 22.87 -10.85 -24.65
CA ILE B 212 22.83 -10.81 -24.58
C ILE B 212 24.09 -11.36 -23.87
C ILE B 212 24.04 -11.33 -23.79
N ARG B 213 25.11 -10.53 -23.72
CA ARG B 213 26.25 -10.81 -22.84
C ARG B 213 26.55 -9.51 -22.14
N VAL B 214 27.28 -9.58 -21.04
CA VAL B 214 27.56 -8.43 -20.24
C VAL B 214 28.28 -7.33 -21.05
N ASN B 215 27.96 -6.08 -20.73
CA ASN B 215 28.60 -4.91 -21.29
C ASN B 215 29.88 -4.52 -20.49
N PRO B 216 30.91 -4.04 -21.21
CA PRO B 216 32.10 -3.51 -20.55
C PRO B 216 31.76 -2.28 -19.75
N GLY B 217 32.48 -2.06 -18.67
CA GLY B 217 32.14 -0.97 -17.78
C GLY B 217 33.26 -0.55 -16.89
N PRO B 218 33.15 0.65 -16.28
CA PRO B 218 34.15 1.12 -15.35
C PRO B 218 34.24 0.18 -14.13
N LEU B 219 35.44 -0.37 -13.95
CA LEU B 219 35.80 -1.29 -12.90
C LEU B 219 34.85 -2.43 -12.81
N ASP B 220 34.45 -2.94 -13.97
CA ASP B 220 33.63 -4.10 -14.11
C ASP B 220 34.21 -5.38 -13.53
N ALA B 221 35.47 -5.69 -13.80
CA ALA B 221 36.07 -6.92 -13.33
C ALA B 221 35.85 -7.18 -11.82
N PRO B 222 36.28 -6.26 -10.96
CA PRO B 222 36.12 -6.48 -9.52
C PRO B 222 34.71 -6.47 -9.00
N ALA B 223 33.82 -5.73 -9.66
CA ALA B 223 32.44 -5.65 -9.24
C ALA B 223 31.55 -6.77 -9.81
N TYR B 224 31.67 -7.11 -11.09
CA TYR B 224 30.74 -8.10 -11.67
C TYR B 224 31.23 -8.80 -12.93
N GLY B 225 32.55 -8.86 -13.15
CA GLY B 225 33.10 -9.33 -14.44
C GLY B 225 33.78 -10.70 -14.55
N VAL B 226 33.50 -11.59 -13.61
CA VAL B 226 34.06 -12.92 -13.63
C VAL B 226 33.04 -13.89 -14.25
N LYS B 227 33.60 -14.87 -14.95
CA LYS B 227 32.92 -15.92 -15.64
C LYS B 227 33.61 -17.18 -15.19
N SER B 228 32.85 -18.25 -14.97
CA SER B 228 33.32 -19.53 -14.46
C SER B 228 32.31 -20.64 -14.78
N THR B 229 32.70 -21.87 -14.51
CA THR B 229 31.92 -23.04 -14.79
C THR B 229 31.43 -23.59 -13.49
N LEU B 230 30.56 -24.58 -13.56
CA LEU B 230 30.09 -25.24 -12.37
C LEU B 230 31.17 -25.98 -11.55
N PRO B 231 32.01 -26.80 -12.22
CA PRO B 231 33.07 -27.47 -11.49
C PRO B 231 34.02 -26.48 -10.78
N ASP B 232 34.40 -25.40 -11.45
CA ASP B 232 35.14 -24.33 -10.77
C ASP B 232 34.45 -23.74 -9.52
N MET B 233 33.20 -23.33 -9.63
CA MET B 233 32.51 -22.83 -8.49
C MET B 233 32.36 -23.79 -7.34
N LEU B 234 32.14 -25.08 -7.62
CA LEU B 234 32.13 -26.08 -6.57
C LEU B 234 33.51 -26.20 -5.85
N SER B 235 34.58 -25.98 -6.61
CA SER B 235 35.91 -25.96 -6.03
C SER B 235 36.09 -24.73 -5.13
N PHE B 236 35.58 -23.57 -5.59
CA PHE B 236 35.53 -22.37 -4.75
C PHE B 236 34.78 -22.59 -3.41
N ILE B 237 33.64 -23.26 -3.47
CA ILE B 237 32.88 -23.58 -2.26
C ILE B 237 33.68 -24.54 -1.41
N HIS B 238 34.32 -25.51 -2.04
CA HIS B 238 35.17 -26.43 -1.31
C HIS B 238 36.26 -25.71 -0.46
N ALA B 239 36.95 -24.79 -1.11
CA ALA B 239 37.90 -23.92 -0.49
C ALA B 239 37.37 -23.12 0.71
N ASN B 240 36.17 -22.54 0.61
CA ASN B 240 35.54 -21.84 1.66
C ASN B 240 35.09 -22.69 2.78
N LEU B 241 34.66 -23.90 2.43
CA LEU B 241 34.36 -24.94 3.40
C LEU B 241 35.59 -25.53 4.06
N ASN B 242 36.73 -25.60 3.38
CA ASN B 242 37.96 -26.25 3.94
C ASN B 242 39.19 -25.40 3.72
N PRO B 243 39.17 -24.17 4.22
CA PRO B 243 40.31 -23.28 4.08
C PRO B 243 41.63 -23.90 4.55
N GLN B 244 41.59 -24.74 5.59
CA GLN B 244 42.76 -25.45 6.14
C GLN B 244 43.49 -26.38 5.15
N LYS B 245 42.84 -26.77 4.06
CA LYS B 245 43.49 -27.61 3.04
C LYS B 245 44.30 -26.79 1.99
N TYR B 246 44.55 -25.50 2.20
CA TYR B 246 45.17 -24.64 1.18
C TYR B 246 46.41 -24.05 1.81
N PRO B 247 47.41 -23.65 1.01
CA PRO B 247 48.58 -22.99 1.60
C PRO B 247 48.17 -21.75 2.40
N THR B 248 49.02 -21.44 3.38
CA THR B 248 48.85 -20.31 4.30
C THR B 248 48.21 -19.04 3.69
N ASP B 249 48.80 -18.51 2.62
CA ASP B 249 48.40 -17.19 2.13
C ASP B 249 46.96 -17.17 1.62
N ILE B 250 46.59 -18.23 0.89
CA ILE B 250 45.23 -18.29 0.37
C ILE B 250 44.26 -18.70 1.44
N GLN B 251 44.69 -19.54 2.39
CA GLN B 251 43.84 -19.92 3.57
C GLN B 251 43.42 -18.71 4.43
N ARG B 252 44.41 -17.86 4.72
CA ARG B 252 44.16 -16.67 5.48
C ARG B 252 43.25 -15.74 4.68
N ALA B 253 43.50 -15.63 3.36
CA ALA B 253 42.64 -14.85 2.46
C ALA B 253 41.18 -15.31 2.58
N ILE B 254 41.00 -16.61 2.54
CA ILE B 254 39.69 -17.19 2.62
C ILE B 254 39.02 -16.86 3.90
N ASN B 255 39.72 -17.12 4.98
CA ASN B 255 39.18 -16.84 6.32
C ASN B 255 38.88 -15.38 6.55
N GLU B 256 39.68 -14.48 5.96
CA GLU B 256 39.46 -13.05 6.09
C GLU B 256 38.08 -12.67 5.49
N THR B 257 37.69 -13.34 4.39
CA THR B 257 36.40 -13.08 3.74
C THR B 257 35.17 -13.55 4.59
N HIS B 258 35.41 -14.36 5.58
CA HIS B 258 34.37 -14.91 6.43
C HIS B 258 34.07 -14.05 7.65
N GLN B 259 34.86 -13.04 7.94
CA GLN B 259 34.71 -12.30 9.20
C GLN B 259 33.66 -11.21 9.02
N GLY B 260 32.58 -11.31 9.78
CA GLY B 260 31.57 -10.23 9.79
C GLY B 260 32.18 -8.94 10.34
N ARG B 261 31.78 -7.82 9.78
CA ARG B 261 32.30 -6.50 10.12
C ARG B 261 31.25 -5.61 10.78
N TYR B 262 29.96 -5.82 10.45
CA TYR B 262 28.82 -5.08 10.99
C TYR B 262 27.58 -5.87 10.67
N GLN B 263 26.41 -5.45 11.16
CA GLN B 263 25.18 -6.05 10.73
C GLN B 263 24.14 -5.04 10.32
N VAL B 264 23.21 -5.55 9.54
CA VAL B 264 21.98 -4.87 9.20
C VAL B 264 20.91 -5.93 9.59
N ASN B 265 20.48 -5.77 10.82
CA ASN B 265 19.56 -6.67 11.48
C ASN B 265 20.15 -8.06 11.44
N THR B 266 19.59 -9.03 10.73
CA THR B 266 20.09 -10.40 10.86
C THR B 266 21.23 -10.71 9.89
N MET B 267 21.49 -9.82 8.95
CA MET B 267 22.59 -10.04 8.01
C MET B 267 23.83 -9.43 8.54
N TYR B 268 24.91 -10.22 8.51
CA TYR B 268 26.25 -9.78 8.80
C TYR B 268 26.98 -9.60 7.45
N GLN B 269 27.54 -8.43 7.24
CA GLN B 269 28.33 -8.12 6.06
C GLN B 269 29.74 -8.56 6.39
N ALA B 270 30.14 -9.63 5.72
CA ALA B 270 31.55 -10.00 5.64
C ALA B 270 32.19 -9.34 4.39
N LEU B 271 33.35 -9.82 3.96
CA LEU B 271 34.01 -9.29 2.82
C LEU B 271 33.49 -10.05 1.63
N GLY B 272 32.58 -9.43 0.88
CA GLY B 272 31.87 -10.04 -0.24
C GLY B 272 30.67 -10.85 0.21
N TRP B 273 30.96 -11.90 0.97
CA TRP B 273 29.96 -12.78 1.50
C TRP B 273 28.99 -12.05 2.41
N GLU B 274 27.74 -12.45 2.37
CA GLU B 274 26.85 -12.19 3.47
C GLU B 274 26.81 -13.35 4.40
N GLU B 275 26.70 -13.08 5.69
CA GLU B 275 26.79 -14.09 6.74
C GLU B 275 25.60 -14.06 7.71
N PHE B 276 25.20 -15.22 8.21
CA PHE B 276 24.02 -15.32 9.05
C PHE B 276 24.31 -16.33 10.13
N SER B 277 23.60 -16.18 11.24
CA SER B 277 23.65 -17.17 12.26
C SER B 277 22.95 -18.47 11.76
N TYR B 278 23.63 -19.62 11.90
CA TYR B 278 23.14 -20.92 11.52
C TYR B 278 22.65 -21.68 12.79
N PRO B 279 21.49 -22.34 12.79
CA PRO B 279 20.59 -22.38 11.63
C PRO B 279 19.91 -21.04 11.35
N ALA B 280 19.77 -20.70 10.06
CA ALA B 280 19.01 -19.53 9.64
C ALA B 280 17.64 -19.96 9.14
N THR B 281 16.59 -19.22 9.44
CA THR B 281 15.35 -19.34 8.71
C THR B 281 15.47 -18.85 7.26
N LEU B 282 14.56 -19.40 6.44
CA LEU B 282 14.37 -18.99 5.06
C LEU B 282 14.12 -17.51 4.95
N GLN B 283 13.24 -16.96 5.81
CA GLN B 283 12.92 -15.54 5.73
C GLN B 283 14.10 -14.60 6.01
N THR B 284 14.95 -14.99 6.93
CA THR B 284 16.15 -14.26 7.22
C THR B 284 17.01 -14.15 5.92
N LEU B 285 17.10 -15.27 5.18
CA LEU B 285 17.90 -15.33 3.96
C LEU B 285 17.26 -14.47 2.85
N LEU B 286 15.94 -14.59 2.71
CA LEU B 286 15.15 -13.71 1.83
C LEU B 286 15.27 -12.23 2.17
N ASP B 287 15.23 -11.92 3.46
CA ASP B 287 15.37 -10.55 3.96
C ASP B 287 16.68 -9.88 3.50
N SER B 288 17.72 -10.68 3.38
CA SER B 288 19.05 -10.21 3.02
C SER B 288 19.07 -9.47 1.68
N ASN B 289 18.25 -9.90 0.73
CA ASN B 289 18.32 -9.33 -0.60
C ASN B 289 16.98 -8.65 -0.96
N SER B 290 16.29 -8.15 0.06
CA SER B 290 15.13 -7.27 -0.14
C SER B 290 15.50 -5.96 -0.88
N GLU B 291 14.51 -5.36 -1.54
CA GLU B 291 14.71 -4.08 -2.21
C GLU B 291 15.36 -3.07 -1.23
N GLN B 292 14.90 -3.05 0.03
CA GLN B 292 15.38 -2.09 1.05
C GLN B 292 16.91 -2.26 1.34
N ILE B 293 17.35 -3.50 1.44
CA ILE B 293 18.78 -3.80 1.75
C ILE B 293 19.61 -3.56 0.48
N VAL B 294 19.13 -4.07 -0.64
CA VAL B 294 19.89 -4.01 -1.89
C VAL B 294 19.98 -2.59 -2.46
N MET B 295 18.89 -1.82 -2.50
CA MET B 295 18.85 -0.60 -3.32
C MET B 295 18.93 0.71 -2.56
N LYS B 296 18.80 0.70 -1.24
CA LYS B 296 18.67 1.90 -0.46
C LYS B 296 19.78 1.88 0.55
N PRO B 297 20.12 3.03 1.13
CA PRO B 297 21.12 3.11 2.23
C PRO B 297 20.54 2.59 3.56
N ASN B 298 21.29 1.85 4.35
CA ASN B 298 20.79 1.36 5.64
C ASN B 298 21.83 1.61 6.67
N LYS B 299 21.43 2.23 7.77
CA LYS B 299 22.36 2.43 8.90
C LYS B 299 22.90 1.08 9.38
N VAL B 300 24.19 0.97 9.62
CA VAL B 300 24.72 -0.32 10.08
C VAL B 300 24.77 -0.24 11.58
N THR B 301 24.86 -1.41 12.21
CA THR B 301 25.10 -1.53 13.64
C THR B 301 26.33 -2.40 13.91
N ALA B 302 27.05 -2.11 14.98
CA ALA B 302 28.13 -2.98 15.43
C ALA B 302 27.58 -4.35 15.78
N ILE B 303 28.41 -5.36 15.59
CA ILE B 303 28.06 -6.70 15.91
C ILE B 303 28.01 -6.84 17.46
N SER B 304 26.83 -7.17 17.98
CA SER B 304 26.64 -7.37 19.42
C SER B 304 26.21 -8.80 19.80
N LYS B 305 25.94 -9.65 18.80
CA LYS B 305 26.02 -11.10 19.00
C LYS B 305 26.77 -11.68 17.82
N GLU B 306 27.95 -12.26 18.08
CA GLU B 306 28.72 -13.05 17.11
C GLU B 306 28.35 -14.52 17.30
N PRO B 307 27.61 -15.10 16.33
CA PRO B 307 27.29 -16.51 16.47
C PRO B 307 28.51 -17.39 16.24
N SER B 308 28.48 -18.51 16.93
CA SER B 308 29.49 -19.57 16.90
C SER B 308 29.49 -20.24 15.54
N VAL B 309 28.31 -20.56 15.06
CA VAL B 309 28.11 -21.29 13.79
C VAL B 309 27.35 -20.41 12.79
N LYS B 310 27.92 -20.24 11.61
CA LYS B 310 27.37 -19.37 10.57
C LYS B 310 27.04 -20.08 9.25
N MET B 311 26.24 -19.40 8.44
CA MET B 311 26.18 -19.73 7.01
C MET B 311 26.40 -18.48 6.16
N TYR B 312 26.76 -18.68 4.89
CA TYR B 312 27.27 -17.62 4.04
C TYR B 312 26.57 -17.76 2.70
N HIS B 313 26.13 -16.67 2.10
CA HIS B 313 25.62 -16.73 0.74
C HIS B 313 25.97 -15.48 -0.06
N LYS B 314 25.79 -15.55 -1.36
CA LYS B 314 25.86 -14.37 -2.22
C LYS B 314 25.00 -14.60 -3.47
N THR B 315 24.15 -13.62 -3.80
CA THR B 315 23.49 -13.63 -5.10
C THR B 315 24.33 -12.89 -6.14
N GLY B 316 24.13 -13.22 -7.41
CA GLY B 316 24.65 -12.37 -8.48
C GLY B 316 23.81 -12.37 -9.72
N SER B 317 23.78 -11.25 -10.39
CA SER B 317 23.06 -11.16 -11.65
C SER B 317 23.83 -10.28 -12.65
N THR B 318 23.74 -10.64 -13.90
CA THR B 318 24.04 -9.69 -15.00
C THR B 318 22.67 -9.60 -15.67
N SER B 319 22.54 -8.77 -16.70
CA SER B 319 21.25 -8.71 -17.49
C SER B 319 20.75 -10.05 -17.96
N GLY B 320 21.69 -10.95 -18.30
CA GLY B 320 21.38 -12.24 -18.88
C GLY B 320 21.61 -13.51 -18.03
N PHE B 321 22.11 -13.36 -16.79
CA PHE B 321 22.52 -14.47 -16.00
C PHE B 321 22.17 -14.30 -14.53
N GLY B 322 21.84 -15.41 -13.90
CA GLY B 322 21.61 -15.47 -12.45
C GLY B 322 22.60 -16.41 -11.78
N THR B 323 23.01 -16.01 -10.58
CA THR B 323 23.91 -16.80 -9.76
C THR B 323 23.49 -16.79 -8.25
N TYR B 324 23.75 -17.92 -7.61
CA TYR B 324 23.57 -18.08 -6.18
C TYR B 324 24.54 -19.12 -5.67
N VAL B 325 25.26 -18.77 -4.61
CA VAL B 325 26.23 -19.64 -3.93
C VAL B 325 25.95 -19.53 -2.43
N VAL B 326 25.94 -20.67 -1.76
CA VAL B 326 25.69 -20.74 -0.33
C VAL B 326 26.51 -21.89 0.27
N PHE B 327 26.98 -21.77 1.53
CA PHE B 327 27.74 -22.82 2.19
C PHE B 327 27.59 -22.72 3.72
N ILE B 328 27.72 -23.89 4.34
CA ILE B 328 27.44 -24.04 5.79
C ILE B 328 28.56 -24.87 6.37
N PRO B 329 29.59 -24.23 6.93
CA PRO B 329 30.76 -25.03 7.40
C PRO B 329 30.41 -26.15 8.40
N LYS B 330 29.42 -25.95 9.24
CA LYS B 330 29.09 -26.96 10.26
C LYS B 330 28.64 -28.29 9.59
N GLU B 331 27.84 -28.26 8.52
CA GLU B 331 27.41 -29.47 7.81
C GLU B 331 28.35 -29.83 6.65
N ASN B 332 29.40 -29.08 6.47
CA ASN B 332 30.33 -29.26 5.38
C ASN B 332 29.61 -29.44 4.04
N ILE B 333 28.74 -28.48 3.74
CA ILE B 333 27.87 -28.56 2.62
C ILE B 333 27.73 -27.20 1.95
N GLY B 334 27.55 -27.19 0.63
CA GLY B 334 27.32 -25.98 -0.13
C GLY B 334 26.69 -26.22 -1.46
N LEU B 335 26.20 -25.16 -2.06
CA LEU B 335 25.41 -25.26 -3.27
C LEU B 335 25.79 -24.09 -4.16
N VAL B 336 25.82 -24.34 -5.47
CA VAL B 336 25.94 -23.34 -6.53
C VAL B 336 24.82 -23.53 -7.55
N MET B 337 24.12 -22.44 -7.85
CA MET B 337 23.22 -22.37 -9.00
C MET B 337 23.74 -21.32 -9.98
N LEU B 338 23.90 -21.73 -11.23
CA LEU B 338 24.12 -20.83 -12.37
C LEU B 338 22.99 -20.96 -13.36
N THR B 339 22.42 -19.81 -13.74
CA THR B 339 21.49 -19.76 -14.90
C THR B 339 21.86 -18.72 -15.93
N ASN B 340 21.44 -18.95 -17.19
CA ASN B 340 21.58 -17.98 -18.25
C ASN B 340 20.28 -17.23 -18.54
N LYS B 341 19.48 -17.07 -17.49
CA LYS B 341 18.49 -16.03 -17.41
C LYS B 341 18.30 -15.69 -15.93
N ARG B 342 18.19 -14.42 -15.65
CA ARG B 342 17.90 -13.91 -14.34
C ARG B 342 16.51 -14.36 -13.93
N ILE B 343 16.40 -14.96 -12.73
CA ILE B 343 15.13 -15.30 -12.07
C ILE B 343 15.14 -14.63 -10.68
N PRO B 344 13.97 -14.45 -10.05
CA PRO B 344 13.99 -13.71 -8.75
C PRO B 344 14.92 -14.34 -7.72
N ASN B 345 15.71 -13.50 -7.04
CA ASN B 345 16.57 -13.95 -5.95
C ASN B 345 15.79 -14.86 -4.97
N GLU B 346 14.54 -14.49 -4.63
CA GLU B 346 13.67 -15.32 -3.72
C GLU B 346 13.61 -16.78 -4.13
N GLU B 347 13.50 -17.03 -5.44
CA GLU B 347 13.30 -18.40 -5.92
C GLU B 347 14.58 -19.20 -5.81
N ARG B 348 15.71 -18.52 -6.01
CA ARG B 348 17.01 -19.18 -5.96
C ARG B 348 17.29 -19.56 -4.50
N ILE B 349 17.03 -18.63 -3.61
CA ILE B 349 17.37 -18.78 -2.21
C ILE B 349 16.54 -19.91 -1.63
N LYS B 350 15.24 -19.84 -1.88
CA LYS B 350 14.33 -20.88 -1.45
C LYS B 350 14.63 -22.26 -2.01
N ALA B 351 15.02 -22.39 -3.29
CA ALA B 351 15.23 -23.74 -3.84
C ALA B 351 16.48 -24.31 -3.21
N ALA B 352 17.47 -23.46 -2.99
CA ALA B 352 18.69 -23.95 -2.34
C ALA B 352 18.44 -24.37 -0.84
N TYR B 353 17.57 -23.66 -0.16
CA TYR B 353 17.27 -23.85 1.25
C TYR B 353 16.58 -25.22 1.39
N VAL B 354 15.64 -25.50 0.49
CA VAL B 354 14.90 -26.76 0.63
C VAL B 354 15.86 -27.94 0.36
N VAL B 355 16.64 -27.83 -0.71
CA VAL B 355 17.63 -28.84 -1.03
C VAL B 355 18.63 -29.05 0.11
N LEU B 356 19.30 -28.01 0.59
CA LEU B 356 20.32 -28.19 1.61
C LEU B 356 19.76 -28.72 2.93
N ASN B 357 18.52 -28.41 3.26
CA ASN B 357 17.93 -28.95 4.47
C ASN B 357 17.40 -30.37 4.36
N ALA B 358 17.07 -30.83 3.14
CA ALA B 358 16.50 -32.16 2.92
C ALA B 358 17.60 -33.20 2.82
N ILE B 359 18.81 -32.79 2.51
CA ILE B 359 19.90 -33.74 2.28
C ILE B 359 20.35 -34.47 3.56
N LYS B 360 20.22 -35.80 3.55
CA LYS B 360 20.60 -36.65 4.66
C LYS B 360 22.07 -36.43 5.06
N LYS B 361 22.34 -36.52 6.36
CA LYS B 361 23.65 -36.18 6.97
C LYS B 361 24.80 -37.09 6.54
N PRO C 5 -32.15 41.72 18.74
CA PRO C 5 -33.21 40.99 19.43
C PRO C 5 -32.66 39.85 20.32
N LYS C 6 -33.13 38.60 20.14
CA LYS C 6 -32.47 37.39 20.70
C LYS C 6 -31.32 36.83 19.81
N ASP C 7 -31.12 37.44 18.62
CA ASP C 7 -29.99 37.22 17.68
C ASP C 7 -28.62 37.13 18.33
N GLN C 8 -28.42 37.86 19.42
CA GLN C 8 -27.14 37.88 20.13
C GLN C 8 -26.98 36.81 21.24
N GLU C 9 -28.08 36.40 21.89
CA GLU C 9 -28.01 35.37 22.95
C GLU C 9 -27.60 34.00 22.36
N ILE C 10 -28.24 33.65 21.24
CA ILE C 10 -27.92 32.44 20.46
C ILE C 10 -26.46 32.47 19.99
N LYS C 11 -26.12 33.56 19.29
CA LYS C 11 -24.75 33.84 18.82
C LYS C 11 -23.75 33.51 19.91
N LYS C 12 -23.99 34.08 21.08
CA LYS C 12 -23.15 33.83 22.24
C LYS C 12 -23.10 32.34 22.56
N LEU C 13 -24.25 31.65 22.50
CA LEU C 13 -24.32 30.20 22.83
C LEU C 13 -23.50 29.35 21.83
N VAL C 14 -23.76 29.58 20.55
CA VAL C 14 -23.06 28.92 19.44
C VAL C 14 -21.56 29.20 19.54
N ASP C 15 -21.21 30.44 19.88
CA ASP C 15 -19.81 30.80 20.06
C ASP C 15 -19.22 30.07 21.24
N GLN C 16 -19.97 29.98 22.34
CA GLN C 16 -19.54 29.21 23.52
C GLN C 16 -19.33 27.71 23.25
N ASN C 17 -20.19 27.12 22.42
CA ASN C 17 -20.26 25.65 22.26
C ASN C 17 -19.68 25.02 20.98
N PHE C 18 -19.93 25.66 19.83
CA PHE C 18 -19.42 25.17 18.53
C PHE C 18 -18.04 25.77 18.21
N LYS C 19 -17.90 27.10 18.28
CA LYS C 19 -16.63 27.73 17.93
C LYS C 19 -15.34 27.04 18.43
N PRO C 20 -15.28 26.60 19.72
CA PRO C 20 -14.01 25.99 20.12
C PRO C 20 -13.66 24.75 19.30
N LEU C 21 -14.69 24.10 18.74
CA LEU C 21 -14.52 22.86 17.96
C LEU C 21 -13.67 23.05 16.70
N LEU C 22 -13.67 24.28 16.17
CA LEU C 22 -12.81 24.68 15.06
C LEU C 22 -11.33 24.59 15.39
N GLU C 23 -10.86 25.29 16.43
CA GLU C 23 -9.42 25.20 16.77
C GLU C 23 -9.10 23.82 17.26
N LYS C 24 -10.07 23.20 17.93
CA LYS C 24 -9.86 21.93 18.59
C LYS C 24 -9.54 20.84 17.57
N TYR C 25 -10.32 20.82 16.49
CA TYR C 25 -10.16 19.80 15.44
C TYR C 25 -9.57 20.36 14.14
N ASP C 26 -9.24 21.65 14.11
CA ASP C 26 -8.48 22.24 13.01
C ASP C 26 -9.39 22.27 11.77
N VAL C 27 -10.62 22.77 11.99
CA VAL C 27 -11.69 22.71 11.01
C VAL C 27 -11.72 24.03 10.28
N PRO C 28 -11.58 24.02 8.93
CA PRO C 28 -11.43 25.32 8.31
C PRO C 28 -12.66 26.23 8.39
N GLY C 29 -13.85 25.70 8.18
CA GLY C 29 -15.08 26.48 8.13
C GLY C 29 -16.29 25.71 8.70
N MET C 30 -17.36 26.46 9.01
CA MET C 30 -18.54 25.93 9.69
C MET C 30 -19.72 26.88 9.57
N ALA C 31 -20.90 26.32 9.36
CA ALA C 31 -22.14 27.10 9.38
C ALA C 31 -23.07 26.46 10.42
N VAL C 32 -23.47 27.24 11.43
CA VAL C 32 -24.40 26.78 12.47
C VAL C 32 -25.68 27.62 12.40
N GLY C 33 -26.79 26.94 12.15
CA GLY C 33 -28.10 27.56 12.04
C GLY C 33 -29.05 27.02 13.12
N VAL C 34 -29.82 27.93 13.72
CA VAL C 34 -30.87 27.61 14.68
C VAL C 34 -32.15 28.16 14.12
N ILE C 35 -33.23 27.39 14.19
CA ILE C 35 -34.57 27.93 13.92
C ILE C 35 -35.39 27.74 15.20
N GLN C 36 -36.23 28.75 15.48
CA GLN C 36 -37.19 28.78 16.60
C GLN C 36 -38.40 29.62 16.22
N ASN C 37 -39.56 28.98 16.09
CA ASN C 37 -40.87 29.65 15.94
C ASN C 37 -40.92 30.53 14.68
N ASN C 38 -40.42 30.00 13.57
CA ASN C 38 -40.27 30.75 12.30
C ASN C 38 -39.12 31.79 12.22
N LYS C 39 -38.31 31.96 13.28
CA LYS C 39 -37.15 32.92 13.27
C LYS C 39 -35.79 32.24 13.03
N LYS C 40 -35.10 32.60 11.93
CA LYS C 40 -33.87 31.90 11.51
C LYS C 40 -32.60 32.65 11.90
N TYR C 41 -31.68 31.93 12.55
CA TYR C 41 -30.41 32.48 13.01
C TYR C 41 -29.30 31.72 12.32
N GLU C 42 -28.46 32.44 11.59
CA GLU C 42 -27.41 31.85 10.78
C GLU C 42 -26.09 32.37 11.29
N MET C 43 -25.15 31.48 11.57
CA MET C 43 -23.82 31.91 12.09
C MET C 43 -22.70 31.18 11.37
N TYR C 44 -21.66 31.91 10.97
CA TYR C 44 -20.70 31.42 10.00
C TYR C 44 -19.30 31.61 10.51
N TYR C 45 -18.49 30.57 10.37
CA TYR C 45 -17.11 30.60 10.82
C TYR C 45 -16.13 30.21 9.69
N GLY C 46 -15.03 30.94 9.62
CA GLY C 46 -13.87 30.53 8.87
C GLY C 46 -14.15 30.47 7.38
N LEU C 47 -13.56 29.48 6.73
CA LEU C 47 -13.34 29.48 5.28
C LEU C 47 -14.07 28.34 4.59
N GLN C 48 -14.83 28.69 3.55
CA GLN C 48 -15.29 27.75 2.51
C GLN C 48 -14.17 27.02 1.76
N SER C 49 -13.11 27.74 1.44
CA SER C 49 -11.94 27.26 0.70
C SER C 49 -10.75 28.04 1.18
N VAL C 50 -9.73 27.35 1.66
CA VAL C 50 -8.55 27.96 2.14
C VAL C 50 -7.75 28.57 0.98
N GLN C 51 -7.54 27.80 -0.08
CA GLN C 51 -6.76 28.20 -1.26
C GLN C 51 -7.36 29.42 -1.95
N ASP C 52 -8.67 29.47 -2.06
CA ASP C 52 -9.37 30.62 -2.67
C ASP C 52 -9.68 31.78 -1.72
N LYS C 53 -9.19 31.71 -0.47
CA LYS C 53 -9.46 32.75 0.51
C LYS C 53 -10.96 33.16 0.55
N LYS C 54 -11.87 32.17 0.58
CA LYS C 54 -13.30 32.42 0.56
C LYS C 54 -13.91 32.04 1.90
N ALA C 55 -14.74 32.94 2.44
CA ALA C 55 -15.33 32.79 3.78
C ALA C 55 -16.66 32.11 3.64
N VAL C 56 -17.00 31.29 4.62
CA VAL C 56 -18.28 30.62 4.73
C VAL C 56 -19.31 31.71 4.93
N ASN C 57 -20.35 31.67 4.13
CA ASN C 57 -21.40 32.66 4.11
C ASN C 57 -22.65 31.89 3.71
N SER C 58 -23.74 32.62 3.47
CA SER C 58 -25.06 32.03 3.30
C SER C 58 -25.28 31.23 2.04
N ASN C 59 -24.45 31.46 1.04
CA ASN C 59 -24.46 30.72 -0.21
C ASN C 59 -23.50 29.52 -0.19
N THR C 60 -22.69 29.33 0.85
CA THR C 60 -21.70 28.24 0.81
C THR C 60 -22.41 26.90 0.70
N ILE C 61 -21.96 26.03 -0.21
CA ILE C 61 -22.58 24.69 -0.42
C ILE C 61 -21.70 23.61 0.27
N PHE C 62 -22.32 22.82 1.17
CA PHE C 62 -21.66 21.77 1.94
C PHE C 62 -22.23 20.45 1.47
N GLU C 63 -21.39 19.40 1.41
CA GLU C 63 -21.81 18.02 1.27
C GLU C 63 -22.55 17.56 2.53
N LEU C 64 -23.73 17.00 2.36
CA LEU C 64 -24.54 16.55 3.49
C LEU C 64 -24.18 15.15 3.99
N GLY C 65 -23.55 14.38 3.11
CA GLY C 65 -23.33 12.95 3.37
C GLY C 65 -24.64 12.27 3.70
N SER C 66 -24.70 11.52 4.80
CA SER C 66 -25.90 10.71 5.06
C SER C 66 -27.14 11.48 5.40
N VAL C 67 -27.04 12.77 5.65
CA VAL C 67 -28.28 13.59 5.78
C VAL C 67 -29.04 13.62 4.43
N SER C 68 -28.33 13.32 3.32
CA SER C 68 -28.93 13.09 1.99
C SER C 68 -30.00 12.03 2.06
N LYS C 69 -29.86 11.05 2.94
CA LYS C 69 -30.92 10.01 3.11
C LYS C 69 -32.31 10.55 3.47
N LEU C 70 -32.35 11.74 4.07
CA LEU C 70 -33.62 12.32 4.49
C LEU C 70 -34.38 12.87 3.30
N PHE C 71 -33.66 13.32 2.27
CA PHE C 71 -34.25 13.67 0.99
C PHE C 71 -34.68 12.49 0.20
N THR C 72 -33.94 11.40 0.23
CA THR C 72 -34.33 10.17 -0.45
C THR C 72 -35.62 9.61 0.14
N ALA C 73 -35.74 9.78 1.47
CA ALA C 73 -36.89 9.32 2.23
C ALA C 73 -38.10 10.14 1.82
N THR C 74 -37.94 11.48 1.92
CA THR C 74 -38.94 12.45 1.47
C THR C 74 -39.37 12.15 0.01
N ALA C 75 -38.44 11.74 -0.85
CA ALA C 75 -38.79 11.38 -2.25
C ALA C 75 -39.50 10.03 -2.35
N GLY C 76 -39.25 9.15 -1.37
CA GLY C 76 -40.05 7.94 -1.20
C GLY C 76 -41.42 8.23 -0.60
N GLY C 77 -41.47 9.21 0.31
CA GLY C 77 -42.74 9.64 0.93
C GLY C 77 -43.69 10.39 -0.01
N TYR C 78 -43.14 11.14 -0.97
CA TYR C 78 -43.93 11.83 -2.01
C TYR C 78 -44.41 10.84 -3.07
N ALA C 79 -43.53 9.94 -3.49
CA ALA C 79 -43.89 8.88 -4.44
C ALA C 79 -44.94 7.91 -3.86
N LYS C 80 -44.90 7.67 -2.53
CA LYS C 80 -45.90 6.80 -1.88
C LYS C 80 -47.25 7.53 -1.78
N ASN C 81 -47.28 8.73 -1.19
CA ASN C 81 -48.55 9.49 -1.09
C ASN C 81 -49.18 9.87 -2.46
N LYS C 82 -48.38 9.86 -3.54
CA LYS C 82 -48.87 10.01 -4.93
C LYS C 82 -49.24 8.68 -5.61
N GLY C 83 -48.91 7.54 -5.00
CA GLY C 83 -49.36 6.24 -5.48
C GLY C 83 -48.52 5.61 -6.59
N LYS C 84 -47.35 6.20 -6.86
CA LYS C 84 -46.43 5.63 -7.85
C LYS C 84 -45.73 4.40 -7.29
N ILE C 85 -45.60 4.36 -5.96
CA ILE C 85 -45.07 3.18 -5.24
C ILE C 85 -45.96 2.79 -4.06
N SER C 86 -45.87 1.50 -3.71
CA SER C 86 -46.31 0.96 -2.41
C SER C 86 -45.10 0.41 -1.62
N PHE C 87 -45.07 0.68 -0.31
CA PHE C 87 -44.05 0.14 0.59
C PHE C 87 -44.09 -1.38 0.71
N ASP C 88 -45.25 -1.98 0.52
CA ASP C 88 -45.31 -3.43 0.45
C ASP C 88 -44.64 -3.96 -0.84
N ASP C 89 -44.48 -3.13 -1.90
CA ASP C 89 -43.83 -3.59 -3.17
C ASP C 89 -42.40 -4.05 -2.99
N THR C 90 -41.88 -4.72 -4.03
CA THR C 90 -40.51 -5.20 -4.07
C THR C 90 -39.78 -4.57 -5.30
N PRO C 91 -38.44 -4.70 -5.35
CA PRO C 91 -37.73 -3.89 -6.37
C PRO C 91 -38.04 -4.24 -7.83
N GLY C 92 -38.14 -5.54 -8.15
CA GLY C 92 -38.43 -6.05 -9.50
C GLY C 92 -39.69 -5.53 -10.19
N LYS C 93 -40.65 -5.07 -9.40
CA LYS C 93 -41.88 -4.38 -9.88
C LYS C 93 -41.61 -3.05 -10.60
N TYR C 94 -40.45 -2.45 -10.31
CA TYR C 94 -40.02 -1.25 -10.99
C TYR C 94 -38.74 -1.46 -11.78
N TRP C 95 -37.74 -2.09 -11.16
CA TRP C 95 -36.52 -2.44 -11.86
C TRP C 95 -36.69 -3.84 -12.47
N LYS C 96 -37.35 -3.89 -13.64
CA LYS C 96 -37.70 -5.14 -14.34
C LYS C 96 -36.62 -6.22 -14.26
N GLU C 97 -35.35 -5.84 -14.37
CA GLU C 97 -34.24 -6.81 -14.50
C GLU C 97 -34.00 -7.60 -13.21
N LEU C 98 -34.56 -7.11 -12.10
CA LEU C 98 -34.54 -7.81 -10.83
C LEU C 98 -35.81 -8.61 -10.52
N LYS C 99 -36.78 -8.66 -11.45
CA LYS C 99 -37.96 -9.56 -11.35
C LYS C 99 -37.51 -10.99 -11.02
N ASN C 100 -38.18 -11.60 -10.04
CA ASN C 100 -37.92 -12.99 -9.63
C ASN C 100 -36.43 -13.34 -9.28
N THR C 101 -35.73 -12.38 -8.64
CA THR C 101 -34.43 -12.63 -7.96
C THR C 101 -34.71 -12.69 -6.45
N PRO C 102 -33.74 -13.20 -5.66
CA PRO C 102 -33.90 -13.22 -4.19
C PRO C 102 -34.09 -11.83 -3.54
N ILE C 103 -33.35 -10.82 -4.03
CA ILE C 103 -33.56 -9.41 -3.60
C ILE C 103 -35.00 -8.92 -3.91
N ASP C 104 -35.67 -9.52 -4.91
CA ASP C 104 -37.10 -9.25 -5.22
C ASP C 104 -38.11 -9.75 -4.14
N GLN C 105 -37.60 -10.40 -3.11
CA GLN C 105 -38.40 -10.83 -1.97
C GLN C 105 -38.37 -9.81 -0.81
N VAL C 106 -37.49 -8.80 -0.88
CA VAL C 106 -37.47 -7.76 0.15
C VAL C 106 -38.42 -6.60 -0.22
N ASN C 107 -39.16 -6.05 0.76
CA ASN C 107 -40.09 -4.96 0.44
C ASN C 107 -39.42 -3.58 0.41
N LEU C 108 -40.10 -2.57 -0.15
CA LEU C 108 -39.47 -1.26 -0.32
C LEU C 108 -39.22 -0.57 1.01
N LEU C 109 -40.11 -0.80 1.96
CA LEU C 109 -39.91 -0.32 3.33
C LEU C 109 -38.67 -0.93 3.99
N GLN C 110 -38.46 -2.21 3.72
CA GLN C 110 -37.33 -2.92 4.28
C GLN C 110 -36.04 -2.38 3.71
N LEU C 111 -36.01 -2.13 2.40
CA LEU C 111 -34.82 -1.52 1.77
C LEU C 111 -34.45 -0.16 2.38
N ALA C 112 -35.47 0.67 2.59
CA ALA C 112 -35.33 2.04 3.07
C ALA C 112 -34.90 2.11 4.52
N THR C 113 -35.29 1.07 5.29
CA THR C 113 -34.98 1.02 6.74
C THR C 113 -33.93 -0.05 7.11
N TYR C 114 -33.21 -0.54 6.11
CA TYR C 114 -31.98 -1.30 6.36
C TYR C 114 -32.13 -2.76 6.95
N THR C 115 -33.20 -3.47 6.58
CA THR C 115 -33.58 -4.77 7.16
C THR C 115 -33.65 -5.91 6.15
N SER C 116 -33.01 -5.79 4.99
CA SER C 116 -32.91 -6.90 4.03
C SER C 116 -32.27 -8.19 4.62
N GLY C 117 -31.42 -7.99 5.63
CA GLY C 117 -30.68 -9.03 6.30
C GLY C 117 -29.32 -9.37 5.73
N ASN C 118 -28.98 -8.82 4.56
CA ASN C 118 -27.69 -9.07 3.95
C ASN C 118 -27.15 -7.92 3.08
N LEU C 119 -27.22 -6.71 3.61
CA LEU C 119 -26.62 -5.56 2.95
C LEU C 119 -25.83 -4.82 3.99
N ALA C 120 -24.54 -4.67 3.67
CA ALA C 120 -23.59 -3.99 4.54
C ALA C 120 -23.61 -2.46 4.32
N LEU C 121 -22.75 -1.78 5.09
CA LEU C 121 -22.64 -0.36 5.03
C LEU C 121 -22.36 0.10 3.61
N GLN C 122 -21.35 -0.48 2.96
CA GLN C 122 -21.02 -0.13 1.56
C GLN C 122 -21.23 -1.29 0.62
N PHE C 123 -21.30 -0.98 -0.67
CA PHE C 123 -21.16 -1.98 -1.75
C PHE C 123 -19.75 -2.61 -1.66
N PRO C 124 -19.53 -3.76 -2.31
CA PRO C 124 -18.12 -4.17 -2.44
C PRO C 124 -17.30 -3.24 -3.34
N ASP C 125 -16.00 -3.16 -3.04
CA ASP C 125 -15.05 -2.32 -3.80
C ASP C 125 -15.13 -2.55 -5.32
N GLU C 126 -15.23 -3.81 -5.73
CA GLU C 126 -15.48 -4.23 -7.11
C GLU C 126 -16.67 -3.57 -7.80
N VAL C 127 -17.73 -3.24 -7.08
CA VAL C 127 -18.93 -2.56 -7.64
C VAL C 127 -18.70 -1.03 -7.88
N GLN C 128 -18.90 -0.55 -9.11
CA GLN C 128 -18.72 0.87 -9.47
C GLN C 128 -19.76 1.31 -10.48
N THR C 129 -19.86 0.61 -11.62
CA THR C 129 -20.79 1.04 -12.70
C THR C 129 -22.20 0.65 -12.39
N ASP C 130 -23.11 1.16 -13.18
CA ASP C 130 -24.51 0.80 -13.07
C ASP C 130 -24.73 -0.68 -13.41
N GLN C 131 -23.94 -1.17 -14.38
CA GLN C 131 -23.94 -2.60 -14.80
C GLN C 131 -23.49 -3.49 -13.64
N GLN C 132 -22.37 -3.16 -13.01
CA GLN C 132 -21.84 -3.91 -11.88
C GLN C 132 -22.76 -3.85 -10.65
N VAL C 133 -23.44 -2.71 -10.49
CA VAL C 133 -24.54 -2.54 -9.51
C VAL C 133 -25.68 -3.54 -9.74
N LEU C 134 -26.10 -3.68 -10.99
CA LEU C 134 -27.19 -4.60 -11.35
C LEU C 134 -26.81 -6.04 -11.09
N THR C 135 -25.64 -6.41 -11.57
CA THR C 135 -25.02 -7.73 -11.32
C THR C 135 -24.90 -8.03 -9.84
N PHE C 136 -24.46 -7.06 -9.02
CA PHE C 136 -24.46 -7.26 -7.55
C PHE C 136 -25.82 -7.68 -6.96
N PHE C 137 -26.90 -7.00 -7.35
CA PHE C 137 -28.26 -7.27 -6.88
C PHE C 137 -28.99 -8.45 -7.56
N LYS C 138 -28.59 -8.77 -8.79
CA LYS C 138 -29.01 -10.02 -9.45
C LYS C 138 -28.48 -11.22 -8.64
N ASP C 139 -27.22 -11.12 -8.19
CA ASP C 139 -26.50 -12.22 -7.53
C ASP C 139 -26.67 -12.23 -6.01
N TRP C 140 -27.49 -11.32 -5.48
CA TRP C 140 -27.69 -11.18 -4.04
C TRP C 140 -28.62 -12.31 -3.60
N LYS C 141 -28.37 -12.81 -2.39
CA LYS C 141 -29.19 -13.83 -1.73
C LYS C 141 -29.28 -13.47 -0.25
N PRO C 142 -30.37 -13.89 0.44
CA PRO C 142 -30.53 -13.50 1.85
C PRO C 142 -29.57 -14.19 2.80
N LYS C 143 -29.50 -13.65 4.02
CA LYS C 143 -28.74 -14.25 5.11
C LYS C 143 -29.69 -14.26 6.32
N ASN C 144 -29.76 -13.17 7.08
CA ASN C 144 -30.64 -13.12 8.26
C ASN C 144 -32.08 -12.95 7.78
N PRO C 145 -33.06 -13.37 8.62
CA PRO C 145 -34.44 -13.38 8.11
C PRO C 145 -34.87 -11.95 7.77
N ILE C 146 -35.58 -11.81 6.66
CA ILE C 146 -35.90 -10.50 6.12
C ILE C 146 -36.89 -9.80 7.03
N GLY C 147 -36.57 -8.56 7.37
CA GLY C 147 -37.35 -7.72 8.26
C GLY C 147 -36.90 -7.68 9.71
N GLU C 148 -36.08 -8.63 10.16
CA GLU C 148 -35.75 -8.78 11.60
C GLU C 148 -34.53 -8.03 12.14
N TYR C 149 -33.56 -7.73 11.25
CA TYR C 149 -32.25 -7.15 11.64
C TYR C 149 -31.87 -5.86 10.92
N ARG C 150 -31.62 -4.81 11.68
CA ARG C 150 -31.17 -3.54 11.11
C ARG C 150 -29.65 -3.47 11.00
N GLN C 151 -29.16 -3.44 9.75
CA GLN C 151 -27.78 -3.04 9.47
C GLN C 151 -27.74 -1.76 8.62
N TYR C 152 -27.23 -0.67 9.21
CA TYR C 152 -27.20 0.62 8.53
C TYR C 152 -26.51 0.39 7.18
N SER C 153 -27.09 0.85 6.07
CA SER C 153 -26.63 0.42 4.74
C SER C 153 -26.90 1.39 3.57
N ASN C 154 -25.82 1.90 2.99
CA ASN C 154 -25.93 2.73 1.79
C ASN C 154 -26.49 2.03 0.56
N PRO C 155 -26.06 0.78 0.25
CA PRO C 155 -26.73 0.08 -0.87
C PRO C 155 -28.20 -0.19 -0.68
N SER C 156 -28.64 -0.35 0.56
CA SER C 156 -30.04 -0.65 0.84
C SER C 156 -30.96 0.49 0.43
N ILE C 157 -30.69 1.66 1.00
CA ILE C 157 -31.52 2.83 0.75
C ILE C 157 -31.20 3.42 -0.62
N GLY C 158 -30.00 3.17 -1.11
CA GLY C 158 -29.61 3.37 -2.53
C GLY C 158 -30.51 2.67 -3.53
N LEU C 159 -30.67 1.35 -3.39
CA LEU C 159 -31.62 0.59 -4.22
C LEU C 159 -33.02 1.16 -4.01
N PHE C 160 -33.40 1.43 -2.76
CA PHE C 160 -34.71 2.04 -2.57
C PHE C 160 -34.86 3.34 -3.42
N GLY C 161 -33.83 4.18 -3.35
CA GLY C 161 -33.76 5.40 -4.17
C GLY C 161 -33.81 5.19 -5.68
N LYS C 162 -33.03 4.26 -6.22
CA LYS C 162 -33.14 3.86 -7.66
C LYS C 162 -34.54 3.48 -8.03
N VAL C 163 -35.23 2.81 -7.09
CA VAL C 163 -36.63 2.35 -7.29
C VAL C 163 -37.58 3.55 -7.26
N VAL C 164 -37.49 4.38 -6.22
CA VAL C 164 -38.41 5.51 -6.08
C VAL C 164 -38.32 6.44 -7.30
N ALA C 165 -37.14 6.46 -7.93
CA ALA C 165 -36.89 7.20 -9.21
C ALA C 165 -37.34 6.52 -10.52
N LEU C 166 -37.20 5.20 -10.62
CA LEU C 166 -37.72 4.48 -11.79
C LEU C 166 -39.25 4.59 -11.81
N SER C 167 -39.88 4.64 -10.65
CA SER C 167 -41.33 4.73 -10.55
C SER C 167 -41.89 6.09 -11.03
N MET C 168 -41.08 7.15 -11.02
CA MET C 168 -41.52 8.43 -11.57
C MET C 168 -40.84 8.75 -12.92
N ASN C 169 -40.16 7.76 -13.52
CA ASN C 169 -39.40 7.90 -14.78
C ASN C 169 -38.20 8.84 -14.85
N LYS C 170 -38.03 9.73 -13.86
CA LYS C 170 -36.83 10.56 -13.74
C LYS C 170 -35.62 9.71 -13.26
N PRO C 171 -34.40 10.00 -13.77
CA PRO C 171 -33.27 9.51 -12.98
C PRO C 171 -33.30 10.16 -11.59
N PHE C 172 -32.66 9.53 -10.60
CA PHE C 172 -32.74 10.00 -9.22
C PHE C 172 -32.43 11.49 -9.03
N ASP C 173 -31.40 11.95 -9.74
CA ASP C 173 -30.90 13.31 -9.60
C ASP C 173 -31.93 14.31 -10.08
N GLN C 174 -32.60 13.99 -11.20
CA GLN C 174 -33.77 14.80 -11.67
C GLN C 174 -35.00 14.73 -10.72
N VAL C 175 -35.21 13.61 -10.00
CA VAL C 175 -36.33 13.53 -8.99
C VAL C 175 -36.20 14.57 -7.88
N LEU C 176 -34.97 14.76 -7.40
CA LEU C 176 -34.73 15.79 -6.38
C LEU C 176 -34.60 17.18 -6.99
N GLU C 177 -33.76 17.30 -8.03
CA GLU C 177 -33.46 18.62 -8.58
C GLU C 177 -34.65 19.24 -9.31
N LYS C 178 -35.55 18.40 -9.88
CA LYS C 178 -36.74 18.93 -10.60
C LYS C 178 -38.08 18.78 -9.89
N THR C 179 -38.23 17.90 -8.90
CA THR C 179 -39.51 17.86 -8.14
C THR C 179 -39.40 18.22 -6.65
N ILE C 180 -38.51 17.54 -5.93
CA ILE C 180 -38.57 17.55 -4.44
C ILE C 180 -37.98 18.81 -3.86
N PHE C 181 -36.82 19.23 -4.39
CA PHE C 181 -36.27 20.51 -3.91
C PHE C 181 -37.18 21.70 -4.26
N PRO C 182 -37.67 21.77 -5.55
CA PRO C 182 -38.70 22.79 -5.87
C PRO C 182 -39.91 22.76 -4.92
N ALA C 183 -40.46 21.59 -4.63
CA ALA C 183 -41.59 21.47 -3.67
C ALA C 183 -41.25 21.95 -2.26
N LEU C 184 -40.03 21.65 -1.82
CA LEU C 184 -39.53 22.10 -0.51
C LEU C 184 -39.26 23.60 -0.48
N GLY C 185 -39.04 24.20 -1.64
CA GLY C 185 -38.72 25.63 -1.77
C GLY C 185 -37.23 25.89 -1.61
N LEU C 186 -36.40 24.99 -2.16
CA LEU C 186 -34.96 25.03 -2.02
C LEU C 186 -34.35 25.31 -3.39
N LYS C 187 -33.79 26.50 -3.54
CA LYS C 187 -33.15 26.88 -4.80
C LYS C 187 -31.63 26.61 -4.80
N HIS C 188 -31.05 26.27 -3.64
CA HIS C 188 -29.62 26.09 -3.55
C HIS C 188 -29.16 24.66 -3.16
N SER C 189 -29.95 23.64 -3.51
CA SER C 189 -29.64 22.24 -3.16
C SER C 189 -29.44 21.40 -4.40
N TYR C 190 -28.43 20.54 -4.42
CA TYR C 190 -28.04 19.82 -5.63
C TYR C 190 -27.63 18.35 -5.40
N VAL C 191 -27.88 17.49 -6.40
CA VAL C 191 -27.15 16.25 -6.54
C VAL C 191 -25.90 16.56 -7.34
N ASN C 192 -26.04 17.27 -8.45
CA ASN C 192 -24.86 17.71 -9.24
C ASN C 192 -24.84 19.20 -9.22
N VAL C 193 -23.76 19.74 -8.68
CA VAL C 193 -23.62 21.18 -8.51
C VAL C 193 -23.35 21.76 -9.91
N PRO C 194 -24.17 22.73 -10.38
CA PRO C 194 -23.97 23.16 -11.78
C PRO C 194 -22.78 24.07 -11.90
N LYS C 195 -22.11 24.07 -13.06
CA LYS C 195 -20.92 24.96 -13.36
C LYS C 195 -21.01 26.33 -12.71
N THR C 196 -22.21 26.88 -12.76
CA THR C 196 -22.56 28.19 -12.26
C THR C 196 -22.47 28.36 -10.73
N GLN C 197 -22.56 27.27 -9.98
CA GLN C 197 -22.49 27.32 -8.53
C GLN C 197 -21.21 26.76 -7.96
N MET C 198 -20.30 26.27 -8.80
CA MET C 198 -19.03 25.75 -8.32
C MET C 198 -18.24 26.72 -7.42
N GLN C 199 -18.42 28.02 -7.61
CA GLN C 199 -17.74 29.03 -6.77
C GLN C 199 -18.28 29.12 -5.33
N ASN C 200 -19.50 28.62 -5.14
CA ASN C 200 -20.12 28.50 -3.83
C ASN C 200 -19.93 27.11 -3.21
N TYR C 201 -19.24 26.20 -3.90
CA TYR C 201 -19.15 24.81 -3.43
C TYR C 201 -17.88 24.73 -2.60
N ALA C 202 -18.05 24.48 -1.29
CA ALA C 202 -16.92 24.37 -0.38
C ALA C 202 -16.07 23.17 -0.75
N PHE C 203 -14.78 23.23 -0.42
CA PHE C 203 -13.94 22.04 -0.34
C PHE C 203 -14.11 21.48 1.05
N GLY C 204 -14.10 20.17 1.18
CA GLY C 204 -13.90 19.54 2.47
C GLY C 204 -12.41 19.41 2.61
N TYR C 205 -11.98 19.11 3.83
CA TYR C 205 -10.58 18.95 4.16
C TYR C 205 -10.43 17.64 4.89
N ASN C 206 -9.38 16.88 4.54
CA ASN C 206 -9.11 15.57 5.19
C ASN C 206 -8.29 15.77 6.46
N GLN C 207 -7.79 14.69 7.09
CA GLN C 207 -7.06 14.81 8.37
C GLN C 207 -5.74 15.55 8.24
N GLU C 208 -5.18 15.63 7.02
CA GLU C 208 -3.97 16.44 6.77
C GLU C 208 -4.28 17.81 6.16
N ASN C 209 -5.53 18.26 6.23
CA ASN C 209 -6.01 19.52 5.69
C ASN C 209 -5.71 19.76 4.19
N GLN C 210 -5.89 18.70 3.40
CA GLN C 210 -5.83 18.73 1.95
C GLN C 210 -7.26 18.83 1.50
N PRO C 211 -7.54 19.66 0.45
CA PRO C 211 -8.89 19.67 -0.07
C PRO C 211 -9.32 18.34 -0.72
N ILE C 212 -10.59 18.03 -0.50
CA ILE C 212 -11.22 16.83 -0.90
C ILE C 212 -12.73 17.13 -1.15
N ARG C 213 -13.32 16.43 -2.11
CA ARG C 213 -14.76 16.45 -2.35
C ARG C 213 -15.24 14.97 -2.52
N VAL C 214 -16.55 14.75 -2.46
CA VAL C 214 -17.14 13.39 -2.54
C VAL C 214 -16.84 12.72 -3.89
N ASN C 215 -16.50 11.45 -3.86
CA ASN C 215 -16.17 10.71 -5.08
C ASN C 215 -17.42 10.10 -5.69
N PRO C 216 -17.46 9.99 -7.04
CA PRO C 216 -18.57 9.20 -7.57
C PRO C 216 -18.56 7.77 -7.03
N GLY C 217 -19.74 7.21 -6.89
CA GLY C 217 -19.86 5.92 -6.24
C GLY C 217 -21.12 5.25 -6.71
N PRO C 218 -21.18 3.91 -6.58
CA PRO C 218 -22.37 3.21 -7.03
C PRO C 218 -23.52 3.64 -6.17
N LEU C 219 -24.63 4.02 -6.80
CA LEU C 219 -25.81 4.59 -6.16
C LEU C 219 -25.51 5.60 -5.06
N ASP C 220 -24.48 6.43 -5.32
CA ASP C 220 -24.09 7.50 -4.40
C ASP C 220 -25.21 8.53 -4.11
N ALA C 221 -25.87 9.01 -5.16
CA ALA C 221 -26.88 10.10 -5.03
C ALA C 221 -27.92 9.89 -3.89
N PRO C 222 -28.69 8.77 -3.93
CA PRO C 222 -29.65 8.47 -2.85
C PRO C 222 -29.05 8.21 -1.47
N ALA C 223 -27.83 7.70 -1.37
CA ALA C 223 -27.26 7.36 -0.06
C ALA C 223 -26.54 8.54 0.62
N TYR C 224 -25.76 9.30 -0.14
CA TYR C 224 -24.91 10.36 0.47
C TYR C 224 -24.51 11.52 -0.44
N GLY C 225 -25.30 11.76 -1.50
CA GLY C 225 -24.82 12.58 -2.62
C GLY C 225 -25.42 13.97 -2.77
N VAL C 226 -26.07 14.48 -1.73
CA VAL C 226 -26.71 15.78 -1.80
C VAL C 226 -25.82 16.86 -1.17
N LYS C 227 -25.75 18.02 -1.83
CA LYS C 227 -25.06 19.20 -1.31
C LYS C 227 -26.06 20.35 -1.12
N SER C 228 -25.81 21.21 -0.13
CA SER C 228 -26.79 22.23 0.28
C SER C 228 -26.20 23.41 1.08
N THR C 229 -26.93 24.51 1.17
CA THR C 229 -26.43 25.66 1.93
C THR C 229 -27.11 25.64 3.29
N LEU C 230 -26.62 26.47 4.20
CA LEU C 230 -27.25 26.60 5.54
C LEU C 230 -28.67 27.14 5.52
N PRO C 231 -28.99 28.09 4.59
CA PRO C 231 -30.36 28.57 4.65
C PRO C 231 -31.37 27.58 4.06
N ASP C 232 -31.03 26.84 3.01
CA ASP C 232 -31.93 25.75 2.50
C ASP C 232 -32.14 24.63 3.52
N MET C 233 -31.07 24.32 4.28
CA MET C 233 -31.16 23.34 5.35
C MET C 233 -32.08 23.79 6.46
N LEU C 234 -32.01 25.07 6.81
CA LEU C 234 -32.92 25.66 7.79
C LEU C 234 -34.37 25.71 7.32
N SER C 235 -34.58 25.94 6.03
CA SER C 235 -35.89 25.81 5.38
C SER C 235 -36.38 24.36 5.35
N PHE C 236 -35.47 23.38 5.24
CA PHE C 236 -35.84 21.96 5.35
C PHE C 236 -36.24 21.56 6.78
N ILE C 237 -35.53 22.05 7.80
CA ILE C 237 -35.93 21.83 9.20
C ILE C 237 -37.24 22.58 9.53
N HIS C 238 -37.43 23.79 8.97
CA HIS C 238 -38.71 24.52 9.07
C HIS C 238 -39.84 23.67 8.55
N ALA C 239 -39.69 23.13 7.34
CA ALA C 239 -40.71 22.28 6.71
C ALA C 239 -41.02 20.99 7.48
N ASN C 240 -40.00 20.46 8.17
CA ASN C 240 -40.20 19.30 9.05
C ASN C 240 -40.99 19.70 10.29
N LEU C 241 -40.68 20.86 10.84
CA LEU C 241 -41.38 21.42 12.01
C LEU C 241 -42.85 21.83 11.78
N ASN C 242 -43.16 22.33 10.58
CA ASN C 242 -44.48 22.87 10.21
C ASN C 242 -44.89 22.32 8.85
N PRO C 243 -45.11 20.99 8.76
CA PRO C 243 -45.49 20.35 7.47
C PRO C 243 -46.78 20.88 6.83
N GLN C 244 -47.91 20.83 7.55
CA GLN C 244 -49.20 21.40 7.10
C GLN C 244 -49.04 22.63 6.19
N LYS C 245 -48.21 23.59 6.61
CA LYS C 245 -47.98 24.83 5.89
C LYS C 245 -47.26 24.62 4.54
N TYR C 246 -47.61 23.56 3.78
CA TYR C 246 -46.99 23.23 2.50
C TYR C 246 -48.04 22.60 1.63
N PRO C 247 -47.83 22.61 0.27
CA PRO C 247 -48.61 21.81 -0.70
C PRO C 247 -49.03 20.42 -0.20
N THR C 248 -50.05 19.84 -0.83
CA THR C 248 -50.59 18.56 -0.36
C THR C 248 -49.51 17.47 -0.47
N ASP C 249 -49.01 17.29 -1.69
CA ASP C 249 -48.05 16.21 -2.04
C ASP C 249 -46.65 16.32 -1.39
N ILE C 250 -46.28 17.53 -0.96
CA ILE C 250 -45.07 17.79 -0.16
C ILE C 250 -45.30 17.65 1.36
N GLN C 251 -46.44 18.10 1.91
CA GLN C 251 -46.80 17.86 3.36
C GLN C 251 -46.89 16.36 3.66
N ARG C 252 -47.55 15.64 2.76
CA ARG C 252 -47.68 14.19 2.82
C ARG C 252 -46.31 13.51 2.98
N ALA C 253 -45.38 13.91 2.11
CA ALA C 253 -43.98 13.48 2.14
C ALA C 253 -43.31 13.66 3.50
N ILE C 254 -43.29 14.88 4.05
CA ILE C 254 -42.57 15.11 5.31
C ILE C 254 -43.19 14.19 6.40
N ASN C 255 -44.51 14.20 6.51
CA ASN C 255 -45.20 13.42 7.55
C ASN C 255 -44.86 11.91 7.51
N GLU C 256 -44.79 11.35 6.30
CA GLU C 256 -44.46 9.95 6.10
C GLU C 256 -43.04 9.60 6.60
N THR C 257 -42.12 10.56 6.55
CA THR C 257 -40.76 10.38 7.10
C THR C 257 -40.69 10.50 8.63
N HIS C 258 -41.76 10.98 9.27
CA HIS C 258 -41.79 11.18 10.70
C HIS C 258 -42.29 9.96 11.47
N GLN C 259 -42.98 9.06 10.77
CA GLN C 259 -43.50 7.81 11.33
C GLN C 259 -42.38 6.81 11.69
N GLY C 260 -42.24 6.50 12.99
CA GLY C 260 -41.46 5.34 13.42
C GLY C 260 -41.90 4.04 12.73
N ARG C 261 -40.93 3.21 12.34
CA ARG C 261 -41.21 1.93 11.69
C ARG C 261 -40.84 0.72 12.56
N TYR C 262 -39.92 0.89 13.50
CA TYR C 262 -39.55 -0.15 14.48
C TYR C 262 -38.66 0.49 15.56
N GLN C 263 -38.09 -0.34 16.45
CA GLN C 263 -37.26 0.14 17.52
C GLN C 263 -35.97 -0.66 17.61
N VAL C 264 -34.92 0.00 18.07
CA VAL C 264 -33.71 -0.66 18.55
C VAL C 264 -33.34 0.08 19.81
N ASN C 265 -33.72 -0.49 20.97
CA ASN C 265 -33.41 0.10 22.29
C ASN C 265 -34.08 1.51 22.42
N THR C 266 -33.32 2.59 22.64
CA THR C 266 -33.93 3.94 22.77
C THR C 266 -34.12 4.70 21.43
N MET C 267 -33.61 4.13 20.35
CA MET C 267 -33.78 4.73 19.02
C MET C 267 -34.97 4.08 18.31
N TYR C 268 -35.75 4.91 17.63
CA TYR C 268 -36.82 4.48 16.73
C TYR C 268 -36.41 4.82 15.30
N GLN C 269 -36.56 3.89 14.36
CA GLN C 269 -36.13 4.12 12.98
C GLN C 269 -37.26 4.71 12.18
N ALA C 270 -37.19 6.00 11.86
CA ALA C 270 -38.14 6.57 10.90
C ALA C 270 -37.63 6.35 9.44
N LEU C 271 -38.32 6.86 8.43
CA LEU C 271 -37.71 6.87 7.08
C LEU C 271 -36.66 7.99 7.07
N GLY C 272 -35.39 7.58 7.08
CA GLY C 272 -34.25 8.50 7.15
C GLY C 272 -33.93 8.96 8.55
N TRP C 273 -34.85 9.70 9.16
CA TRP C 273 -34.68 10.30 10.48
C TRP C 273 -34.58 9.20 11.51
N GLU C 274 -33.75 9.42 12.52
CA GLU C 274 -33.80 8.62 13.77
C GLU C 274 -34.70 9.40 14.71
N GLU C 275 -35.56 8.67 15.43
CA GLU C 275 -36.65 9.24 16.26
C GLU C 275 -36.46 8.81 17.73
N PHE C 276 -36.72 9.73 18.65
CA PHE C 276 -36.55 9.50 20.08
C PHE C 276 -37.78 10.03 20.81
N SER C 277 -37.95 9.56 22.05
CA SER C 277 -38.91 10.16 22.97
C SER C 277 -38.28 11.44 23.51
N TYR C 278 -38.99 12.55 23.33
CA TYR C 278 -38.61 13.84 23.89
C TYR C 278 -39.33 13.98 25.25
N PRO C 279 -38.63 14.38 26.31
CA PRO C 279 -37.18 14.63 26.30
C PRO C 279 -36.38 13.33 26.17
N ALA C 280 -35.16 13.45 25.65
CA ALA C 280 -34.19 12.36 25.70
C ALA C 280 -32.91 12.87 26.30
N THR C 281 -32.16 11.98 26.97
CA THR C 281 -30.85 12.35 27.50
C THR C 281 -29.83 12.66 26.37
N LEU C 282 -28.77 13.36 26.73
CA LEU C 282 -27.59 13.44 25.90
C LEU C 282 -27.16 12.01 25.61
N GLN C 283 -27.09 11.19 26.64
CA GLN C 283 -26.64 9.80 26.48
C GLN C 283 -27.49 8.93 25.55
N THR C 284 -28.80 9.14 25.46
CA THR C 284 -29.62 8.42 24.45
C THR C 284 -29.19 8.89 23.03
N LEU C 285 -29.02 10.19 22.89
CA LEU C 285 -28.74 10.76 21.60
C LEU C 285 -27.34 10.32 21.13
N LEU C 286 -26.39 10.31 22.07
CA LEU C 286 -25.04 9.80 21.82
C LEU C 286 -24.99 8.32 21.46
N ASP C 287 -25.83 7.52 22.11
CA ASP C 287 -25.88 6.07 21.87
C ASP C 287 -26.48 5.64 20.54
N SER C 288 -27.41 6.43 19.99
CA SER C 288 -27.94 6.13 18.65
C SER C 288 -26.86 6.06 17.59
N ASN C 289 -25.70 6.68 17.80
CA ASN C 289 -24.60 6.64 16.81
C ASN C 289 -23.31 5.96 17.28
N SER C 290 -23.50 4.95 18.13
CA SER C 290 -22.41 4.10 18.61
C SER C 290 -22.05 3.06 17.55
N GLU C 291 -20.81 2.56 17.60
CA GLU C 291 -20.36 1.46 16.73
C GLU C 291 -21.43 0.36 16.63
N GLN C 292 -21.99 -0.02 17.77
CA GLN C 292 -22.94 -1.15 17.81
C GLN C 292 -24.11 -0.88 16.87
N ILE C 293 -24.64 0.33 16.89
CA ILE C 293 -25.82 0.68 16.09
C ILE C 293 -25.47 0.94 14.64
N VAL C 294 -24.39 1.69 14.44
CA VAL C 294 -24.03 2.16 13.13
C VAL C 294 -23.46 1.00 12.30
N MET C 295 -22.56 0.19 12.89
CA MET C 295 -21.75 -0.79 12.12
C MET C 295 -22.27 -2.21 12.13
N LYS C 296 -22.84 -2.65 13.25
CA LYS C 296 -23.22 -4.05 13.42
C LYS C 296 -24.72 -4.27 13.22
N PRO C 297 -25.12 -5.53 12.96
CA PRO C 297 -26.55 -5.84 12.89
C PRO C 297 -27.22 -5.91 14.31
N ASN C 298 -28.46 -5.44 14.39
CA ASN C 298 -29.22 -5.37 15.65
C ASN C 298 -30.68 -5.79 15.34
N LYS C 299 -31.21 -6.75 16.12
CA LYS C 299 -32.59 -7.25 15.91
C LYS C 299 -33.58 -6.13 16.25
N VAL C 300 -34.62 -6.04 15.44
CA VAL C 300 -35.60 -4.96 15.57
C VAL C 300 -36.81 -5.47 16.34
N THR C 301 -37.58 -4.51 16.85
CA THR C 301 -38.79 -4.76 17.60
C THR C 301 -39.93 -4.02 16.88
N ALA C 302 -41.06 -4.69 16.64
CA ALA C 302 -42.31 -3.96 16.29
C ALA C 302 -42.58 -2.77 17.28
N ILE C 303 -43.33 -1.78 16.81
CA ILE C 303 -43.25 -0.40 17.31
C ILE C 303 -43.86 -0.12 18.71
N SER C 308 -45.06 9.37 21.49
CA SER C 308 -45.86 10.29 22.32
C SER C 308 -45.48 11.76 22.03
N VAL C 309 -44.42 12.24 22.67
CA VAL C 309 -43.72 13.49 22.31
C VAL C 309 -42.32 13.07 21.79
N LYS C 310 -42.06 13.39 20.53
CA LYS C 310 -40.89 12.92 19.81
C LYS C 310 -39.91 14.05 19.44
N MET C 311 -38.62 13.72 19.37
CA MET C 311 -37.61 14.55 18.71
C MET C 311 -36.92 13.67 17.68
N TYR C 312 -36.14 14.30 16.81
CA TYR C 312 -35.50 13.60 15.68
C TYR C 312 -34.12 14.16 15.40
N HIS C 313 -33.22 13.29 14.94
CA HIS C 313 -31.96 13.78 14.37
C HIS C 313 -31.39 12.94 13.18
N LYS C 314 -30.32 13.47 12.58
CA LYS C 314 -29.52 12.68 11.64
C LYS C 314 -28.10 13.28 11.47
N THR C 315 -27.10 12.40 11.55
CA THR C 315 -25.72 12.74 11.30
C THR C 315 -25.37 12.51 9.84
N GLY C 316 -24.29 13.13 9.40
CA GLY C 316 -23.82 12.96 8.04
C GLY C 316 -22.36 13.19 7.98
N SER C 317 -21.69 12.31 7.27
CA SER C 317 -20.31 12.53 6.95
C SER C 317 -19.97 12.13 5.53
N THR C 318 -19.08 12.88 4.90
CA THR C 318 -18.31 12.37 3.76
C THR C 318 -16.87 12.50 4.22
N SER C 319 -15.91 12.25 3.36
CA SER C 319 -14.52 12.27 3.81
C SER C 319 -14.05 13.65 4.28
N GLY C 320 -14.67 14.71 3.76
CA GLY C 320 -14.29 16.06 4.07
C GLY C 320 -15.35 16.90 4.78
N PHE C 321 -16.53 16.34 5.04
CA PHE C 321 -17.64 17.15 5.58
C PHE C 321 -18.35 16.52 6.76
N GLY C 322 -18.80 17.36 7.68
CA GLY C 322 -19.61 16.90 8.84
C GLY C 322 -20.95 17.58 8.82
N THR C 323 -22.00 16.81 9.05
CA THR C 323 -23.33 17.36 9.09
C THR C 323 -24.09 16.82 10.31
N TYR C 324 -24.79 17.72 11.02
CA TYR C 324 -25.80 17.32 12.01
C TYR C 324 -27.09 18.16 11.84
N VAL C 325 -28.23 17.47 11.80
CA VAL C 325 -29.57 18.14 11.89
C VAL C 325 -30.39 17.54 13.03
N VAL C 326 -31.16 18.39 13.71
CA VAL C 326 -31.97 17.99 14.88
C VAL C 326 -33.17 18.93 14.99
N PHE C 327 -34.38 18.39 15.01
CA PHE C 327 -35.57 19.19 15.36
C PHE C 327 -36.47 18.57 16.45
N ILE C 328 -37.24 19.46 17.06
CA ILE C 328 -38.08 19.15 18.21
C ILE C 328 -39.39 19.92 18.01
N PRO C 329 -40.47 19.24 17.54
CA PRO C 329 -41.79 19.88 17.30
C PRO C 329 -42.39 20.59 18.52
N LYS C 330 -42.46 19.89 19.65
CA LYS C 330 -43.05 20.41 20.90
C LYS C 330 -42.52 21.81 21.24
N GLU C 331 -41.20 21.95 21.24
CA GLU C 331 -40.55 23.24 21.55
C GLU C 331 -40.27 24.07 20.32
N ASN C 332 -40.74 23.58 19.17
CA ASN C 332 -40.80 24.30 17.92
C ASN C 332 -39.41 24.77 17.45
N ILE C 333 -38.38 23.98 17.74
CA ILE C 333 -37.00 24.40 17.59
C ILE C 333 -36.23 23.41 16.71
N GLY C 334 -35.18 23.90 16.05
CA GLY C 334 -34.38 23.08 15.14
C GLY C 334 -32.98 23.65 15.01
N LEU C 335 -32.00 22.77 14.74
CA LEU C 335 -30.58 23.16 14.59
C LEU C 335 -29.89 22.42 13.44
N VAL C 336 -29.02 23.12 12.72
CA VAL C 336 -28.21 22.55 11.68
C VAL C 336 -26.73 22.92 11.92
N MET C 337 -25.83 21.92 11.83
CA MET C 337 -24.39 22.17 11.86
C MET C 337 -23.79 21.65 10.55
N LEU C 338 -23.03 22.49 9.83
CA LEU C 338 -22.29 22.05 8.64
C LEU C 338 -20.84 22.43 8.85
N THR C 339 -19.92 21.48 8.61
CA THR C 339 -18.50 21.74 8.74
C THR C 339 -17.84 21.19 7.51
N ASN C 340 -16.75 21.84 7.08
CA ASN C 340 -16.03 21.32 5.92
C ASN C 340 -14.74 20.56 6.33
N LYS C 341 -14.84 19.98 7.53
CA LYS C 341 -14.00 18.91 8.00
C LYS C 341 -14.89 17.99 8.87
N ARG C 342 -14.57 16.71 8.81
CA ARG C 342 -15.26 15.71 9.54
C ARG C 342 -14.84 15.93 11.01
N ILE C 343 -15.79 16.11 11.93
CA ILE C 343 -15.54 16.06 13.40
C ILE C 343 -16.35 14.94 14.07
N PRO C 344 -15.96 14.56 15.30
CA PRO C 344 -16.62 13.37 15.82
C PRO C 344 -18.10 13.64 16.10
N ASN C 345 -18.93 12.63 15.85
CA ASN C 345 -20.38 12.74 16.09
C ASN C 345 -20.76 13.16 17.51
N GLU C 346 -19.98 12.71 18.50
CA GLU C 346 -20.28 13.00 19.93
C GLU C 346 -20.20 14.49 20.19
N GLU C 347 -19.20 15.13 19.59
CA GLU C 347 -18.97 16.58 19.74
C GLU C 347 -20.08 17.38 19.10
N ARG C 348 -20.64 16.86 18.01
CA ARG C 348 -21.67 17.62 17.27
C ARG C 348 -22.98 17.57 18.05
N ILE C 349 -23.32 16.37 18.49
CA ILE C 349 -24.53 16.10 19.27
C ILE C 349 -24.45 16.79 20.66
N LYS C 350 -23.38 16.60 21.41
CA LYS C 350 -23.20 17.34 22.67
C LYS C 350 -23.38 18.84 22.46
N ALA C 351 -22.58 19.43 21.56
CA ALA C 351 -22.68 20.87 21.24
C ALA C 351 -24.11 21.34 20.99
N ALA C 352 -24.87 20.53 20.25
CA ALA C 352 -26.22 20.91 19.89
C ALA C 352 -27.19 20.78 21.06
N TYR C 353 -27.03 19.70 21.83
CA TYR C 353 -27.81 19.48 23.05
C TYR C 353 -27.72 20.70 23.99
N VAL C 354 -26.51 21.08 24.39
CA VAL C 354 -26.32 22.29 25.21
C VAL C 354 -27.08 23.48 24.61
N VAL C 355 -26.79 23.82 23.36
CA VAL C 355 -27.35 25.05 22.74
C VAL C 355 -28.90 25.04 22.70
N LEU C 356 -29.48 23.91 22.30
CA LEU C 356 -30.93 23.77 22.24
C LEU C 356 -31.58 23.70 23.62
N ASN C 357 -30.84 23.22 24.63
CA ASN C 357 -31.36 23.13 26.00
C ASN C 357 -31.21 24.43 26.79
N ALA C 358 -30.41 25.38 26.31
CA ALA C 358 -30.32 26.73 26.90
C ALA C 358 -31.12 27.82 26.16
N ILE C 359 -31.72 27.48 25.00
CA ILE C 359 -32.58 28.43 24.24
C ILE C 359 -33.88 28.75 24.98
N LYS C 360 -34.44 29.93 24.71
CA LYS C 360 -35.62 30.48 25.40
C LYS C 360 -36.82 30.57 24.46
N ASP D 7 -9.53 0.85 32.99
CA ASP D 7 -8.80 1.30 31.76
C ASP D 7 -7.32 1.54 32.06
N GLN D 8 -7.01 2.62 32.80
CA GLN D 8 -5.66 2.83 33.26
C GLN D 8 -5.26 1.61 34.12
N GLU D 9 -6.18 1.12 34.95
CA GLU D 9 -5.94 0.00 35.87
C GLU D 9 -5.83 -1.35 35.16
N ILE D 10 -6.51 -1.48 34.02
CA ILE D 10 -6.37 -2.65 33.15
C ILE D 10 -4.97 -2.60 32.51
N LYS D 11 -4.64 -1.44 31.94
CA LYS D 11 -3.30 -1.21 31.42
C LYS D 11 -2.25 -1.67 32.43
N LYS D 12 -2.31 -1.15 33.67
CA LYS D 12 -1.26 -1.40 34.65
C LYS D 12 -1.23 -2.86 35.07
N LEU D 13 -2.40 -3.50 35.13
CA LEU D 13 -2.48 -4.92 35.41
C LEU D 13 -1.80 -5.74 34.30
N VAL D 14 -2.02 -5.30 33.07
CA VAL D 14 -1.39 -5.94 31.91
C VAL D 14 0.15 -5.72 31.93
N ASP D 15 0.59 -4.49 32.19
CA ASP D 15 2.01 -4.17 32.36
C ASP D 15 2.67 -5.05 33.38
N GLN D 16 1.98 -5.26 34.49
CA GLN D 16 2.56 -5.94 35.62
C GLN D 16 2.75 -7.43 35.36
N ASN D 17 1.80 -8.01 34.62
CA ASN D 17 1.75 -9.44 34.46
C ASN D 17 2.07 -9.97 33.06
N PHE D 18 1.94 -9.12 32.04
CA PHE D 18 2.22 -9.57 30.65
C PHE D 18 3.56 -9.00 30.13
N LYS D 19 3.76 -7.70 30.31
CA LYS D 19 4.99 -7.02 29.86
C LYS D 19 6.31 -7.72 30.23
N PRO D 20 6.50 -8.11 31.50
CA PRO D 20 7.74 -8.81 31.82
C PRO D 20 8.06 -10.04 30.99
N LEU D 21 7.04 -10.65 30.40
CA LEU D 21 7.24 -11.87 29.60
C LEU D 21 8.05 -11.58 28.32
N LEU D 22 7.88 -10.37 27.79
CA LEU D 22 8.65 -9.88 26.67
C LEU D 22 10.15 -10.03 26.94
N GLU D 23 10.67 -9.39 28.00
CA GLU D 23 12.11 -9.47 28.35
C GLU D 23 12.46 -10.87 28.67
N LYS D 24 11.55 -11.49 29.42
CA LYS D 24 11.83 -12.78 29.98
C LYS D 24 12.06 -13.84 28.92
N TYR D 25 11.29 -13.75 27.84
CA TYR D 25 11.30 -14.74 26.77
C TYR D 25 11.84 -14.20 25.43
N ASP D 26 12.31 -12.95 25.44
CA ASP D 26 12.84 -12.21 24.28
C ASP D 26 11.80 -12.25 23.14
N VAL D 27 10.57 -11.84 23.47
CA VAL D 27 9.42 -11.83 22.58
C VAL D 27 9.36 -10.50 21.92
N PRO D 28 9.44 -10.47 20.59
CA PRO D 28 9.44 -9.18 19.89
C PRO D 28 8.18 -8.40 20.05
N GLY D 29 7.03 -9.06 19.92
CA GLY D 29 5.74 -8.33 19.85
C GLY D 29 4.62 -9.08 20.60
N MET D 30 3.65 -8.31 21.10
CA MET D 30 2.56 -8.92 21.87
C MET D 30 1.41 -7.96 21.78
N ALA D 31 0.22 -8.50 21.70
CA ALA D 31 -1.00 -7.71 21.79
C ALA D 31 -1.88 -8.39 22.84
N VAL D 32 -2.34 -7.64 23.83
CA VAL D 32 -3.18 -8.18 24.91
C VAL D 32 -4.44 -7.34 25.01
N GLY D 33 -5.58 -8.01 24.92
CA GLY D 33 -6.89 -7.34 24.92
C GLY D 33 -7.78 -7.94 26.03
N VAL D 34 -8.58 -7.08 26.64
CA VAL D 34 -9.50 -7.45 27.71
C VAL D 34 -10.86 -6.94 27.32
N ILE D 35 -11.89 -7.78 27.51
CA ILE D 35 -13.26 -7.29 27.34
C ILE D 35 -14.03 -7.55 28.62
N GLN D 36 -14.54 -6.48 29.21
CA GLN D 36 -15.32 -6.51 30.46
C GLN D 36 -16.49 -5.55 30.32
N ASN D 37 -17.69 -6.13 30.40
CA ASN D 37 -18.96 -5.44 30.16
C ASN D 37 -19.01 -4.67 28.86
N ASN D 38 -18.57 -5.33 27.79
CA ASN D 38 -18.74 -4.81 26.43
C ASN D 38 -18.01 -3.51 26.10
N LYS D 39 -17.13 -3.08 27.01
CA LYS D 39 -16.06 -2.13 26.72
C LYS D 39 -14.76 -2.94 26.45
N LYS D 40 -14.04 -2.57 25.39
CA LYS D 40 -12.83 -3.30 24.94
C LYS D 40 -11.56 -2.51 25.24
N TYR D 41 -10.55 -3.17 25.82
CA TYR D 41 -9.30 -2.53 26.22
C TYR D 41 -8.09 -3.19 25.53
N GLU D 42 -7.51 -2.50 24.54
CA GLU D 42 -6.38 -3.00 23.71
C GLU D 42 -4.99 -2.43 24.07
N MET D 43 -4.10 -3.32 24.52
CA MET D 43 -2.70 -3.06 24.86
C MET D 43 -1.73 -3.69 23.81
N TYR D 44 -0.85 -2.86 23.23
CA TYR D 44 0.14 -3.30 22.20
C TYR D 44 1.55 -3.15 22.71
N TYR D 45 2.41 -4.16 22.50
CA TYR D 45 3.84 -4.08 22.91
C TYR D 45 4.80 -4.54 21.81
N GLY D 46 5.88 -3.77 21.65
CA GLY D 46 6.99 -4.14 20.80
C GLY D 46 6.66 -4.20 19.30
N LEU D 47 7.13 -5.25 18.64
CA LEU D 47 7.23 -5.22 17.16
C LEU D 47 6.51 -6.37 16.43
N GLN D 48 5.79 -5.98 15.38
CA GLN D 48 5.18 -6.85 14.38
C GLN D 48 6.24 -7.54 13.48
N SER D 49 7.29 -6.80 13.14
CA SER D 49 8.40 -7.26 12.30
C SER D 49 9.67 -6.51 12.67
N VAL D 50 10.70 -7.25 13.08
CA VAL D 50 11.98 -6.72 13.45
C VAL D 50 12.66 -6.16 12.23
N GLN D 51 12.62 -6.95 11.15
CA GLN D 51 13.29 -6.56 9.87
C GLN D 51 12.68 -5.29 9.36
N ASP D 52 11.36 -5.19 9.37
CA ASP D 52 10.73 -3.98 8.77
C ASP D 52 10.49 -2.84 9.77
N LYS D 53 10.89 -3.03 11.05
CA LYS D 53 10.74 -2.08 12.16
C LYS D 53 9.27 -1.60 12.32
N LYS D 54 8.30 -2.53 12.28
CA LYS D 54 6.89 -2.20 12.41
C LYS D 54 6.48 -2.54 13.81
N ALA D 55 5.82 -1.60 14.49
CA ALA D 55 5.27 -1.87 15.80
C ALA D 55 3.96 -2.68 15.70
N VAL D 56 3.72 -3.45 16.73
CA VAL D 56 2.45 -4.14 16.94
C VAL D 56 1.40 -3.05 17.14
N ASN D 57 0.31 -3.16 16.38
CA ASN D 57 -0.78 -2.19 16.48
C ASN D 57 -2.10 -2.95 16.22
N SER D 58 -3.20 -2.22 16.16
CA SER D 58 -4.49 -2.84 16.10
C SER D 58 -4.78 -3.52 14.80
N ASN D 59 -4.06 -3.18 13.73
CA ASN D 59 -4.16 -3.88 12.45
C ASN D 59 -3.23 -5.08 12.30
N THR D 60 -2.37 -5.35 13.28
CA THR D 60 -1.43 -6.44 13.16
C THR D 60 -2.19 -7.78 13.18
N ILE D 61 -1.86 -8.65 12.21
CA ILE D 61 -2.43 -9.98 12.06
C ILE D 61 -1.45 -11.02 12.61
N PHE D 62 -1.94 -11.85 13.55
CA PHE D 62 -1.17 -12.87 14.21
C PHE D 62 -1.69 -14.26 13.77
N GLU D 63 -0.81 -15.27 13.70
CA GLU D 63 -1.20 -16.68 13.60
C GLU D 63 -1.81 -17.19 14.93
N LEU D 64 -3.00 -17.77 14.83
CA LEU D 64 -3.72 -18.20 16.00
C LEU D 64 -3.36 -19.59 16.40
N GLY D 65 -2.70 -20.36 15.53
CA GLY D 65 -2.39 -21.80 15.83
C GLY D 65 -3.67 -22.55 16.16
N SER D 66 -3.65 -23.33 17.22
CA SER D 66 -4.82 -24.14 17.61
C SER D 66 -6.04 -23.39 18.11
N VAL D 67 -5.91 -22.08 18.35
CA VAL D 67 -7.11 -21.28 18.57
C VAL D 67 -8.01 -21.21 17.28
N SER D 68 -7.43 -21.48 16.10
CA SER D 68 -8.17 -21.77 14.88
C SER D 68 -9.28 -22.81 15.07
N LYS D 69 -9.04 -23.81 15.92
CA LYS D 69 -10.01 -24.91 16.18
C LYS D 69 -11.37 -24.42 16.70
N LEU D 70 -11.36 -23.28 17.37
CA LEU D 70 -12.61 -22.62 17.77
C LEU D 70 -13.46 -22.10 16.61
N PHE D 71 -12.83 -21.70 15.51
CA PHE D 71 -13.55 -21.29 14.30
C PHE D 71 -14.10 -22.51 13.55
N THR D 72 -13.31 -23.58 13.47
CA THR D 72 -13.75 -24.85 12.96
C THR D 72 -14.96 -25.41 13.71
N ALA D 73 -14.91 -25.33 15.04
CA ALA D 73 -16.02 -25.72 15.89
C ALA D 73 -17.26 -24.86 15.59
N THR D 74 -17.09 -23.53 15.52
CA THR D 74 -18.19 -22.62 15.26
C THR D 74 -18.85 -22.86 13.91
N ALA D 75 -18.03 -23.12 12.90
CA ALA D 75 -18.48 -23.57 11.60
C ALA D 75 -19.33 -24.83 11.76
N GLY D 76 -18.81 -25.82 12.46
CA GLY D 76 -19.54 -27.04 12.78
C GLY D 76 -20.94 -26.71 13.23
N GLY D 77 -21.05 -25.97 14.32
CA GLY D 77 -22.35 -25.63 14.93
C GLY D 77 -23.33 -24.81 14.10
N TYR D 78 -22.80 -24.00 13.19
CA TYR D 78 -23.62 -23.29 12.20
C TYR D 78 -24.16 -24.26 11.13
N ALA D 79 -23.28 -25.13 10.62
CA ALA D 79 -23.66 -26.18 9.68
C ALA D 79 -24.76 -27.07 10.26
N LYS D 80 -24.66 -27.38 11.55
CA LYS D 80 -25.54 -28.34 12.20
C LYS D 80 -26.93 -27.79 12.49
N ASN D 81 -26.98 -26.52 12.91
CA ASN D 81 -28.25 -25.85 13.18
C ASN D 81 -28.91 -25.27 11.93
N LYS D 82 -28.26 -25.33 10.78
CA LYS D 82 -28.92 -25.08 9.48
C LYS D 82 -29.51 -26.38 8.93
N GLY D 83 -29.23 -27.50 9.61
CA GLY D 83 -29.61 -28.83 9.16
C GLY D 83 -28.66 -29.46 8.14
N LYS D 84 -27.64 -28.73 7.70
CA LYS D 84 -26.79 -29.20 6.60
C LYS D 84 -25.81 -30.33 7.03
N ILE D 85 -25.71 -30.62 8.33
CA ILE D 85 -25.05 -31.86 8.83
C ILE D 85 -25.67 -32.33 10.16
N SER D 86 -25.34 -33.57 10.50
CA SER D 86 -25.60 -34.16 11.82
C SER D 86 -24.30 -34.74 12.43
N PHE D 87 -24.16 -34.57 13.75
CA PHE D 87 -22.97 -35.06 14.48
C PHE D 87 -22.78 -36.56 14.49
N ASP D 88 -23.85 -37.31 14.24
CA ASP D 88 -23.76 -38.77 14.12
C ASP D 88 -23.40 -39.13 12.69
N ASP D 89 -23.78 -38.30 11.72
CA ASP D 89 -23.46 -38.59 10.32
C ASP D 89 -21.94 -38.84 10.21
N THR D 90 -21.55 -39.82 9.41
CA THR D 90 -20.16 -40.19 9.18
C THR D 90 -19.62 -39.37 7.99
N PRO D 91 -18.31 -39.47 7.72
CA PRO D 91 -17.65 -38.58 6.77
C PRO D 91 -17.88 -38.91 5.32
N GLY D 92 -18.01 -40.22 5.05
CA GLY D 92 -18.30 -40.73 3.72
C GLY D 92 -19.70 -40.38 3.23
N LYS D 93 -20.53 -39.88 4.15
CA LYS D 93 -21.78 -39.20 3.79
C LYS D 93 -21.55 -37.94 2.97
N TYR D 94 -20.39 -37.28 3.14
CA TYR D 94 -20.06 -36.01 2.47
C TYR D 94 -18.83 -36.07 1.53
N TRP D 95 -17.77 -36.75 1.95
CA TRP D 95 -16.63 -37.05 1.09
C TRP D 95 -16.94 -38.41 0.49
N LYS D 96 -17.61 -38.42 -0.67
CA LYS D 96 -18.08 -39.66 -1.32
C LYS D 96 -16.97 -40.75 -1.51
N GLU D 97 -15.71 -40.33 -1.70
CA GLU D 97 -14.57 -41.26 -1.79
C GLU D 97 -14.24 -41.93 -0.46
N LEU D 98 -14.74 -41.40 0.65
CA LEU D 98 -14.55 -42.00 1.99
C LEU D 98 -15.58 -43.11 2.29
N LYS D 99 -16.73 -43.05 1.63
CA LYS D 99 -17.82 -44.04 1.79
C LYS D 99 -17.33 -45.50 1.60
N ASN D 100 -17.91 -46.42 2.39
CA ASN D 100 -17.51 -47.83 2.44
C ASN D 100 -16.01 -48.05 2.75
N THR D 101 -15.44 -47.15 3.57
CA THR D 101 -14.03 -47.21 4.04
C THR D 101 -14.11 -47.15 5.57
N PRO D 102 -13.15 -47.78 6.30
CA PRO D 102 -13.19 -47.92 7.78
C PRO D 102 -13.48 -46.65 8.61
N ILE D 103 -12.91 -45.50 8.20
CA ILE D 103 -13.15 -44.23 8.91
C ILE D 103 -14.58 -43.70 8.66
N ASP D 104 -15.34 -44.36 7.77
CA ASP D 104 -16.79 -44.08 7.60
C ASP D 104 -17.69 -44.64 8.76
N GLN D 105 -17.10 -45.33 9.74
CA GLN D 105 -17.77 -45.68 11.01
C GLN D 105 -17.34 -44.81 12.22
N VAL D 106 -16.54 -43.76 11.98
CA VAL D 106 -16.29 -42.71 12.99
C VAL D 106 -17.23 -41.55 12.66
N ASN D 107 -17.90 -40.99 13.67
CA ASN D 107 -18.88 -39.91 13.39
C ASN D 107 -18.21 -38.51 13.43
N LEU D 108 -18.97 -37.50 13.05
CA LEU D 108 -18.44 -36.15 12.99
C LEU D 108 -18.19 -35.53 14.38
N LEU D 109 -18.93 -35.92 15.43
CA LEU D 109 -18.57 -35.45 16.79
C LEU D 109 -17.24 -36.03 17.27
N GLN D 110 -17.02 -37.30 16.99
CA GLN D 110 -15.84 -37.98 17.48
C GLN D 110 -14.57 -37.39 16.89
N LEU D 111 -14.61 -37.09 15.60
CA LEU D 111 -13.47 -36.45 14.90
C LEU D 111 -13.17 -35.04 15.43
N ALA D 112 -14.21 -34.23 15.59
CA ALA D 112 -14.10 -32.92 16.23
C ALA D 112 -13.53 -32.98 17.64
N THR D 113 -13.89 -33.98 18.43
CA THR D 113 -13.42 -34.10 19.84
C THR D 113 -12.29 -35.14 20.03
N TYR D 114 -11.73 -35.64 18.92
CA TYR D 114 -10.41 -36.29 18.90
C TYR D 114 -10.41 -37.76 19.41
N THR D 115 -11.54 -38.46 19.33
CA THR D 115 -11.67 -39.77 20.00
C THR D 115 -11.57 -41.02 19.09
N SER D 116 -11.70 -40.81 17.78
CA SER D 116 -11.51 -41.84 16.69
C SER D 116 -10.76 -43.14 17.00
N GLY D 117 -9.70 -43.04 17.79
CA GLY D 117 -8.98 -44.22 18.29
C GLY D 117 -7.65 -44.40 17.59
N ASN D 118 -7.52 -43.85 16.39
CA ASN D 118 -6.25 -43.97 15.69
C ASN D 118 -5.94 -42.71 14.92
N LEU D 119 -5.63 -41.64 15.66
CA LEU D 119 -5.24 -40.33 15.06
C LEU D 119 -4.34 -39.52 16.00
N ALA D 120 -3.08 -39.41 15.60
CA ALA D 120 -2.06 -38.66 16.33
C ALA D 120 -2.17 -37.13 16.12
N LEU D 121 -1.33 -36.40 16.85
CA LEU D 121 -1.23 -34.94 16.79
C LEU D 121 -1.07 -34.47 15.37
N GLN D 122 -0.10 -35.04 14.69
CA GLN D 122 0.17 -34.65 13.31
C GLN D 122 -0.18 -35.80 12.37
N PHE D 123 -0.21 -35.47 11.08
CA PHE D 123 -0.10 -36.44 10.03
C PHE D 123 1.35 -36.93 10.04
N PRO D 124 1.62 -38.15 9.52
CA PRO D 124 3.01 -38.55 9.42
C PRO D 124 3.70 -37.74 8.36
N ASP D 125 5.00 -37.55 8.54
CA ASP D 125 5.82 -36.68 7.68
C ASP D 125 5.40 -36.63 6.20
N GLU D 126 5.26 -37.81 5.56
CA GLU D 126 5.14 -37.94 4.07
C GLU D 126 3.84 -37.43 3.39
N VAL D 127 2.79 -37.18 4.17
CA VAL D 127 1.48 -36.77 3.60
C VAL D 127 1.31 -35.24 3.48
N GLN D 128 1.26 -34.78 2.24
CA GLN D 128 1.40 -33.36 1.90
C GLN D 128 0.28 -32.92 1.01
N THR D 129 0.17 -33.56 -0.15
CA THR D 129 -0.80 -33.22 -1.17
C THR D 129 -2.21 -33.68 -0.77
N ASP D 130 -3.21 -33.14 -1.48
CA ASP D 130 -4.62 -33.49 -1.30
C ASP D 130 -4.86 -35.01 -1.50
N GLN D 131 -4.20 -35.59 -2.52
CA GLN D 131 -4.26 -37.03 -2.82
C GLN D 131 -3.80 -37.92 -1.66
N GLN D 132 -2.66 -37.55 -1.07
CA GLN D 132 -2.12 -38.24 0.11
C GLN D 132 -2.96 -38.00 1.39
N VAL D 133 -3.67 -36.86 1.45
CA VAL D 133 -4.72 -36.65 2.46
C VAL D 133 -5.82 -37.73 2.29
N LEU D 134 -6.40 -37.79 1.08
CA LEU D 134 -7.41 -38.80 0.72
C LEU D 134 -6.89 -40.24 0.91
N THR D 135 -5.66 -40.51 0.49
CA THR D 135 -5.05 -41.86 0.60
C THR D 135 -4.82 -42.25 2.07
N PHE D 136 -4.36 -41.30 2.87
CA PHE D 136 -4.17 -41.54 4.30
C PHE D 136 -5.45 -41.96 5.02
N PHE D 137 -6.58 -41.43 4.55
CA PHE D 137 -7.88 -41.63 5.20
C PHE D 137 -8.66 -42.84 4.61
N LYS D 138 -8.50 -43.13 3.32
CA LYS D 138 -8.91 -44.43 2.74
C LYS D 138 -8.25 -45.59 3.50
N ASP D 139 -6.94 -45.48 3.75
CA ASP D 139 -6.13 -46.53 4.43
C ASP D 139 -6.12 -46.49 5.98
N TRP D 140 -6.93 -45.61 6.56
CA TRP D 140 -7.06 -45.53 8.01
C TRP D 140 -7.73 -46.81 8.37
N LYS D 141 -7.04 -47.59 9.19
CA LYS D 141 -7.71 -48.62 9.99
C LYS D 141 -8.01 -47.97 11.37
N PRO D 142 -8.71 -48.70 12.28
CA PRO D 142 -8.81 -48.29 13.69
C PRO D 142 -7.80 -49.01 14.53
N LYS D 143 -7.64 -48.57 15.77
CA LYS D 143 -6.84 -49.27 16.77
C LYS D 143 -7.64 -49.38 18.08
N ASN D 144 -7.83 -48.27 18.80
CA ASN D 144 -8.61 -48.26 20.04
C ASN D 144 -10.10 -48.13 19.75
N PRO D 145 -10.96 -48.42 20.76
CA PRO D 145 -12.44 -48.29 20.59
C PRO D 145 -12.93 -46.93 20.04
N ILE D 146 -13.47 -46.93 18.82
CA ILE D 146 -13.99 -45.71 18.24
C ILE D 146 -14.85 -45.03 19.31
N GLY D 147 -14.33 -43.94 19.86
CA GLY D 147 -15.10 -43.09 20.78
C GLY D 147 -14.66 -43.10 22.23
N GLU D 148 -13.74 -43.98 22.62
CA GLU D 148 -13.36 -44.17 24.04
C GLU D 148 -12.16 -43.33 24.51
N ARG D 150 -9.53 -40.23 23.78
CA ARG D 150 -9.09 -38.81 23.73
C ARG D 150 -7.59 -38.52 23.44
N GLN D 151 -7.20 -38.41 22.17
CA GLN D 151 -5.85 -37.96 21.79
C GLN D 151 -5.91 -36.73 20.88
N TYR D 152 -5.56 -35.56 21.42
CA TYR D 152 -5.47 -34.31 20.63
C TYR D 152 -4.84 -34.55 19.23
N SER D 153 -5.59 -34.21 18.20
CA SER D 153 -5.20 -34.50 16.81
C SER D 153 -5.62 -33.39 15.84
N ASN D 154 -4.66 -32.91 15.06
CA ASN D 154 -4.88 -32.03 13.92
C ASN D 154 -5.54 -32.77 12.74
N PRO D 155 -5.03 -33.97 12.37
CA PRO D 155 -5.81 -34.69 11.33
C PRO D 155 -7.29 -34.93 11.71
N SER D 156 -7.55 -35.19 13.00
CA SER D 156 -8.90 -35.45 13.44
C SER D 156 -9.84 -34.29 13.17
N ILE D 157 -9.50 -33.13 13.74
CA ILE D 157 -10.35 -31.96 13.56
C ILE D 157 -10.18 -31.47 12.12
N GLY D 158 -9.01 -31.69 11.53
CA GLY D 158 -8.81 -31.50 10.10
C GLY D 158 -9.94 -32.08 9.25
N LEU D 159 -10.23 -33.36 9.48
CA LEU D 159 -11.24 -34.09 8.69
C LEU D 159 -12.64 -33.55 8.95
N PHE D 160 -12.97 -33.37 10.23
CA PHE D 160 -14.23 -32.77 10.64
C PHE D 160 -14.48 -31.48 9.86
N GLY D 161 -13.46 -30.61 9.83
CA GLY D 161 -13.49 -29.37 9.08
C GLY D 161 -13.72 -29.52 7.59
N LYS D 162 -12.93 -30.37 6.91
CA LYS D 162 -13.15 -30.77 5.49
C LYS D 162 -14.64 -31.12 5.17
N VAL D 163 -15.26 -31.86 6.10
CA VAL D 163 -16.62 -32.38 5.97
C VAL D 163 -17.67 -31.28 6.06
N VAL D 164 -17.52 -30.47 7.11
CA VAL D 164 -18.37 -29.30 7.33
C VAL D 164 -18.32 -28.45 6.05
N ALA D 165 -17.16 -28.44 5.38
CA ALA D 165 -16.98 -27.63 4.17
C ALA D 165 -17.75 -28.23 2.95
N LEU D 166 -17.51 -29.51 2.70
CA LEU D 166 -18.31 -30.34 1.75
C LEU D 166 -19.81 -30.16 1.97
N SER D 167 -20.24 -30.35 3.21
CA SER D 167 -21.64 -30.05 3.61
C SER D 167 -22.23 -28.71 3.14
N MET D 168 -21.41 -27.66 3.10
CA MET D 168 -21.85 -26.33 2.67
C MET D 168 -21.53 -26.06 1.20
N ASN D 169 -20.84 -27.01 0.55
CA ASN D 169 -20.47 -26.92 -0.89
C ASN D 169 -19.56 -25.74 -1.17
N LYS D 170 -18.67 -25.46 -0.22
CA LYS D 170 -17.62 -24.44 -0.36
C LYS D 170 -16.34 -25.06 0.23
N PRO D 171 -15.15 -24.62 -0.23
CA PRO D 171 -13.93 -25.11 0.45
C PRO D 171 -13.81 -24.50 1.86
N PHE D 172 -13.04 -25.15 2.73
CA PHE D 172 -13.00 -24.76 4.15
C PHE D 172 -12.63 -23.29 4.29
N ASP D 173 -11.59 -22.83 3.59
CA ASP D 173 -11.21 -21.40 3.63
C ASP D 173 -12.40 -20.43 3.32
N GLN D 174 -13.30 -20.79 2.40
CA GLN D 174 -14.46 -19.92 2.06
C GLN D 174 -15.59 -19.98 3.08
N VAL D 175 -15.74 -21.13 3.73
CA VAL D 175 -16.70 -21.27 4.85
C VAL D 175 -16.38 -20.18 5.87
N LEU D 176 -15.11 -20.08 6.25
CA LEU D 176 -14.75 -19.08 7.23
C LEU D 176 -14.85 -17.67 6.64
N GLU D 177 -14.15 -17.45 5.53
CA GLU D 177 -13.99 -16.08 4.99
C GLU D 177 -15.29 -15.45 4.45
N LYS D 178 -16.19 -16.31 3.99
CA LYS D 178 -17.47 -15.88 3.39
C LYS D 178 -18.68 -16.08 4.28
N THR D 179 -18.70 -17.10 5.14
CA THR D 179 -19.87 -17.35 6.00
C THR D 179 -19.69 -16.98 7.46
N ILE D 180 -18.68 -17.58 8.11
CA ILE D 180 -18.53 -17.49 9.56
C ILE D 180 -17.95 -16.14 10.04
N PHE D 181 -16.84 -15.69 9.42
CA PHE D 181 -16.23 -14.41 9.81
C PHE D 181 -17.22 -13.28 9.61
N PRO D 182 -17.89 -13.24 8.45
CA PRO D 182 -18.89 -12.16 8.25
C PRO D 182 -20.04 -12.27 9.19
N ALA D 183 -20.59 -13.46 9.41
CA ALA D 183 -21.67 -13.63 10.44
C ALA D 183 -21.28 -13.10 11.82
N LEU D 184 -19.99 -13.24 12.13
CA LEU D 184 -19.47 -12.76 13.39
C LEU D 184 -19.05 -11.29 13.37
N GLY D 185 -19.14 -10.64 12.20
CA GLY D 185 -18.61 -9.27 11.98
C GLY D 185 -17.11 -9.16 12.18
N LEU D 186 -16.37 -10.10 11.59
CA LEU D 186 -14.89 -10.10 11.66
C LEU D 186 -14.37 -9.63 10.30
N LYS D 187 -13.78 -8.45 10.28
CA LYS D 187 -13.25 -7.86 9.04
C LYS D 187 -11.77 -8.26 8.74
N HIS D 188 -10.99 -8.65 9.75
CA HIS D 188 -9.55 -8.84 9.58
C HIS D 188 -9.04 -10.17 10.02
N SER D 189 -9.80 -11.22 9.65
CA SER D 189 -9.49 -12.59 9.98
C SER D 189 -9.47 -13.42 8.73
N TYR D 190 -8.46 -14.28 8.60
CA TYR D 190 -8.16 -14.94 7.36
C TYR D 190 -7.71 -16.33 7.61
N VAL D 191 -8.00 -17.18 6.64
CA VAL D 191 -7.23 -18.38 6.39
C VAL D 191 -6.09 -18.07 5.43
N ASN D 192 -6.37 -17.27 4.39
CA ASN D 192 -5.30 -16.83 3.47
C ASN D 192 -5.22 -15.34 3.52
N VAL D 193 -4.10 -14.80 4.01
CA VAL D 193 -3.92 -13.36 4.13
C VAL D 193 -3.71 -12.88 2.69
N PRO D 194 -4.55 -11.97 2.22
CA PRO D 194 -4.41 -11.45 0.87
C PRO D 194 -3.33 -10.36 0.79
N LYS D 195 -2.90 -10.06 -0.43
CA LYS D 195 -1.88 -9.07 -0.75
C LYS D 195 -2.04 -7.69 -0.05
N THR D 196 -3.24 -7.15 -0.05
CA THR D 196 -3.55 -5.86 0.56
C THR D 196 -3.37 -5.84 2.09
N GLN D 197 -3.17 -7.01 2.69
CA GLN D 197 -2.96 -7.10 4.13
C GLN D 197 -1.62 -7.74 4.47
N MET D 198 -0.77 -8.13 3.51
CA MET D 198 0.53 -8.68 3.90
C MET D 198 1.37 -7.68 4.73
N GLN D 199 1.18 -6.37 4.56
CA GLN D 199 2.00 -5.40 5.31
C GLN D 199 1.58 -5.32 6.79
N ASN D 200 0.43 -5.91 7.11
CA ASN D 200 -0.02 -6.00 8.48
C ASN D 200 0.19 -7.35 9.13
N TYR D 201 0.71 -8.29 8.34
CA TYR D 201 0.87 -9.69 8.79
C TYR D 201 2.22 -9.77 9.45
N ALA D 202 2.17 -9.92 10.77
CA ALA D 202 3.36 -10.18 11.56
C ALA D 202 4.16 -11.34 11.10
N PHE D 203 5.48 -11.25 11.28
CA PHE D 203 6.31 -12.46 11.34
C PHE D 203 6.29 -13.04 12.72
N GLY D 204 6.45 -14.37 12.79
CA GLY D 204 6.62 -15.12 14.06
C GLY D 204 8.11 -15.25 14.19
N TYR D 205 8.61 -15.51 15.39
CA TYR D 205 10.05 -15.63 15.65
C TYR D 205 10.25 -16.94 16.30
N ASN D 206 11.27 -17.66 15.86
CA ASN D 206 11.49 -19.00 16.41
C ASN D 206 12.39 -18.89 17.65
N GLN D 207 12.99 -19.97 18.11
CA GLN D 207 13.81 -19.89 19.34
C GLN D 207 15.16 -19.23 19.07
N GLU D 208 15.55 -19.01 17.83
CA GLU D 208 16.69 -18.13 17.59
C GLU D 208 16.35 -16.67 17.36
N ASN D 209 15.12 -16.23 17.62
CA ASN D 209 14.70 -14.88 17.22
C ASN D 209 14.94 -14.55 15.72
N GLN D 210 14.61 -15.52 14.86
CA GLN D 210 14.61 -15.38 13.40
C GLN D 210 13.21 -15.57 12.88
N PRO D 211 12.85 -14.83 11.82
CA PRO D 211 11.48 -14.78 11.37
C PRO D 211 10.98 -16.06 10.69
N ILE D 212 9.70 -16.38 10.91
CA ILE D 212 9.08 -17.57 10.47
C ILE D 212 7.58 -17.38 10.35
N ARG D 213 6.97 -18.05 9.36
CA ARG D 213 5.55 -18.03 9.18
C ARG D 213 5.08 -19.51 9.05
N VAL D 214 3.78 -19.74 9.25
CA VAL D 214 3.24 -21.09 9.25
C VAL D 214 3.44 -21.76 7.87
N ASN D 215 4.00 -22.95 7.89
CA ASN D 215 4.17 -23.77 6.69
C ASN D 215 2.84 -24.33 6.17
N PRO D 216 2.69 -24.38 4.84
CA PRO D 216 1.49 -25.06 4.36
C PRO D 216 1.55 -26.53 4.75
N GLY D 217 0.40 -27.10 5.03
CA GLY D 217 0.33 -28.50 5.44
C GLY D 217 -0.98 -29.14 5.09
N PRO D 218 -1.07 -30.46 5.26
CA PRO D 218 -2.32 -31.21 5.04
C PRO D 218 -3.44 -30.81 6.02
N LEU D 219 -4.52 -30.25 5.50
CA LEU D 219 -5.65 -29.85 6.34
C LEU D 219 -5.28 -28.89 7.49
N ASP D 220 -4.32 -28.03 7.20
CA ASP D 220 -3.87 -26.98 8.10
C ASP D 220 -5.01 -26.06 8.55
N ALA D 221 -5.74 -25.56 7.57
CA ALA D 221 -6.76 -24.55 7.81
C ALA D 221 -7.68 -24.86 9.01
N PRO D 222 -8.42 -26.00 9.02
CA PRO D 222 -9.29 -26.31 10.21
C PRO D 222 -8.60 -26.51 11.57
N ALA D 223 -7.34 -26.93 11.51
CA ALA D 223 -6.58 -27.30 12.67
C ALA D 223 -5.78 -26.12 13.27
N TYR D 224 -5.08 -25.34 12.43
CA TYR D 224 -4.18 -24.28 12.97
C TYR D 224 -3.88 -23.10 12.06
N GLY D 225 -4.82 -22.79 11.15
CA GLY D 225 -4.54 -22.03 9.93
C GLY D 225 -5.18 -20.65 9.83
N VAL D 226 -5.79 -20.19 10.92
CA VAL D 226 -6.47 -18.94 10.94
C VAL D 226 -5.50 -17.86 11.47
N LYS D 227 -5.70 -16.65 10.99
CA LYS D 227 -4.89 -15.50 11.35
C LYS D 227 -5.84 -14.37 11.65
N SER D 228 -5.56 -13.57 12.66
CA SER D 228 -6.53 -12.56 13.09
C SER D 228 -5.86 -11.41 13.85
N THR D 229 -6.60 -10.34 14.09
CA THR D 229 -6.12 -9.14 14.80
C THR D 229 -6.64 -9.24 16.24
N LEU D 230 -6.06 -8.47 17.17
CA LEU D 230 -6.59 -8.31 18.48
C LEU D 230 -8.07 -7.81 18.52
N PRO D 231 -8.41 -6.77 17.75
CA PRO D 231 -9.82 -6.36 17.71
C PRO D 231 -10.81 -7.42 17.24
N ASP D 232 -10.44 -8.20 16.22
CA ASP D 232 -11.35 -9.27 15.78
C ASP D 232 -11.49 -10.31 16.85
N MET D 233 -10.37 -10.68 17.48
CA MET D 233 -10.39 -11.67 18.50
C MET D 233 -11.19 -11.28 19.73
N LEU D 234 -11.19 -10.00 20.08
CA LEU D 234 -12.06 -9.53 21.15
C LEU D 234 -13.54 -9.48 20.70
N SER D 235 -13.81 -9.19 19.45
CA SER D 235 -15.18 -9.33 18.95
C SER D 235 -15.67 -10.77 19.04
N PHE D 236 -14.81 -11.72 18.64
CA PHE D 236 -15.08 -13.12 18.83
C PHE D 236 -15.32 -13.48 20.31
N ILE D 237 -14.51 -12.97 21.22
CA ILE D 237 -14.76 -13.24 22.62
C ILE D 237 -16.10 -12.61 23.05
N HIS D 238 -16.36 -11.37 22.61
CA HIS D 238 -17.66 -10.70 22.85
C HIS D 238 -18.83 -11.61 22.43
N ALA D 239 -18.80 -12.16 21.22
CA ALA D 239 -19.87 -13.04 20.72
C ALA D 239 -20.09 -14.31 21.55
N ASN D 240 -19.00 -14.97 21.94
CA ASN D 240 -19.04 -16.08 22.92
C ASN D 240 -19.67 -15.70 24.29
N LEU D 241 -19.41 -14.49 24.76
CA LEU D 241 -19.99 -13.97 26.01
C LEU D 241 -21.47 -13.54 25.87
N ASN D 242 -21.84 -13.02 24.68
CA ASN D 242 -23.16 -12.43 24.41
C ASN D 242 -23.77 -12.98 23.13
N PRO D 243 -23.91 -14.31 23.01
CA PRO D 243 -24.46 -14.83 21.74
C PRO D 243 -25.87 -14.30 21.40
N GLN D 244 -26.69 -14.11 22.43
CA GLN D 244 -28.07 -13.58 22.29
C GLN D 244 -28.12 -12.25 21.57
N LYS D 245 -27.02 -11.49 21.56
CA LYS D 245 -26.94 -10.27 20.74
C LYS D 245 -26.68 -10.46 19.24
N TYR D 246 -26.58 -11.71 18.75
CA TYR D 246 -26.20 -11.98 17.35
C TYR D 246 -27.34 -12.71 16.65
N PRO D 247 -27.43 -12.60 15.31
CA PRO D 247 -28.57 -13.26 14.66
C PRO D 247 -28.59 -14.78 14.89
N THR D 248 -29.77 -15.37 14.69
CA THR D 248 -30.11 -16.70 15.22
C THR D 248 -29.12 -17.78 14.80
N ASP D 249 -28.83 -17.82 13.50
CA ASP D 249 -28.01 -18.85 12.88
C ASP D 249 -26.61 -18.94 13.50
N ILE D 250 -26.00 -17.79 13.76
CA ILE D 250 -24.70 -17.75 14.38
C ILE D 250 -24.76 -17.79 15.90
N GLN D 251 -25.85 -17.30 16.51
CA GLN D 251 -26.05 -17.39 17.99
C GLN D 251 -26.03 -18.83 18.47
N ARG D 252 -26.75 -19.69 17.74
CA ARG D 252 -26.88 -21.12 18.06
C ARG D 252 -25.60 -21.87 17.69
N ALA D 253 -24.93 -21.42 16.62
CA ALA D 253 -23.58 -21.90 16.25
C ALA D 253 -22.60 -21.77 17.40
N ILE D 254 -22.64 -20.60 18.04
CA ILE D 254 -21.80 -20.27 19.18
C ILE D 254 -22.20 -21.13 20.38
N ASN D 255 -23.50 -21.16 20.73
CA ASN D 255 -23.98 -22.00 21.87
C ASN D 255 -23.63 -23.49 21.67
N GLU D 256 -23.67 -23.95 20.42
CA GLU D 256 -23.20 -25.29 20.11
C GLU D 256 -21.75 -25.54 20.62
N THR D 257 -20.84 -24.57 20.45
CA THR D 257 -19.46 -24.76 20.90
C THR D 257 -19.30 -24.77 22.42
N HIS D 258 -20.30 -24.33 23.18
CA HIS D 258 -20.23 -24.36 24.67
C HIS D 258 -20.80 -25.65 25.36
N GLN D 259 -21.37 -26.56 24.58
CA GLN D 259 -21.87 -27.85 25.10
C GLN D 259 -20.73 -28.88 25.33
N GLY D 260 -20.35 -29.05 26.62
CA GLY D 260 -19.43 -30.12 27.05
C GLY D 260 -19.86 -31.48 26.51
N ARG D 261 -18.93 -32.21 25.91
CA ARG D 261 -19.24 -33.51 25.30
C ARG D 261 -18.78 -34.73 26.13
N TYR D 262 -17.78 -34.54 26.98
CA TYR D 262 -17.24 -35.56 27.87
C TYR D 262 -16.22 -34.98 28.86
N GLN D 263 -15.69 -35.83 29.74
CA GLN D 263 -14.72 -35.41 30.75
C GLN D 263 -13.40 -36.20 30.66
N VAL D 264 -12.33 -35.46 31.00
CA VAL D 264 -10.99 -35.98 31.26
C VAL D 264 -10.48 -35.15 32.45
N ASN D 265 -10.11 -35.85 33.53
CA ASN D 265 -9.72 -35.26 34.80
C ASN D 265 -10.72 -34.15 35.13
N THR D 266 -10.22 -32.93 35.27
CA THR D 266 -10.99 -31.80 35.72
C THR D 266 -11.38 -30.85 34.56
N MET D 267 -11.29 -31.36 33.32
CA MET D 267 -11.58 -30.61 32.08
C MET D 267 -12.71 -31.29 31.31
N TYR D 268 -13.61 -30.44 30.80
CA TYR D 268 -14.72 -30.82 29.95
C TYR D 268 -14.42 -30.47 28.49
N GLN D 269 -14.28 -31.46 27.63
CA GLN D 269 -14.06 -31.21 26.21
C GLN D 269 -15.35 -30.69 25.52
N ALA D 270 -15.40 -29.39 25.25
CA ALA D 270 -16.42 -28.83 24.41
C ALA D 270 -16.02 -28.95 22.93
N LEU D 271 -16.80 -28.34 22.04
CA LEU D 271 -16.49 -28.30 20.60
C LEU D 271 -15.40 -27.20 20.38
N GLY D 272 -14.16 -27.60 20.10
CA GLY D 272 -13.04 -26.63 20.11
C GLY D 272 -12.63 -26.10 21.50
N TRP D 273 -13.48 -25.34 22.16
CA TRP D 273 -13.15 -24.87 23.52
C TRP D 273 -12.87 -25.99 24.52
N GLU D 274 -12.13 -25.65 25.56
CA GLU D 274 -11.99 -26.48 26.76
C GLU D 274 -12.78 -25.77 27.82
N GLU D 275 -13.53 -26.54 28.61
CA GLU D 275 -14.53 -26.04 29.58
C GLU D 275 -14.17 -26.55 30.98
N PHE D 276 -14.27 -25.63 31.94
CA PHE D 276 -14.06 -25.90 33.38
C PHE D 276 -15.20 -25.33 34.22
N SER D 277 -15.50 -25.97 35.35
CA SER D 277 -16.35 -25.38 36.39
C SER D 277 -15.71 -24.13 36.96
N TYR D 278 -16.48 -23.06 37.14
CA TYR D 278 -15.98 -21.76 37.63
C TYR D 278 -16.48 -21.51 39.03
N PRO D 279 -15.66 -20.96 39.95
CA PRO D 279 -14.24 -20.67 39.74
C PRO D 279 -13.43 -21.92 39.48
N ALA D 280 -12.40 -21.82 38.64
CA ALA D 280 -11.48 -22.92 38.44
C ALA D 280 -10.19 -22.44 39.05
N THR D 281 -9.45 -23.36 39.68
CA THR D 281 -8.16 -23.00 40.26
C THR D 281 -7.17 -22.77 39.11
N LEU D 282 -6.31 -21.76 39.28
CA LEU D 282 -5.11 -21.65 38.48
C LEU D 282 -4.53 -23.03 38.14
N GLN D 283 -4.30 -23.85 39.15
CA GLN D 283 -3.78 -25.20 38.95
C GLN D 283 -4.65 -26.10 38.04
N THR D 284 -5.98 -25.97 38.11
CA THR D 284 -6.89 -26.77 37.25
C THR D 284 -6.72 -26.41 35.76
N LEU D 285 -6.52 -25.10 35.53
CA LEU D 285 -6.25 -24.52 34.23
C LEU D 285 -4.89 -24.97 33.65
N LEU D 286 -3.84 -25.00 34.46
CA LEU D 286 -2.52 -25.47 34.03
C LEU D 286 -2.59 -26.92 33.63
N ASP D 287 -3.22 -27.73 34.47
CA ASP D 287 -3.33 -29.17 34.20
C ASP D 287 -4.10 -29.50 32.92
N SER D 288 -5.02 -28.62 32.51
CA SER D 288 -5.67 -28.73 31.18
C SER D 288 -4.68 -28.89 30.05
N ASN D 289 -3.54 -28.19 30.14
CA ASN D 289 -2.51 -28.20 29.06
C ASN D 289 -1.21 -29.01 29.31
N SER D 290 -1.21 -29.87 30.34
CA SER D 290 -0.07 -30.73 30.69
C SER D 290 0.21 -31.77 29.62
N GLU D 291 1.42 -32.30 29.63
CA GLU D 291 1.91 -33.21 28.57
C GLU D 291 0.98 -34.42 28.36
N GLN D 292 0.40 -34.89 29.47
CA GLN D 292 -0.46 -36.07 29.51
C GLN D 292 -1.77 -35.84 28.75
N ILE D 293 -2.35 -34.65 28.92
CA ILE D 293 -3.58 -34.27 28.17
C ILE D 293 -3.30 -34.09 26.66
N VAL D 294 -2.26 -33.31 26.39
CA VAL D 294 -1.95 -32.81 25.06
C VAL D 294 -1.34 -33.94 24.19
N MET D 295 -0.33 -34.66 24.70
CA MET D 295 0.46 -35.60 23.87
C MET D 295 -0.04 -37.04 23.90
N LYS D 296 -0.49 -37.51 25.06
CA LYS D 296 -0.85 -38.94 25.23
C LYS D 296 -2.37 -39.18 25.20
N PRO D 297 -2.78 -40.38 24.71
CA PRO D 297 -4.22 -40.73 24.71
C PRO D 297 -4.80 -40.94 26.12
N ASN D 298 -6.10 -40.67 26.28
CA ASN D 298 -6.78 -40.73 27.58
C ASN D 298 -8.23 -41.20 27.45
N LYS D 299 -8.62 -42.04 28.41
CA LYS D 299 -9.96 -42.61 28.47
C LYS D 299 -10.97 -41.48 28.78
N VAL D 300 -12.08 -41.46 28.02
CA VAL D 300 -13.10 -40.43 28.19
C VAL D 300 -14.19 -40.91 29.16
N THR D 301 -14.44 -40.13 30.21
CA THR D 301 -15.62 -40.29 31.09
C THR D 301 -16.85 -39.72 30.38
N ALA D 302 -18.05 -40.24 30.62
CA ALA D 302 -19.28 -39.47 30.36
C ALA D 302 -19.43 -38.38 31.45
N ILE D 303 -20.24 -37.35 31.21
CA ILE D 303 -20.44 -36.25 32.17
C ILE D 303 -21.57 -36.62 33.13
N SER D 304 -21.27 -36.69 34.44
CA SER D 304 -22.31 -36.93 35.46
C SER D 304 -23.09 -35.62 35.65
N LYS D 305 -22.73 -34.79 36.63
CA LYS D 305 -23.24 -33.42 36.68
C LYS D 305 -22.37 -32.58 35.73
N GLU D 306 -22.99 -31.96 34.72
CA GLU D 306 -22.36 -30.85 33.98
C GLU D 306 -22.47 -29.57 34.84
N PRO D 307 -21.38 -28.80 34.98
CA PRO D 307 -21.38 -27.73 35.98
C PRO D 307 -22.39 -26.63 35.72
N SER D 308 -22.82 -25.98 36.80
CA SER D 308 -23.78 -24.88 36.73
C SER D 308 -23.08 -23.70 36.04
N VAL D 309 -22.13 -23.09 36.76
CA VAL D 309 -21.32 -21.97 36.25
C VAL D 309 -20.02 -22.51 35.62
N LYS D 310 -19.65 -21.92 34.49
CA LYS D 310 -18.55 -22.44 33.67
C LYS D 310 -17.63 -21.34 33.16
N MET D 311 -16.45 -21.75 32.71
CA MET D 311 -15.55 -20.90 31.94
C MET D 311 -14.85 -21.75 30.91
N TYR D 312 -14.24 -21.06 29.96
CA TYR D 312 -13.63 -21.68 28.79
C TYR D 312 -12.31 -21.02 28.46
N HIS D 313 -11.36 -21.81 27.95
CA HIS D 313 -10.17 -21.25 27.35
C HIS D 313 -9.64 -22.08 26.16
N LYS D 314 -8.63 -21.55 25.47
CA LYS D 314 -7.94 -22.32 24.45
C LYS D 314 -6.56 -21.71 24.22
N THR D 315 -5.56 -22.58 24.09
CA THR D 315 -4.21 -22.20 23.78
C THR D 315 -3.94 -22.53 22.31
N GLY D 316 -2.99 -21.79 21.73
CA GLY D 316 -2.55 -22.07 20.37
C GLY D 316 -1.11 -21.67 20.20
N SER D 317 -0.40 -22.46 19.44
CA SER D 317 0.92 -22.14 19.00
C SER D 317 1.15 -22.55 17.57
N THR D 318 1.94 -21.76 16.87
CA THR D 318 2.61 -22.22 15.65
C THR D 318 4.07 -22.10 16.00
N SER D 319 4.97 -22.33 15.08
CA SER D 319 6.37 -22.38 15.48
C SER D 319 6.80 -20.98 15.88
N GLY D 320 6.17 -19.96 15.31
CA GLY D 320 6.51 -18.58 15.62
C GLY D 320 5.57 -17.78 16.49
N PHE D 321 4.41 -18.34 16.89
CA PHE D 321 3.39 -17.52 17.57
C PHE D 321 2.78 -18.23 18.81
N GLY D 322 2.32 -17.43 19.76
CA GLY D 322 1.61 -17.91 20.95
C GLY D 322 0.29 -17.20 21.05
N THR D 323 -0.75 -17.94 21.39
CA THR D 323 -2.11 -17.43 21.52
C THR D 323 -2.74 -17.99 22.83
N TYR D 324 -3.51 -17.17 23.52
CA TYR D 324 -4.34 -17.62 24.64
C TYR D 324 -5.60 -16.81 24.64
N VAL D 325 -6.74 -17.50 24.70
CA VAL D 325 -8.04 -16.83 24.83
C VAL D 325 -8.85 -17.49 25.98
N VAL D 326 -9.58 -16.66 26.71
CA VAL D 326 -10.23 -17.03 27.96
C VAL D 326 -11.45 -16.13 28.22
N PHE D 327 -12.60 -16.74 28.54
CA PHE D 327 -13.80 -16.00 28.97
C PHE D 327 -14.63 -16.72 30.09
N ILE D 328 -15.35 -15.91 30.87
CA ILE D 328 -16.23 -16.39 31.95
C ILE D 328 -17.62 -15.75 31.74
N PRO D 329 -18.62 -16.52 31.27
CA PRO D 329 -19.96 -15.91 31.02
C PRO D 329 -20.59 -15.15 32.22
N LYS D 330 -20.67 -15.83 33.39
CA LYS D 330 -21.17 -15.23 34.64
C LYS D 330 -20.58 -13.81 34.88
N GLU D 331 -19.28 -13.66 34.69
CA GLU D 331 -18.56 -12.38 34.94
C GLU D 331 -18.60 -11.35 33.77
N ASN D 332 -19.14 -11.74 32.61
CA ASN D 332 -19.07 -10.93 31.37
C ASN D 332 -17.64 -10.40 31.04
N ILE D 333 -16.65 -11.28 31.20
CA ILE D 333 -15.26 -10.89 31.08
C ILE D 333 -14.46 -11.90 30.26
N GLY D 334 -13.44 -11.39 29.57
CA GLY D 334 -12.63 -12.20 28.69
C GLY D 334 -11.31 -11.57 28.35
N LEU D 335 -10.38 -12.41 27.88
CA LEU D 335 -9.04 -11.96 27.55
C LEU D 335 -8.44 -12.69 26.35
N VAL D 336 -7.74 -11.88 25.52
CA VAL D 336 -6.90 -12.41 24.44
C VAL D 336 -5.40 -12.01 24.59
N MET D 337 -4.52 -12.99 24.49
CA MET D 337 -3.08 -12.74 24.36
C MET D 337 -2.61 -13.29 23.02
N LEU D 338 -1.86 -12.48 22.29
CA LEU D 338 -1.25 -12.84 20.99
C LEU D 338 0.22 -12.39 21.01
N THR D 339 1.13 -13.32 20.77
CA THR D 339 2.56 -13.00 20.74
C THR D 339 3.18 -13.53 19.42
N ASN D 340 4.24 -12.90 18.94
CA ASN D 340 4.86 -13.41 17.75
C ASN D 340 6.14 -14.13 18.12
N LYS D 341 6.14 -14.73 19.31
CA LYS D 341 7.08 -15.80 19.68
C LYS D 341 6.37 -16.75 20.63
N ARG D 342 6.59 -18.05 20.45
CA ARG D 342 6.02 -19.06 21.36
C ARG D 342 6.61 -18.83 22.77
N ILE D 343 5.74 -18.77 23.78
CA ILE D 343 6.11 -18.80 25.21
C ILE D 343 5.33 -19.91 25.92
N PRO D 344 5.83 -20.38 27.08
CA PRO D 344 5.20 -21.60 27.61
C PRO D 344 3.78 -21.30 28.01
N ASN D 345 2.88 -22.24 27.76
CA ASN D 345 1.45 -22.10 28.15
C ASN D 345 1.26 -21.67 29.64
N GLU D 346 2.07 -22.28 30.51
CA GLU D 346 2.02 -22.01 31.98
C GLU D 346 2.05 -20.53 32.20
N GLU D 347 2.91 -19.81 31.45
CA GLU D 347 3.00 -18.35 31.59
C GLU D 347 1.83 -17.56 31.09
N ARG D 348 1.14 -18.08 30.06
CA ARG D 348 0.04 -17.33 29.43
C ARG D 348 -1.18 -17.48 30.35
N ILE D 349 -1.45 -18.73 30.72
CA ILE D 349 -2.53 -19.03 31.65
C ILE D 349 -2.31 -18.23 32.95
N LYS D 350 -1.10 -18.32 33.53
CA LYS D 350 -0.82 -17.65 34.83
C LYS D 350 -1.04 -16.15 34.74
N ALA D 351 -0.42 -15.49 33.75
CA ALA D 351 -0.58 -14.04 33.63
C ALA D 351 -2.04 -13.65 33.43
N ALA D 352 -2.76 -14.45 32.64
CA ALA D 352 -4.20 -14.24 32.41
C ALA D 352 -5.02 -14.44 33.70
N TYR D 353 -4.85 -15.62 34.31
CA TYR D 353 -5.56 -15.92 35.55
C TYR D 353 -5.40 -14.73 36.53
N VAL D 354 -4.17 -14.24 36.69
CA VAL D 354 -3.87 -13.13 37.60
C VAL D 354 -4.65 -11.85 37.25
N VAL D 355 -4.69 -11.49 35.97
CA VAL D 355 -5.29 -10.21 35.55
C VAL D 355 -6.81 -10.17 35.71
N LEU D 356 -7.48 -11.26 35.34
CA LEU D 356 -8.95 -11.31 35.31
C LEU D 356 -9.42 -11.31 36.77
N ASN D 357 -8.79 -12.19 37.57
CA ASN D 357 -8.91 -12.28 39.06
C ASN D 357 -8.30 -11.09 39.83
N ALA D 358 -7.99 -9.98 39.15
CA ALA D 358 -7.61 -8.74 39.80
C ALA D 358 -8.27 -7.47 39.21
N ILE D 359 -9.09 -7.57 38.17
CA ILE D 359 -9.60 -6.37 37.47
C ILE D 359 -10.72 -5.68 38.26
N A1M E . 1.78 31.22 -28.50
O10 A1M E . -1.20 30.83 -21.64
S1 A1M E . 0.18 30.61 -21.96
O8 A1M E . 1.00 31.68 -21.43
N11 A1M E . 0.47 29.17 -21.25
C12 A1M E . 1.86 29.04 -20.75
B13 A1M E . 2.07 27.56 -20.17
O15 A1M E . 1.61 26.56 -21.25
O14 A1M E . 1.39 27.46 -18.91
C2 A1M E . 0.40 30.56 -23.56
C7 A1M E . -0.67 30.21 -24.42
C6 A1M E . -0.48 30.18 -25.80
C5 A1M E . 0.77 30.49 -26.38
C4 A1M E . 1.83 30.82 -25.54
C3 A1M E . 1.65 30.88 -24.15
C32 A1M E . 0.91 30.41 -27.87
N35 A1M E . 1.80 31.00 -29.89
N34 A1M E . 0.88 29.97 -30.06
N33 A1M E . 0.32 29.61 -28.79
P1 A1M E . 0.06 26.62 -18.65
O2 A1M E . 0.21 25.12 -18.52
O4 A1M E . -0.92 26.90 -19.75
O5 A1M E . -0.53 27.01 -17.31
N A1M F . 25.99 -4.84 -16.93
O10 A1M F . 22.38 -4.53 -10.48
S1 A1M F . 23.76 -4.88 -10.67
O8 A1M F . 24.62 -3.82 -10.14
N11 A1M F . 23.95 -6.31 -9.87
C12 A1M F . 25.10 -6.34 -8.95
B13 A1M F . 25.39 -7.80 -8.35
O15 A1M F . 25.19 -8.83 -9.50
O14 A1M F . 24.60 -7.96 -7.12
C2 A1M F . 24.13 -5.10 -12.23
C7 A1M F . 25.38 -4.68 -12.72
C6 A1M F . 25.71 -4.89 -14.06
C5 A1M F . 24.80 -5.51 -14.92
C4 A1M F . 23.56 -5.91 -14.45
C3 A1M F . 23.23 -5.73 -13.10
C32 A1M F . 25.12 -5.71 -16.36
N35 A1M F . 26.16 -5.15 -18.28
N34 A1M F . 25.34 -6.29 -18.48
N33 A1M F . 24.71 -6.61 -17.26
P1 A1M F . 23.16 -8.53 -7.27
O2 A1M F . 22.39 -7.95 -6.11
O4 A1M F . 22.68 -8.15 -8.68
O5 A1M F . 22.90 -9.99 -7.11
N A1M G . -17.68 9.14 -0.33
O10 A1M G . -19.52 5.92 6.05
S1 A1M G . -20.55 6.36 5.14
O8 A1M G . -21.28 5.24 4.63
N11 A1M G . -21.50 7.29 6.01
C12 A1M G . -22.89 7.33 5.57
B13 A1M G . -23.62 8.55 6.33
O15 A1M G . -22.72 9.82 6.19
O14 A1M G . -24.05 8.18 7.70
C2 A1M G . -19.80 7.16 3.94
C7 A1M G . -18.75 8.05 4.27
C6 A1M G . -18.09 8.77 3.28
C5 A1M G . -18.44 8.66 1.94
C4 A1M G . -19.46 7.76 1.60
C3 A1M G . -20.14 7.03 2.58
C32 A1M G . -17.65 9.48 0.97
N35 A1M G . -16.87 10.00 -1.10
N34 A1M G . -16.34 10.88 -0.13
N33 A1M G . -16.84 10.55 1.14
P1 A1M G . -23.11 8.55 8.93
O2 A1M G . -23.32 7.45 9.93
O4 A1M G . -21.68 8.49 8.45
O5 A1M G . -23.27 9.93 9.54
N A1M H . 3.82 -24.41 12.97
O10 A1M H . 1.98 -28.92 18.08
S1 A1M H . 0.85 -28.44 17.32
O8 A1M H . 0.12 -29.64 16.93
N11 A1M H . -0.01 -27.44 18.29
C12 A1M H . -1.43 -27.35 17.87
B13 A1M H . -2.26 -26.17 18.60
O15 A1M H . -1.53 -24.81 18.41
O14 A1M H . -2.56 -26.62 19.95
C2 A1M H . 1.45 -27.66 16.05
C7 A1M H . 2.68 -26.96 16.17
C6 A1M H . 3.23 -26.28 15.09
C5 A1M H . 2.56 -26.25 13.85
C4 A1M H . 1.35 -26.94 13.73
C3 A1M H . 0.79 -27.63 14.81
C32 A1M H . 3.13 -25.51 12.68
N35 A1M H . 4.29 -23.79 11.83
N34 A1M H . 3.85 -24.61 10.76
N33 A1M H . 3.11 -25.70 11.33
P1 A1M H . -1.73 -26.29 21.29
O2 A1M H . -1.85 -24.90 21.85
O4 A1M H . -0.28 -26.70 21.11
O5 A1M H . -2.44 -27.18 22.27
#